data_3VU6
# 
_entry.id   3VU6 
# 
_audit_conform.dict_name       mmcif_pdbx.dic 
_audit_conform.dict_version    5.398 
_audit_conform.dict_location   http://mmcif.pdb.org/dictionaries/ascii/mmcif_pdbx.dic 
# 
loop_
_database_2.database_id 
_database_2.database_code 
_database_2.pdbx_database_accession 
_database_2.pdbx_DOI 
PDB   3VU6         pdb_00003vu6 10.2210/pdb3vu6/pdb 
RCSB  RCSB095504   ?            ?                   
WWPDB D_1000095504 ?            ?                   
# 
loop_
_pdbx_audit_revision_history.ordinal 
_pdbx_audit_revision_history.data_content_type 
_pdbx_audit_revision_history.major_revision 
_pdbx_audit_revision_history.minor_revision 
_pdbx_audit_revision_history.revision_date 
1 'Structure model' 1 0 2012-12-19 
2 'Structure model' 1 1 2013-07-24 
3 'Structure model' 1 2 2023-11-08 
4 'Structure model' 1 3 2024-11-13 
# 
_pdbx_audit_revision_details.ordinal             1 
_pdbx_audit_revision_details.revision_ordinal    1 
_pdbx_audit_revision_details.data_content_type   'Structure model' 
_pdbx_audit_revision_details.provider            repository 
_pdbx_audit_revision_details.type                'Initial release' 
_pdbx_audit_revision_details.description         ? 
_pdbx_audit_revision_details.details             ? 
# 
loop_
_pdbx_audit_revision_group.ordinal 
_pdbx_audit_revision_group.revision_ordinal 
_pdbx_audit_revision_group.data_content_type 
_pdbx_audit_revision_group.group 
1 2 'Structure model' 'Database references'    
2 3 'Structure model' 'Data collection'        
3 3 'Structure model' 'Database references'    
4 3 'Structure model' 'Derived calculations'   
5 3 'Structure model' 'Refinement description' 
6 4 'Structure model' 'Structure summary'      
# 
loop_
_pdbx_audit_revision_category.ordinal 
_pdbx_audit_revision_category.revision_ordinal 
_pdbx_audit_revision_category.data_content_type 
_pdbx_audit_revision_category.category 
1  3 'Structure model' chem_comp_atom                
2  3 'Structure model' chem_comp_bond                
3  3 'Structure model' database_2                    
4  3 'Structure model' pdbx_initial_refinement_model 
5  3 'Structure model' pdbx_struct_special_symmetry  
6  3 'Structure model' struct_conn                   
7  3 'Structure model' struct_ref_seq_dif            
8  3 'Structure model' struct_site                   
9  4 'Structure model' pdbx_entry_details            
10 4 'Structure model' pdbx_modification_feature     
# 
loop_
_pdbx_audit_revision_item.ordinal 
_pdbx_audit_revision_item.revision_ordinal 
_pdbx_audit_revision_item.data_content_type 
_pdbx_audit_revision_item.item 
1 3 'Structure model' '_database_2.pdbx_DOI'                
2 3 'Structure model' '_database_2.pdbx_database_accession' 
3 3 'Structure model' '_struct_conn.pdbx_leaving_atom_flag' 
4 3 'Structure model' '_struct_ref_seq_dif.details'         
5 3 'Structure model' '_struct_site.pdbx_auth_asym_id'      
6 3 'Structure model' '_struct_site.pdbx_auth_comp_id'      
7 3 'Structure model' '_struct_site.pdbx_auth_seq_id'       
# 
_pdbx_database_status.status_code                     REL 
_pdbx_database_status.entry_id                        3VU6 
_pdbx_database_status.recvd_initial_deposition_date   2012-06-19 
_pdbx_database_status.deposit_site                    PDBJ 
_pdbx_database_status.process_site                    PDBJ 
_pdbx_database_status.methods_development_category    ? 
_pdbx_database_status.status_code_sf                  REL 
_pdbx_database_status.status_code_mr                  ? 
_pdbx_database_status.SG_entry                        ? 
_pdbx_database_status.status_code_cs                  ? 
_pdbx_database_status.pdb_format_compatible           Y 
_pdbx_database_status.status_code_nmr_data            ? 
# 
loop_
_pdbx_database_related.db_name 
_pdbx_database_related.db_id 
_pdbx_database_related.details 
_pdbx_database_related.content_type 
PDB 3vgx . unspecified 
PDB 1env . unspecified 
PDB 3VU5 . unspecified 
# 
loop_
_audit_author.name 
_audit_author.pdbx_ordinal 
'Yao, X.'           1 
'Chong, H.H.'       2 
'Waltersperger, S.' 3 
'Wang, M.T.'        4 
'He, Y.X.'          5 
'Cui, S.'           6 
# 
_citation.id                        primary 
_citation.title                     
'Short-peptide fusion inhibitors with high potency against wild-type and enfuvirtide-resistant HIV-1' 
_citation.journal_abbrev            'Faseb J.' 
_citation.journal_volume            27 
_citation.page_first                1203 
_citation.page_last                 1213 
_citation.year                      2013 
_citation.journal_id_ASTM           FAJOEC 
_citation.country                   US 
_citation.journal_id_ISSN           0892-6638 
_citation.journal_id_CSD            2074 
_citation.book_publisher            ? 
_citation.pdbx_database_id_PubMed   23233535 
_citation.pdbx_database_id_DOI      10.1096/fj.12-222547 
# 
loop_
_citation_author.citation_id 
_citation_author.name 
_citation_author.ordinal 
_citation_author.identifier_ORCID 
primary 'Chong, H.H.'       1  ? 
primary 'Yao, X.'           2  ? 
primary 'Qiu, Z.'           3  ? 
primary 'Sun, J.'           4  ? 
primary 'Zhang, M.'         5  ? 
primary 'Waltersperger, S.' 6  ? 
primary 'Wang, M.T.'        7  ? 
primary 'Liu, S.-L.'        8  ? 
primary 'Cui, S.'           9  ? 
primary 'He, Y.X.'          10 ? 
# 
loop_
_entity.id 
_entity.type 
_entity.src_method 
_entity.pdbx_description 
_entity.formula_weight 
_entity.pdbx_number_of_molecules 
_entity.pdbx_ec 
_entity.pdbx_mutation 
_entity.pdbx_fragment 
_entity.details 
1 polymer     nat 'Transmembrane protein gp41' 4489.252 1  ? ? 'UNP residues 553-590' ? 
2 polymer     syn MTSC22                       3117.608 1  ? ? ?                      ? 
3 non-polymer syn 'SULFATE ION'                96.063   1  ? ? ?                      ? 
4 water       nat water                        18.015   47 ? ? ?                      ? 
# 
loop_
_entity_poly.entity_id 
_entity_poly.type 
_entity_poly.nstd_linkage 
_entity_poly.nstd_monomer 
_entity_poly.pdbx_seq_one_letter_code 
_entity_poly.pdbx_seq_one_letter_code_can 
_entity_poly.pdbx_strand_id 
_entity_poly.pdbx_target_identifier 
1 'polypeptide(L)' no yes 'NNLLRAIEAQQHLLQLTVWGIKQLQARILAVERYLKDQ(NH2)' NNLLRAIEAQQHLLQLTVWGIKQLQARILAVERYLKDQX A ? 
2 'polypeptide(L)' no yes '(ACE)MTWEEWDKKIEEYTKKIEELIKKS'               XMTWEEWDKKIEEYTKKIEELIKKS               B ? 
# 
loop_
_pdbx_entity_nonpoly.entity_id 
_pdbx_entity_nonpoly.name 
_pdbx_entity_nonpoly.comp_id 
3 'SULFATE ION' SO4 
4 water         HOH 
# 
loop_
_entity_poly_seq.entity_id 
_entity_poly_seq.num 
_entity_poly_seq.mon_id 
_entity_poly_seq.hetero 
1 1  ASN n 
1 2  ASN n 
1 3  LEU n 
1 4  LEU n 
1 5  ARG n 
1 6  ALA n 
1 7  ILE n 
1 8  GLU n 
1 9  ALA n 
1 10 GLN n 
1 11 GLN n 
1 12 HIS n 
1 13 LEU n 
1 14 LEU n 
1 15 GLN n 
1 16 LEU n 
1 17 THR n 
1 18 VAL n 
1 19 TRP n 
1 20 GLY n 
1 21 ILE n 
1 22 LYS n 
1 23 GLN n 
1 24 LEU n 
1 25 GLN n 
1 26 ALA n 
1 27 ARG n 
1 28 ILE n 
1 29 LEU n 
1 30 ALA n 
1 31 VAL n 
1 32 GLU n 
1 33 ARG n 
1 34 TYR n 
1 35 LEU n 
1 36 LYS n 
1 37 ASP n 
1 38 GLN n 
1 39 NH2 n 
2 1  ACE n 
2 2  MET n 
2 3  THR n 
2 4  TRP n 
2 5  GLU n 
2 6  GLU n 
2 7  TRP n 
2 8  ASP n 
2 9  LYS n 
2 10 LYS n 
2 11 ILE n 
2 12 GLU n 
2 13 GLU n 
2 14 TYR n 
2 15 THR n 
2 16 LYS n 
2 17 LYS n 
2 18 ILE n 
2 19 GLU n 
2 20 GLU n 
2 21 LEU n 
2 22 ILE n 
2 23 LYS n 
2 24 LYS n 
2 25 SER n 
# 
_entity_src_nat.entity_id                  1 
_entity_src_nat.pdbx_src_id                1 
_entity_src_nat.pdbx_alt_source_flag       sample 
_entity_src_nat.pdbx_beg_seq_num           ? 
_entity_src_nat.pdbx_end_seq_num           ? 
_entity_src_nat.common_name                HIV-1 
_entity_src_nat.pdbx_organism_scientific   'Human immunodeficiency virus 1' 
_entity_src_nat.pdbx_ncbi_taxonomy_id      11676 
_entity_src_nat.genus                      ? 
_entity_src_nat.species                    ? 
_entity_src_nat.strain                     ? 
_entity_src_nat.tissue                     ? 
_entity_src_nat.tissue_fraction            ? 
_entity_src_nat.pdbx_secretion             ? 
_entity_src_nat.pdbx_fragment              ? 
_entity_src_nat.pdbx_variant               ? 
_entity_src_nat.pdbx_cell_line             ? 
_entity_src_nat.pdbx_atcc                  ? 
_entity_src_nat.pdbx_cellular_location     ? 
_entity_src_nat.pdbx_organ                 ? 
_entity_src_nat.pdbx_organelle             ? 
_entity_src_nat.pdbx_cell                  ? 
_entity_src_nat.pdbx_plasmid_name          ? 
_entity_src_nat.pdbx_plasmid_details       ? 
_entity_src_nat.details                    ? 
# 
_pdbx_entity_src_syn.entity_id              2 
_pdbx_entity_src_syn.pdbx_src_id            1 
_pdbx_entity_src_syn.pdbx_alt_source_flag   sample 
_pdbx_entity_src_syn.pdbx_beg_seq_num       ? 
_pdbx_entity_src_syn.pdbx_end_seq_num       ? 
_pdbx_entity_src_syn.organism_scientific    ? 
_pdbx_entity_src_syn.organism_common_name   ? 
_pdbx_entity_src_syn.ncbi_taxonomy_id       ? 
_pdbx_entity_src_syn.details                
'Sequence of MTSC22 does not occur naturally in HIV-1, but designed based on sequence of HIV-1 gp41 CHR' 
# 
loop_
_chem_comp.id 
_chem_comp.type 
_chem_comp.mon_nstd_flag 
_chem_comp.name 
_chem_comp.pdbx_synonyms 
_chem_comp.formula 
_chem_comp.formula_weight 
ACE non-polymer         . 'ACETYL GROUP'  ? 'C2 H4 O'        44.053  
ALA 'L-peptide linking' y ALANINE         ? 'C3 H7 N O2'     89.093  
ARG 'L-peptide linking' y ARGININE        ? 'C6 H15 N4 O2 1' 175.209 
ASN 'L-peptide linking' y ASPARAGINE      ? 'C4 H8 N2 O3'    132.118 
ASP 'L-peptide linking' y 'ASPARTIC ACID' ? 'C4 H7 N O4'     133.103 
GLN 'L-peptide linking' y GLUTAMINE       ? 'C5 H10 N2 O3'   146.144 
GLU 'L-peptide linking' y 'GLUTAMIC ACID' ? 'C5 H9 N O4'     147.129 
GLY 'peptide linking'   y GLYCINE         ? 'C2 H5 N O2'     75.067  
HIS 'L-peptide linking' y HISTIDINE       ? 'C6 H10 N3 O2 1' 156.162 
HOH non-polymer         . WATER           ? 'H2 O'           18.015  
ILE 'L-peptide linking' y ISOLEUCINE      ? 'C6 H13 N O2'    131.173 
LEU 'L-peptide linking' y LEUCINE         ? 'C6 H13 N O2'    131.173 
LYS 'L-peptide linking' y LYSINE          ? 'C6 H15 N2 O2 1' 147.195 
MET 'L-peptide linking' y METHIONINE      ? 'C5 H11 N O2 S'  149.211 
NH2 non-polymer         . 'AMINO GROUP'   ? 'H2 N'           16.023  
SER 'L-peptide linking' y SERINE          ? 'C3 H7 N O3'     105.093 
SO4 non-polymer         . 'SULFATE ION'   ? 'O4 S -2'        96.063  
THR 'L-peptide linking' y THREONINE       ? 'C4 H9 N O3'     119.119 
TRP 'L-peptide linking' y TRYPTOPHAN      ? 'C11 H12 N2 O2'  204.225 
TYR 'L-peptide linking' y TYROSINE        ? 'C9 H11 N O3'    181.189 
VAL 'L-peptide linking' y VALINE          ? 'C5 H11 N O2'    117.146 
# 
loop_
_pdbx_poly_seq_scheme.asym_id 
_pdbx_poly_seq_scheme.entity_id 
_pdbx_poly_seq_scheme.seq_id 
_pdbx_poly_seq_scheme.mon_id 
_pdbx_poly_seq_scheme.ndb_seq_num 
_pdbx_poly_seq_scheme.pdb_seq_num 
_pdbx_poly_seq_scheme.auth_seq_num 
_pdbx_poly_seq_scheme.pdb_mon_id 
_pdbx_poly_seq_scheme.auth_mon_id 
_pdbx_poly_seq_scheme.pdb_strand_id 
_pdbx_poly_seq_scheme.pdb_ins_code 
_pdbx_poly_seq_scheme.hetero 
A 1 1  ASN 1  553 553 ASN ASN A . n 
A 1 2  ASN 2  554 554 ASN ASN A . n 
A 1 3  LEU 3  555 555 LEU LEU A . n 
A 1 4  LEU 4  556 556 LEU LEU A . n 
A 1 5  ARG 5  557 557 ARG ARG A . n 
A 1 6  ALA 6  558 558 ALA ALA A . n 
A 1 7  ILE 7  559 559 ILE ILE A . n 
A 1 8  GLU 8  560 560 GLU GLU A . n 
A 1 9  ALA 9  561 561 ALA ALA A . n 
A 1 10 GLN 10 562 562 GLN GLN A . n 
A 1 11 GLN 11 563 563 GLN GLN A . n 
A 1 12 HIS 12 564 564 HIS HIS A . n 
A 1 13 LEU 13 565 565 LEU LEU A . n 
A 1 14 LEU 14 566 566 LEU LEU A . n 
A 1 15 GLN 15 567 567 GLN GLN A . n 
A 1 16 LEU 16 568 568 LEU LEU A . n 
A 1 17 THR 17 569 569 THR THR A . n 
A 1 18 VAL 18 570 570 VAL VAL A . n 
A 1 19 TRP 19 571 571 TRP TRP A . n 
A 1 20 GLY 20 572 572 GLY GLY A . n 
A 1 21 ILE 21 573 573 ILE ILE A . n 
A 1 22 LYS 22 574 574 LYS LYS A . n 
A 1 23 GLN 23 575 575 GLN GLN A . n 
A 1 24 LEU 24 576 576 LEU LEU A . n 
A 1 25 GLN 25 577 577 GLN GLN A . n 
A 1 26 ALA 26 578 578 ALA ALA A . n 
A 1 27 ARG 27 579 579 ARG ARG A . n 
A 1 28 ILE 28 580 580 ILE ILE A . n 
A 1 29 LEU 29 581 581 LEU LEU A . n 
A 1 30 ALA 30 582 582 ALA ALA A . n 
A 1 31 VAL 31 583 583 VAL VAL A . n 
A 1 32 GLU 32 584 584 GLU GLU A . n 
A 1 33 ARG 33 585 585 ARG ARG A . n 
A 1 34 TYR 34 586 586 TYR TYR A . n 
A 1 35 LEU 35 587 587 LEU LEU A . n 
A 1 36 LYS 36 588 588 LYS LYS A . n 
A 1 37 ASP 37 589 589 ASP ASP A . n 
A 1 38 GLN 38 590 590 GLN GLN A . n 
A 1 39 NH2 39 591 591 NH2 NH2 A . n 
B 2 1  ACE 1  625 625 ACE ACE B . n 
B 2 2  MET 2  626 626 MET MET B . n 
B 2 3  THR 3  627 627 THR THR B . n 
B 2 4  TRP 4  628 628 TRP TRP B . n 
B 2 5  GLU 5  629 629 GLU GLU B . n 
B 2 6  GLU 6  630 630 GLU GLU B . n 
B 2 7  TRP 7  631 631 TRP TRP B . n 
B 2 8  ASP 8  632 632 ASP ASP B . n 
B 2 9  LYS 9  633 633 LYS LYS B . n 
B 2 10 LYS 10 634 634 LYS LYS B . n 
B 2 11 ILE 11 635 635 ILE ILE B . n 
B 2 12 GLU 12 636 636 GLU GLU B . n 
B 2 13 GLU 13 637 637 GLU GLU B . n 
B 2 14 TYR 14 638 638 TYR TYR B . n 
B 2 15 THR 15 639 639 THR THR B . n 
B 2 16 LYS 16 640 640 LYS LYS B . n 
B 2 17 LYS 17 641 641 LYS LYS B . n 
B 2 18 ILE 18 642 642 ILE ILE B . n 
B 2 19 GLU 19 643 643 GLU GLU B . n 
B 2 20 GLU 20 644 644 GLU GLU B . n 
B 2 21 LEU 21 645 645 LEU LEU B . n 
B 2 22 ILE 22 646 646 ILE ILE B . n 
B 2 23 LYS 23 647 647 LYS LYS B . n 
B 2 24 LYS 24 648 648 LYS LYS B . n 
B 2 25 SER 25 649 649 SER SER B . n 
# 
loop_
_pdbx_nonpoly_scheme.asym_id 
_pdbx_nonpoly_scheme.entity_id 
_pdbx_nonpoly_scheme.mon_id 
_pdbx_nonpoly_scheme.ndb_seq_num 
_pdbx_nonpoly_scheme.pdb_seq_num 
_pdbx_nonpoly_scheme.auth_seq_num 
_pdbx_nonpoly_scheme.pdb_mon_id 
_pdbx_nonpoly_scheme.auth_mon_id 
_pdbx_nonpoly_scheme.pdb_strand_id 
_pdbx_nonpoly_scheme.pdb_ins_code 
C 3 SO4 1  601 1  SO4 SO4 A . 
D 4 HOH 1  701 1  HOH HOH A . 
D 4 HOH 2  702 2  HOH HOH A . 
D 4 HOH 3  703 3  HOH HOH A . 
D 4 HOH 4  704 4  HOH HOH A . 
D 4 HOH 5  705 5  HOH HOH A . 
D 4 HOH 6  706 6  HOH HOH A . 
D 4 HOH 7  707 7  HOH HOH A . 
D 4 HOH 8  708 8  HOH HOH A . 
D 4 HOH 9  709 9  HOH HOH A . 
D 4 HOH 10 710 10 HOH HOH A . 
D 4 HOH 11 711 11 HOH HOH A . 
D 4 HOH 12 712 12 HOH HOH A . 
D 4 HOH 13 713 13 HOH HOH A . 
D 4 HOH 14 714 14 HOH HOH A . 
D 4 HOH 15 715 15 HOH HOH A . 
D 4 HOH 16 716 16 HOH HOH A . 
D 4 HOH 17 717 17 HOH HOH A . 
D 4 HOH 18 718 18 HOH HOH A . 
D 4 HOH 19 719 19 HOH HOH A . 
D 4 HOH 20 720 21 HOH HOH A . 
D 4 HOH 21 721 22 HOH HOH A . 
D 4 HOH 22 722 23 HOH HOH A . 
D 4 HOH 23 723 24 HOH HOH A . 
D 4 HOH 24 724 25 HOH HOH A . 
D 4 HOH 25 725 26 HOH HOH A . 
D 4 HOH 26 726 28 HOH HOH A . 
D 4 HOH 27 727 29 HOH HOH A . 
D 4 HOH 28 728 30 HOH HOH A . 
D 4 HOH 29 729 31 HOH HOH A . 
D 4 HOH 30 730 32 HOH HOH A . 
D 4 HOH 31 731 33 HOH HOH A . 
D 4 HOH 32 732 34 HOH HOH A . 
D 4 HOH 33 733 35 HOH HOH A . 
D 4 HOH 34 734 36 HOH HOH A . 
D 4 HOH 35 735 37 HOH HOH A . 
D 4 HOH 36 736 38 HOH HOH A . 
D 4 HOH 37 737 39 HOH HOH A . 
D 4 HOH 38 738 40 HOH HOH A . 
D 4 HOH 39 739 41 HOH HOH A . 
D 4 HOH 40 740 42 HOH HOH A . 
D 4 HOH 41 741 43 HOH HOH A . 
D 4 HOH 42 742 44 HOH HOH A . 
D 4 HOH 43 743 45 HOH HOH A . 
D 4 HOH 44 744 46 HOH HOH A . 
E 4 HOH 1  701 20 HOH HOH B . 
E 4 HOH 2  702 27 HOH HOH B . 
E 4 HOH 3  703 47 HOH HOH B . 
# 
loop_
_software.name 
_software.classification 
_software.version 
_software.citation_id 
_software.pdbx_ordinal 
RemDAq 'data collection' .                            ? 1 
PHASER phasing           .                            ? 2 
PHENIX refinement        '(phenix.refine: 1.7.3_928)' ? 3 
XDS    'data reduction'  package                      ? 4 
XDS    'data scaling'    package                      ? 5 
# 
_cell.entry_id           3VU6 
_cell.length_a           44.910 
_cell.length_b           44.910 
_cell.length_c           182.908 
_cell.angle_alpha        90.00 
_cell.angle_beta         90.00 
_cell.angle_gamma        120.00 
_cell.Z_PDB              12 
_cell.pdbx_unique_axis   ? 
_cell.length_a_esd       ? 
_cell.length_b_esd       ? 
_cell.length_c_esd       ? 
_cell.angle_alpha_esd    ? 
_cell.angle_beta_esd     ? 
_cell.angle_gamma_esd    ? 
# 
_symmetry.entry_id                         3VU6 
_symmetry.space_group_name_H-M             'P 63 2 2' 
_symmetry.pdbx_full_space_group_name_H-M   ? 
_symmetry.cell_setting                     ? 
_symmetry.Int_Tables_number                182 
_symmetry.space_group_name_Hall            ? 
# 
_exptl.entry_id          3VU6 
_exptl.method            'X-RAY DIFFRACTION' 
_exptl.crystals_number   1 
# 
_exptl_crystal.id                    1 
_exptl_crystal.density_meas          ? 
_exptl_crystal.density_Matthews      3.50 
_exptl_crystal.density_percent_sol   64.86 
_exptl_crystal.description           ? 
_exptl_crystal.F_000                 ? 
_exptl_crystal.preparation           ? 
# 
_exptl_crystal_grow.crystal_id      1 
_exptl_crystal_grow.method          'VAPOR DIFFUSION, HANGING DROP' 
_exptl_crystal_grow.temp            295 
_exptl_crystal_grow.temp_details    ? 
_exptl_crystal_grow.pH              8.5 
_exptl_crystal_grow.pdbx_details    
'0.22M lithium sulphate, 0.1M Tris, 26% PEG4000, pH 8.5, VAPOR DIFFUSION, HANGING DROP, temperature 295K' 
_exptl_crystal_grow.pdbx_pH_range   ? 
# 
_diffrn.id                     1 
_diffrn.ambient_temp           100 
_diffrn.ambient_temp_details   ? 
_diffrn.crystal_id             1 
# 
_diffrn_detector.diffrn_id              1 
_diffrn_detector.detector               PIXEL 
_diffrn_detector.type                   'PSI PILATUS 6M' 
_diffrn_detector.pdbx_collection_date   2012-05-22 
_diffrn_detector.details                ? 
# 
_diffrn_radiation.diffrn_id                        1 
_diffrn_radiation.wavelength_id                    1 
_diffrn_radiation.pdbx_monochromatic_or_laue_m_l   M 
_diffrn_radiation.monochromator                    'Bartels Monochromator Crystal Type Si (111)' 
_diffrn_radiation.pdbx_diffrn_protocol             'SINGLE WAVELENGTH' 
_diffrn_radiation.pdbx_scattering_type             x-ray 
# 
_diffrn_radiation_wavelength.id           1 
_diffrn_radiation_wavelength.wavelength   1.000 
_diffrn_radiation_wavelength.wt           1.0 
# 
_diffrn_source.diffrn_id                   1 
_diffrn_source.source                      SYNCHROTRON 
_diffrn_source.type                        'SLS BEAMLINE X10SA' 
_diffrn_source.pdbx_synchrotron_site       SLS 
_diffrn_source.pdbx_synchrotron_beamline   X10SA 
_diffrn_source.pdbx_wavelength             ? 
_diffrn_source.pdbx_wavelength_list        1.000 
# 
_reflns.entry_id                     3VU6 
_reflns.observed_criterion_sigma_I   -3.0 
_reflns.observed_criterion_sigma_F   -3.0 
_reflns.d_resolution_low             38.893 
_reflns.d_resolution_high            2.324 
_reflns.number_obs                   5295 
_reflns.number_all                   5295 
_reflns.percent_possible_obs         99.75 
_reflns.pdbx_Rmerge_I_obs            0.084 
_reflns.pdbx_Rsym_value              ? 
_reflns.pdbx_netI_over_sigmaI        18.58 
_reflns.B_iso_Wilson_estimate        ? 
_reflns.pdbx_redundancy              9.8 
_reflns.R_free_details               ? 
_reflns.limit_h_max                  ? 
_reflns.limit_h_min                  ? 
_reflns.limit_k_max                  ? 
_reflns.limit_k_min                  ? 
_reflns.limit_l_max                  ? 
_reflns.limit_l_min                  ? 
_reflns.observed_criterion_F_max     ? 
_reflns.observed_criterion_F_min     ? 
_reflns.pdbx_chi_squared             ? 
_reflns.pdbx_scaling_rejects         ? 
_reflns.pdbx_ordinal                 1 
_reflns.pdbx_diffrn_id               1 
# 
_reflns_shell.d_res_high                  2.32 
_reflns_shell.d_res_low                   2.46 
_reflns_shell.percent_possible_all        99 
_reflns_shell.Rmerge_I_obs                0.302 
_reflns_shell.pdbx_Rsym_value             ? 
_reflns_shell.meanI_over_sigI_obs         5.79 
_reflns_shell.pdbx_redundancy             9.38 
_reflns_shell.percent_possible_obs        ? 
_reflns_shell.number_unique_all           1424 
_reflns_shell.number_measured_all         ? 
_reflns_shell.number_measured_obs         ? 
_reflns_shell.number_unique_obs           ? 
_reflns_shell.pdbx_chi_squared            ? 
_reflns_shell.pdbx_rejects                ? 
_reflns_shell.pdbx_netI_over_sigmaI_obs   ? 
_reflns_shell.number_possible             ? 
_reflns_shell.Rmerge_F_all                ? 
_reflns_shell.Rmerge_F_obs                ? 
_reflns_shell.Rmerge_I_all                ? 
_reflns_shell.meanI_over_sigI_all         ? 
_reflns_shell.pdbx_Rrim_I_all             ? 
_reflns_shell.pdbx_Rpim_I_all             ? 
_reflns_shell.pdbx_ordinal                1 
_reflns_shell.pdbx_diffrn_id              1 
# 
_refine.entry_id                                 3VU6 
_refine.ls_number_reflns_obs                     5292 
_refine.ls_number_reflns_all                     5295 
_refine.pdbx_ls_sigma_I                          ? 
_refine.pdbx_ls_sigma_F                          2.21 
_refine.pdbx_data_cutoff_high_absF               ? 
_refine.pdbx_data_cutoff_low_absF                ? 
_refine.pdbx_data_cutoff_high_rms_absF           ? 
_refine.ls_d_res_low                             38.893 
_refine.ls_d_res_high                            2.324 
_refine.ls_percent_reflns_obs                    99.75 
_refine.ls_R_factor_obs                          0.2173 
_refine.ls_R_factor_all                          0.2173 
_refine.ls_R_factor_R_work                       0.2159 
_refine.ls_R_factor_R_free                       0.2457 
_refine.ls_R_factor_R_free_error                 ? 
_refine.ls_R_factor_R_free_error_details         ? 
_refine.ls_percent_reflns_R_free                 5.01 
_refine.ls_number_reflns_R_free                  265 
_refine.ls_number_parameters                     ? 
_refine.ls_number_restraints                     ? 
_refine.correlation_coeff_Fo_to_Fc               ? 
_refine.correlation_coeff_Fo_to_Fc_free          ? 
_refine.B_iso_mean                               44.9606 
_refine.aniso_B[1][1]                            5.8689 
_refine.aniso_B[2][2]                            5.8689 
_refine.aniso_B[3][3]                            -11.7377 
_refine.aniso_B[1][2]                            -0.0000 
_refine.aniso_B[1][3]                            -0.0000 
_refine.aniso_B[2][3]                            -0.0000 
_refine.solvent_model_details                    'FLAT BULK SOLVENT MODEL' 
_refine.solvent_model_param_ksol                 0.319 
_refine.solvent_model_param_bsol                 33.019 
_refine.pdbx_solvent_vdw_probe_radii             1.10 
_refine.pdbx_solvent_ion_probe_radii             ? 
_refine.pdbx_solvent_shrinkage_radii             0.86 
_refine.pdbx_ls_cross_valid_method               ? 
_refine.details                                  ? 
_refine.pdbx_starting_model                      1ENV 
_refine.pdbx_method_to_determine_struct          'MOLECULAR REPLACEMENT' 
_refine.pdbx_isotropic_thermal_model             ? 
_refine.pdbx_stereochemistry_target_values       ML 
_refine.pdbx_stereochem_target_val_spec_case     ? 
_refine.pdbx_R_Free_selection_details            RANDOM 
_refine.pdbx_overall_ESU_R                       ? 
_refine.pdbx_overall_ESU_R_Free                  ? 
_refine.overall_SU_ML                            0.27 
_refine.overall_FOM_work_R_set                   0.8110 
_refine.B_iso_max                                118.690 
_refine.B_iso_min                                13.130 
_refine.pdbx_overall_phase_error                 23.5800 
_refine.occupancy_max                            1.000 
_refine.occupancy_min                            0.470 
_refine.ls_redundancy_reflns_obs                 ? 
_refine.overall_SU_B                             ? 
_refine.overall_SU_R_Cruickshank_DPI             ? 
_refine.overall_SU_R_free                        ? 
_refine.ls_wR_factor_R_free                      ? 
_refine.ls_wR_factor_R_work                      ? 
_refine.overall_FOM_free_R_set                   ? 
_refine.pdbx_diffrn_id                           1 
_refine.pdbx_refine_id                           'X-RAY DIFFRACTION' 
_refine.pdbx_TLS_residual_ADP_flag               ? 
_refine.pdbx_overall_SU_R_free_Cruickshank_DPI   ? 
_refine.pdbx_overall_SU_R_Blow_DPI               ? 
_refine.pdbx_overall_SU_R_free_Blow_DPI          ? 
# 
_refine_hist.pdbx_refine_id                   'X-RAY DIFFRACTION' 
_refine_hist.cycle_id                         LAST 
_refine_hist.pdbx_number_atoms_protein        536 
_refine_hist.pdbx_number_atoms_nucleic_acid   0 
_refine_hist.pdbx_number_atoms_ligand         5 
_refine_hist.number_atoms_solvent             47 
_refine_hist.number_atoms_total               588 
_refine_hist.d_res_high                       2.324 
_refine_hist.d_res_low                        38.893 
# 
loop_
_refine_ls_restr.pdbx_refine_id 
_refine_ls_restr.type 
_refine_ls_restr.number 
_refine_ls_restr.dev_ideal 
_refine_ls_restr.dev_ideal_target 
_refine_ls_restr.weight 
_refine_ls_restr.pdbx_restraint_function 
'X-RAY DIFFRACTION' f_bond_d           547 0.012  ? ? ? 
'X-RAY DIFFRACTION' f_angle_d          734 1.147  ? ? ? 
'X-RAY DIFFRACTION' f_chiral_restr     81  0.065  ? ? ? 
'X-RAY DIFFRACTION' f_plane_restr      89  0.005  ? ? ? 
'X-RAY DIFFRACTION' f_dihedral_angle_d 211 18.792 ? ? ? 
# 
loop_
_refine_ls_shell.d_res_high 
_refine_ls_shell.d_res_low 
_refine_ls_shell.pdbx_total_number_of_bins_used 
_refine_ls_shell.percent_reflns_obs 
_refine_ls_shell.number_reflns_R_work 
_refine_ls_shell.R_factor_all 
_refine_ls_shell.R_factor_R_work 
_refine_ls_shell.R_factor_R_free 
_refine_ls_shell.percent_reflns_R_free 
_refine_ls_shell.number_reflns_R_free 
_refine_ls_shell.R_factor_R_free_error 
_refine_ls_shell.number_reflns_all 
_refine_ls_shell.number_reflns_obs 
_refine_ls_shell.pdbx_refine_id 
_refine_ls_shell.redundancy_reflns_obs 
2.3245 2.9284  2 100.0000 2406 . 0.2132 0.2625 . 126 . 2532 . 'X-RAY DIFFRACTION' . 
2.9284 38.8986 2 100.0000 2621 . 0.2169 0.2395 . 139 . 2760 . 'X-RAY DIFFRACTION' . 
# 
_struct.entry_id                  3VU6 
_struct.title                     'Short peptide HIV entry inhibitor MT-SC22EK with a M-T hook' 
_struct.pdbx_model_details        ? 
_struct.pdbx_CASP_flag            ? 
_struct.pdbx_model_type_details   ? 
# 
_struct_keywords.entry_id        3VU6 
_struct_keywords.pdbx_keywords   'MEMBRANE PROTEIN/INHIBITOR' 
_struct_keywords.text            
'6-helix bundle, coiled-coil, membrane, fusion inhibitor, M-T hook, HIV entry, MEMBRANE PROTEIN-INHIBITOR complex' 
# 
loop_
_struct_asym.id 
_struct_asym.pdbx_blank_PDB_chainid_flag 
_struct_asym.pdbx_modified 
_struct_asym.entity_id 
_struct_asym.details 
A N N 1 ? 
B N N 2 ? 
C N N 3 ? 
D N N 4 ? 
E N N 4 ? 
# 
loop_
_struct_ref.id 
_struct_ref.db_name 
_struct_ref.db_code 
_struct_ref.pdbx_db_accession 
_struct_ref.entity_id 
_struct_ref.pdbx_seq_one_letter_code 
_struct_ref.pdbx_align_begin 
_struct_ref.pdbx_db_isoform 
1 UNP ENV_HV1B1 P03375 1 NNLLRAIEAQQHLLQLTVWGIKQLQARILAVERYLKDQ 553 ? 
2 PDB 3VU6      3VU6   2 ?                                      ?   ? 
# 
loop_
_struct_ref_seq.align_id 
_struct_ref_seq.ref_id 
_struct_ref_seq.pdbx_PDB_id_code 
_struct_ref_seq.pdbx_strand_id 
_struct_ref_seq.seq_align_beg 
_struct_ref_seq.pdbx_seq_align_beg_ins_code 
_struct_ref_seq.seq_align_end 
_struct_ref_seq.pdbx_seq_align_end_ins_code 
_struct_ref_seq.pdbx_db_accession 
_struct_ref_seq.db_align_beg 
_struct_ref_seq.pdbx_db_align_beg_ins_code 
_struct_ref_seq.db_align_end 
_struct_ref_seq.pdbx_db_align_end_ins_code 
_struct_ref_seq.pdbx_auth_seq_align_beg 
_struct_ref_seq.pdbx_auth_seq_align_end 
1 1 3VU6 A 1 ? 38 ? P03375 553 ? 590 ? 553 590 
2 2 3VU6 B 1 ? 25 ? 3VU6   625 ? 649 ? 625 649 
# 
loop_
_struct_ref_seq_dif.align_id 
_struct_ref_seq_dif.pdbx_pdb_id_code 
_struct_ref_seq_dif.mon_id 
_struct_ref_seq_dif.pdbx_pdb_strand_id 
_struct_ref_seq_dif.seq_num 
_struct_ref_seq_dif.pdbx_pdb_ins_code 
_struct_ref_seq_dif.pdbx_seq_db_name 
_struct_ref_seq_dif.pdbx_seq_db_accession_code 
_struct_ref_seq_dif.db_mon_id 
_struct_ref_seq_dif.pdbx_seq_db_seq_num 
_struct_ref_seq_dif.details 
_struct_ref_seq_dif.pdbx_auth_seq_num 
_struct_ref_seq_dif.pdbx_ordinal 
1 3VU6 NH2 A 39 ? UNP P03375 ? ? amidation   591 1 
2 3VU6 ACE B 1  ? PDB 3VU6   ? ? acetylation 625 2 
# 
_pdbx_struct_assembly.id                   1 
_pdbx_struct_assembly.details              author_and_software_defined_assembly 
_pdbx_struct_assembly.method_details       PISA 
_pdbx_struct_assembly.oligomeric_details   hexameric 
_pdbx_struct_assembly.oligomeric_count     6 
# 
loop_
_pdbx_struct_assembly_prop.biol_id 
_pdbx_struct_assembly_prop.type 
_pdbx_struct_assembly_prop.value 
_pdbx_struct_assembly_prop.details 
1 'ABSA (A^2)' 10330 ? 
1 MORE         -92   ? 
1 'SSA (A^2)'  10350 ? 
# 
_pdbx_struct_assembly_gen.assembly_id       1 
_pdbx_struct_assembly_gen.oper_expression   1,2,3 
_pdbx_struct_assembly_gen.asym_id_list      A,B,C,D,E 
# 
loop_
_pdbx_struct_oper_list.id 
_pdbx_struct_oper_list.type 
_pdbx_struct_oper_list.name 
_pdbx_struct_oper_list.symmetry_operation 
_pdbx_struct_oper_list.matrix[1][1] 
_pdbx_struct_oper_list.matrix[1][2] 
_pdbx_struct_oper_list.matrix[1][3] 
_pdbx_struct_oper_list.vector[1] 
_pdbx_struct_oper_list.matrix[2][1] 
_pdbx_struct_oper_list.matrix[2][2] 
_pdbx_struct_oper_list.matrix[2][3] 
_pdbx_struct_oper_list.vector[2] 
_pdbx_struct_oper_list.matrix[3][1] 
_pdbx_struct_oper_list.matrix[3][2] 
_pdbx_struct_oper_list.matrix[3][3] 
_pdbx_struct_oper_list.vector[3] 
1 'identity operation'         1_555 x,y,z       1.0000000000  0.0000000000  0.0000000000  0.0000000000  0.0000000000  1.0000000000  0.0000000000 0.0000000000  0.0000000000  0.0000000000 1.0000000000 0.0000000000 
2 'crystal symmetry operation' 2_565 -y,x-y+1,z  -0.2268353286 -0.9738851200 0.0096698860  -7.8154538383 0.2764794492  -0.0548704494 0.9594521082 -9.6284444700 -0.9338655406 0.2203111589 0.2817057780 2.6456735680 
3 'crystal symmetry operation' 3_455 -x+y-1,-x,z -0.2268353286 0.2764794492  -0.9338655406 3.3599493610  -0.9738851200 -0.0548704494 0.2203111589 -8.7225426851 0.0096698860  0.9594521082 0.2817057780 8.5683043627 
# 
_struct_biol.id        1 
_struct_biol.details   ? 
# 
loop_
_struct_conf.conf_type_id 
_struct_conf.id 
_struct_conf.pdbx_PDB_helix_id 
_struct_conf.beg_label_comp_id 
_struct_conf.beg_label_asym_id 
_struct_conf.beg_label_seq_id 
_struct_conf.pdbx_beg_PDB_ins_code 
_struct_conf.end_label_comp_id 
_struct_conf.end_label_asym_id 
_struct_conf.end_label_seq_id 
_struct_conf.pdbx_end_PDB_ins_code 
_struct_conf.beg_auth_comp_id 
_struct_conf.beg_auth_asym_id 
_struct_conf.beg_auth_seq_id 
_struct_conf.end_auth_comp_id 
_struct_conf.end_auth_asym_id 
_struct_conf.end_auth_seq_id 
_struct_conf.pdbx_PDB_helix_class 
_struct_conf.details 
_struct_conf.pdbx_PDB_helix_length 
HELX_P HELX_P1 1 ASN A 1 ? GLN A 38 ? ASN A 553 GLN A 590 1 ? 38 
HELX_P HELX_P2 2 THR B 3 ? SER B 25 ? THR B 627 SER B 649 1 ? 23 
# 
_struct_conf_type.id          HELX_P 
_struct_conf_type.criteria    ? 
_struct_conf_type.reference   ? 
# 
loop_
_struct_conn.id 
_struct_conn.conn_type_id 
_struct_conn.pdbx_leaving_atom_flag 
_struct_conn.pdbx_PDB_id 
_struct_conn.ptnr1_label_asym_id 
_struct_conn.ptnr1_label_comp_id 
_struct_conn.ptnr1_label_seq_id 
_struct_conn.ptnr1_label_atom_id 
_struct_conn.pdbx_ptnr1_label_alt_id 
_struct_conn.pdbx_ptnr1_PDB_ins_code 
_struct_conn.pdbx_ptnr1_standard_comp_id 
_struct_conn.ptnr1_symmetry 
_struct_conn.ptnr2_label_asym_id 
_struct_conn.ptnr2_label_comp_id 
_struct_conn.ptnr2_label_seq_id 
_struct_conn.ptnr2_label_atom_id 
_struct_conn.pdbx_ptnr2_label_alt_id 
_struct_conn.pdbx_ptnr2_PDB_ins_code 
_struct_conn.ptnr1_auth_asym_id 
_struct_conn.ptnr1_auth_comp_id 
_struct_conn.ptnr1_auth_seq_id 
_struct_conn.ptnr2_auth_asym_id 
_struct_conn.ptnr2_auth_comp_id 
_struct_conn.ptnr2_auth_seq_id 
_struct_conn.ptnr2_symmetry 
_struct_conn.pdbx_ptnr3_label_atom_id 
_struct_conn.pdbx_ptnr3_label_seq_id 
_struct_conn.pdbx_ptnr3_label_comp_id 
_struct_conn.pdbx_ptnr3_label_asym_id 
_struct_conn.pdbx_ptnr3_label_alt_id 
_struct_conn.pdbx_ptnr3_PDB_ins_code 
_struct_conn.details 
_struct_conn.pdbx_dist_value 
_struct_conn.pdbx_value_order 
_struct_conn.pdbx_role 
covale1 covale both ? A GLN 38 C ? ? ? 1_555 A NH2 39 N ? ? A GLN 590 A NH2 591 1_555 ? ? ? ? ? ? ? 1.331 ? ? 
covale2 covale both ? B ACE 1  C ? ? ? 1_555 B MET 2  N ? ? B ACE 625 B MET 626 1_555 ? ? ? ? ? ? ? 1.328 ? ? 
# 
_struct_conn_type.id          covale 
_struct_conn_type.criteria    ? 
_struct_conn_type.reference   ? 
# 
loop_
_pdbx_modification_feature.ordinal 
_pdbx_modification_feature.label_comp_id 
_pdbx_modification_feature.label_asym_id 
_pdbx_modification_feature.label_seq_id 
_pdbx_modification_feature.label_alt_id 
_pdbx_modification_feature.modified_residue_label_comp_id 
_pdbx_modification_feature.modified_residue_label_asym_id 
_pdbx_modification_feature.modified_residue_label_seq_id 
_pdbx_modification_feature.modified_residue_label_alt_id 
_pdbx_modification_feature.auth_comp_id 
_pdbx_modification_feature.auth_asym_id 
_pdbx_modification_feature.auth_seq_id 
_pdbx_modification_feature.PDB_ins_code 
_pdbx_modification_feature.symmetry 
_pdbx_modification_feature.modified_residue_auth_comp_id 
_pdbx_modification_feature.modified_residue_auth_asym_id 
_pdbx_modification_feature.modified_residue_auth_seq_id 
_pdbx_modification_feature.modified_residue_PDB_ins_code 
_pdbx_modification_feature.modified_residue_symmetry 
_pdbx_modification_feature.comp_id_linking_atom 
_pdbx_modification_feature.modified_residue_id_linking_atom 
_pdbx_modification_feature.modified_residue_id 
_pdbx_modification_feature.ref_pcm_id 
_pdbx_modification_feature.ref_comp_id 
_pdbx_modification_feature.type 
_pdbx_modification_feature.category 
1 ACE B 1  ? MET B 2  ? ACE B 625 ? 1_555 MET B 626 ? 1_555 . . MET 4  ACE None 'Terminal acetylation' 
2 NH2 A 39 ? GLN A 38 ? NH2 A 591 ? 1_555 GLN A 590 ? 1_555 . . GLN 18 NH2 None 'Terminal amidation'   
# 
loop_
_struct_site.id 
_struct_site.pdbx_evidence_code 
_struct_site.pdbx_auth_asym_id 
_struct_site.pdbx_auth_comp_id 
_struct_site.pdbx_auth_seq_id 
_struct_site.pdbx_auth_ins_code 
_struct_site.pdbx_num_residues 
_struct_site.details 
AC1 Software A SO4 601 ? 4  'BINDING SITE FOR RESIDUE SO4 A 601' 
AC2 Software ? ?   ?   ? 19 'BINDING SITE FOR CHAIN B OF MTSC22' 
# 
loop_
_struct_site_gen.id 
_struct_site_gen.site_id 
_struct_site_gen.pdbx_num_res 
_struct_site_gen.label_comp_id 
_struct_site_gen.label_asym_id 
_struct_site_gen.label_seq_id 
_struct_site_gen.pdbx_auth_ins_code 
_struct_site_gen.auth_comp_id 
_struct_site_gen.auth_asym_id 
_struct_site_gen.auth_seq_id 
_struct_site_gen.label_atom_id 
_struct_site_gen.label_alt_id 
_struct_site_gen.symmetry 
_struct_site_gen.details 
1  AC1 4  ARG A 33 ? ARG A 585 . ? 1_555  ? 
2  AC1 4  ARG A 33 ? ARG A 585 . ? 8_555  ? 
3  AC1 4  LYS A 36 ? LYS A 588 . ? 1_555  ? 
4  AC1 4  LYS A 36 ? LYS A 588 . ? 8_555  ? 
5  AC2 19 ASN A 1  ? ASN A 553 . ? 10_554 ? 
6  AC2 19 ASN A 2  ? ASN A 554 . ? 10_554 ? 
7  AC2 19 ASN A 2  ? ASN A 554 . ? 3_455  ? 
8  AC2 19 LEU A 3  ? LEU A 555 . ? 3_455  ? 
9  AC2 19 LEU A 4  ? LEU A 556 . ? 1_555  ? 
10 AC2 19 GLU A 8  ? GLU A 560 . ? 1_555  ? 
11 AC2 19 ALA A 9  ? ALA A 561 . ? 3_455  ? 
12 AC2 19 GLN A 11 ? GLN A 563 . ? 1_555  ? 
13 AC2 19 HIS A 12 ? HIS A 564 . ? 3_455  ? 
14 AC2 19 LEU A 13 ? LEU A 565 . ? 3_455  ? 
15 AC2 19 GLN A 15 ? GLN A 567 . ? 1_555  ? 
16 AC2 19 LEU A 16 ? LEU A 568 . ? 3_455  ? 
17 AC2 19 TRP A 19 ? TRP A 571 . ? 3_455  ? 
18 AC2 19 GLY A 20 ? GLY A 572 . ? 3_455  ? 
19 AC2 19 LYS A 22 ? LYS A 574 . ? 1_555  ? 
20 AC2 19 ARG A 27 ? ARG A 579 . ? 3_455  ? 
21 AC2 19 HOH D .  ? HOH A 705 . ? 3_455  ? 
22 AC2 19 HOH D .  ? HOH A 722 . ? 3_455  ? 
23 AC2 19 HOH D .  ? HOH A 737 . ? 1_555  ? 
# 
_pdbx_entry_details.entry_id                   3VU6 
_pdbx_entry_details.compound_details           ? 
_pdbx_entry_details.source_details             ? 
_pdbx_entry_details.nonpolymer_details         ? 
_pdbx_entry_details.sequence_details           ? 
_pdbx_entry_details.has_ligand_of_interest     ? 
_pdbx_entry_details.has_protein_modification   Y 
# 
loop_
_pdbx_validate_close_contact.id 
_pdbx_validate_close_contact.PDB_model_num 
_pdbx_validate_close_contact.auth_atom_id_1 
_pdbx_validate_close_contact.auth_asym_id_1 
_pdbx_validate_close_contact.auth_comp_id_1 
_pdbx_validate_close_contact.auth_seq_id_1 
_pdbx_validate_close_contact.PDB_ins_code_1 
_pdbx_validate_close_contact.label_alt_id_1 
_pdbx_validate_close_contact.auth_atom_id_2 
_pdbx_validate_close_contact.auth_asym_id_2 
_pdbx_validate_close_contact.auth_comp_id_2 
_pdbx_validate_close_contact.auth_seq_id_2 
_pdbx_validate_close_contact.PDB_ins_code_2 
_pdbx_validate_close_contact.label_alt_id_2 
_pdbx_validate_close_contact.dist 
1 1 O   A HOH 706 ? ? O A HOH 741 ? ? 1.88 
2 1 O   A HOH 711 ? ? O A HOH 724 ? ? 1.95 
3 1 O   A HOH 730 ? ? O A HOH 734 ? ? 2.03 
4 1 OE1 A GLN 577 ? ? O A HOH 736 ? ? 2.09 
# 
_pdbx_validate_rmsd_angle.id                         1 
_pdbx_validate_rmsd_angle.PDB_model_num              1 
_pdbx_validate_rmsd_angle.auth_atom_id_1             NE 
_pdbx_validate_rmsd_angle.auth_asym_id_1             A 
_pdbx_validate_rmsd_angle.auth_comp_id_1             ARG 
_pdbx_validate_rmsd_angle.auth_seq_id_1              579 
_pdbx_validate_rmsd_angle.PDB_ins_code_1             ? 
_pdbx_validate_rmsd_angle.label_alt_id_1             ? 
_pdbx_validate_rmsd_angle.auth_atom_id_2             CZ 
_pdbx_validate_rmsd_angle.auth_asym_id_2             A 
_pdbx_validate_rmsd_angle.auth_comp_id_2             ARG 
_pdbx_validate_rmsd_angle.auth_seq_id_2              579 
_pdbx_validate_rmsd_angle.PDB_ins_code_2             ? 
_pdbx_validate_rmsd_angle.label_alt_id_2             ? 
_pdbx_validate_rmsd_angle.auth_atom_id_3             NH2 
_pdbx_validate_rmsd_angle.auth_asym_id_3             A 
_pdbx_validate_rmsd_angle.auth_comp_id_3             ARG 
_pdbx_validate_rmsd_angle.auth_seq_id_3              579 
_pdbx_validate_rmsd_angle.PDB_ins_code_3             ? 
_pdbx_validate_rmsd_angle.label_alt_id_3             ? 
_pdbx_validate_rmsd_angle.angle_value                117.17 
_pdbx_validate_rmsd_angle.angle_target_value         120.30 
_pdbx_validate_rmsd_angle.angle_deviation            -3.13 
_pdbx_validate_rmsd_angle.angle_standard_deviation   0.50 
_pdbx_validate_rmsd_angle.linker_flag                N 
# 
loop_
_pdbx_struct_special_symmetry.id 
_pdbx_struct_special_symmetry.PDB_model_num 
_pdbx_struct_special_symmetry.auth_asym_id 
_pdbx_struct_special_symmetry.auth_comp_id 
_pdbx_struct_special_symmetry.auth_seq_id 
_pdbx_struct_special_symmetry.PDB_ins_code 
_pdbx_struct_special_symmetry.label_asym_id 
_pdbx_struct_special_symmetry.label_comp_id 
_pdbx_struct_special_symmetry.label_seq_id 
1 1 A SO4 601 ? C SO4 . 
2 1 A HOH 701 ? D HOH . 
3 1 A HOH 735 ? D HOH . 
4 1 A HOH 744 ? D HOH . 
# 
loop_
_chem_comp_atom.comp_id 
_chem_comp_atom.atom_id 
_chem_comp_atom.type_symbol 
_chem_comp_atom.pdbx_aromatic_flag 
_chem_comp_atom.pdbx_stereo_config 
_chem_comp_atom.pdbx_ordinal 
ACE C    C N N 1   
ACE O    O N N 2   
ACE CH3  C N N 3   
ACE H    H N N 4   
ACE H1   H N N 5   
ACE H2   H N N 6   
ACE H3   H N N 7   
ALA N    N N N 8   
ALA CA   C N S 9   
ALA C    C N N 10  
ALA O    O N N 11  
ALA CB   C N N 12  
ALA OXT  O N N 13  
ALA H    H N N 14  
ALA H2   H N N 15  
ALA HA   H N N 16  
ALA HB1  H N N 17  
ALA HB2  H N N 18  
ALA HB3  H N N 19  
ALA HXT  H N N 20  
ARG N    N N N 21  
ARG CA   C N S 22  
ARG C    C N N 23  
ARG O    O N N 24  
ARG CB   C N N 25  
ARG CG   C N N 26  
ARG CD   C N N 27  
ARG NE   N N N 28  
ARG CZ   C N N 29  
ARG NH1  N N N 30  
ARG NH2  N N N 31  
ARG OXT  O N N 32  
ARG H    H N N 33  
ARG H2   H N N 34  
ARG HA   H N N 35  
ARG HB2  H N N 36  
ARG HB3  H N N 37  
ARG HG2  H N N 38  
ARG HG3  H N N 39  
ARG HD2  H N N 40  
ARG HD3  H N N 41  
ARG HE   H N N 42  
ARG HH11 H N N 43  
ARG HH12 H N N 44  
ARG HH21 H N N 45  
ARG HH22 H N N 46  
ARG HXT  H N N 47  
ASN N    N N N 48  
ASN CA   C N S 49  
ASN C    C N N 50  
ASN O    O N N 51  
ASN CB   C N N 52  
ASN CG   C N N 53  
ASN OD1  O N N 54  
ASN ND2  N N N 55  
ASN OXT  O N N 56  
ASN H    H N N 57  
ASN H2   H N N 58  
ASN HA   H N N 59  
ASN HB2  H N N 60  
ASN HB3  H N N 61  
ASN HD21 H N N 62  
ASN HD22 H N N 63  
ASN HXT  H N N 64  
ASP N    N N N 65  
ASP CA   C N S 66  
ASP C    C N N 67  
ASP O    O N N 68  
ASP CB   C N N 69  
ASP CG   C N N 70  
ASP OD1  O N N 71  
ASP OD2  O N N 72  
ASP OXT  O N N 73  
ASP H    H N N 74  
ASP H2   H N N 75  
ASP HA   H N N 76  
ASP HB2  H N N 77  
ASP HB3  H N N 78  
ASP HD2  H N N 79  
ASP HXT  H N N 80  
GLN N    N N N 81  
GLN CA   C N S 82  
GLN C    C N N 83  
GLN O    O N N 84  
GLN CB   C N N 85  
GLN CG   C N N 86  
GLN CD   C N N 87  
GLN OE1  O N N 88  
GLN NE2  N N N 89  
GLN OXT  O N N 90  
GLN H    H N N 91  
GLN H2   H N N 92  
GLN HA   H N N 93  
GLN HB2  H N N 94  
GLN HB3  H N N 95  
GLN HG2  H N N 96  
GLN HG3  H N N 97  
GLN HE21 H N N 98  
GLN HE22 H N N 99  
GLN HXT  H N N 100 
GLU N    N N N 101 
GLU CA   C N S 102 
GLU C    C N N 103 
GLU O    O N N 104 
GLU CB   C N N 105 
GLU CG   C N N 106 
GLU CD   C N N 107 
GLU OE1  O N N 108 
GLU OE2  O N N 109 
GLU OXT  O N N 110 
GLU H    H N N 111 
GLU H2   H N N 112 
GLU HA   H N N 113 
GLU HB2  H N N 114 
GLU HB3  H N N 115 
GLU HG2  H N N 116 
GLU HG3  H N N 117 
GLU HE2  H N N 118 
GLU HXT  H N N 119 
GLY N    N N N 120 
GLY CA   C N N 121 
GLY C    C N N 122 
GLY O    O N N 123 
GLY OXT  O N N 124 
GLY H    H N N 125 
GLY H2   H N N 126 
GLY HA2  H N N 127 
GLY HA3  H N N 128 
GLY HXT  H N N 129 
HIS N    N N N 130 
HIS CA   C N S 131 
HIS C    C N N 132 
HIS O    O N N 133 
HIS CB   C N N 134 
HIS CG   C Y N 135 
HIS ND1  N Y N 136 
HIS CD2  C Y N 137 
HIS CE1  C Y N 138 
HIS NE2  N Y N 139 
HIS OXT  O N N 140 
HIS H    H N N 141 
HIS H2   H N N 142 
HIS HA   H N N 143 
HIS HB2  H N N 144 
HIS HB3  H N N 145 
HIS HD1  H N N 146 
HIS HD2  H N N 147 
HIS HE1  H N N 148 
HIS HE2  H N N 149 
HIS HXT  H N N 150 
HOH O    O N N 151 
HOH H1   H N N 152 
HOH H2   H N N 153 
ILE N    N N N 154 
ILE CA   C N S 155 
ILE C    C N N 156 
ILE O    O N N 157 
ILE CB   C N S 158 
ILE CG1  C N N 159 
ILE CG2  C N N 160 
ILE CD1  C N N 161 
ILE OXT  O N N 162 
ILE H    H N N 163 
ILE H2   H N N 164 
ILE HA   H N N 165 
ILE HB   H N N 166 
ILE HG12 H N N 167 
ILE HG13 H N N 168 
ILE HG21 H N N 169 
ILE HG22 H N N 170 
ILE HG23 H N N 171 
ILE HD11 H N N 172 
ILE HD12 H N N 173 
ILE HD13 H N N 174 
ILE HXT  H N N 175 
LEU N    N N N 176 
LEU CA   C N S 177 
LEU C    C N N 178 
LEU O    O N N 179 
LEU CB   C N N 180 
LEU CG   C N N 181 
LEU CD1  C N N 182 
LEU CD2  C N N 183 
LEU OXT  O N N 184 
LEU H    H N N 185 
LEU H2   H N N 186 
LEU HA   H N N 187 
LEU HB2  H N N 188 
LEU HB3  H N N 189 
LEU HG   H N N 190 
LEU HD11 H N N 191 
LEU HD12 H N N 192 
LEU HD13 H N N 193 
LEU HD21 H N N 194 
LEU HD22 H N N 195 
LEU HD23 H N N 196 
LEU HXT  H N N 197 
LYS N    N N N 198 
LYS CA   C N S 199 
LYS C    C N N 200 
LYS O    O N N 201 
LYS CB   C N N 202 
LYS CG   C N N 203 
LYS CD   C N N 204 
LYS CE   C N N 205 
LYS NZ   N N N 206 
LYS OXT  O N N 207 
LYS H    H N N 208 
LYS H2   H N N 209 
LYS HA   H N N 210 
LYS HB2  H N N 211 
LYS HB3  H N N 212 
LYS HG2  H N N 213 
LYS HG3  H N N 214 
LYS HD2  H N N 215 
LYS HD3  H N N 216 
LYS HE2  H N N 217 
LYS HE3  H N N 218 
LYS HZ1  H N N 219 
LYS HZ2  H N N 220 
LYS HZ3  H N N 221 
LYS HXT  H N N 222 
MET N    N N N 223 
MET CA   C N S 224 
MET C    C N N 225 
MET O    O N N 226 
MET CB   C N N 227 
MET CG   C N N 228 
MET SD   S N N 229 
MET CE   C N N 230 
MET OXT  O N N 231 
MET H    H N N 232 
MET H2   H N N 233 
MET HA   H N N 234 
MET HB2  H N N 235 
MET HB3  H N N 236 
MET HG2  H N N 237 
MET HG3  H N N 238 
MET HE1  H N N 239 
MET HE2  H N N 240 
MET HE3  H N N 241 
MET HXT  H N N 242 
NH2 N    N N N 243 
NH2 HN1  H N N 244 
NH2 HN2  H N N 245 
SER N    N N N 246 
SER CA   C N S 247 
SER C    C N N 248 
SER O    O N N 249 
SER CB   C N N 250 
SER OG   O N N 251 
SER OXT  O N N 252 
SER H    H N N 253 
SER H2   H N N 254 
SER HA   H N N 255 
SER HB2  H N N 256 
SER HB3  H N N 257 
SER HG   H N N 258 
SER HXT  H N N 259 
SO4 S    S N N 260 
SO4 O1   O N N 261 
SO4 O2   O N N 262 
SO4 O3   O N N 263 
SO4 O4   O N N 264 
THR N    N N N 265 
THR CA   C N S 266 
THR C    C N N 267 
THR O    O N N 268 
THR CB   C N R 269 
THR OG1  O N N 270 
THR CG2  C N N 271 
THR OXT  O N N 272 
THR H    H N N 273 
THR H2   H N N 274 
THR HA   H N N 275 
THR HB   H N N 276 
THR HG1  H N N 277 
THR HG21 H N N 278 
THR HG22 H N N 279 
THR HG23 H N N 280 
THR HXT  H N N 281 
TRP N    N N N 282 
TRP CA   C N S 283 
TRP C    C N N 284 
TRP O    O N N 285 
TRP CB   C N N 286 
TRP CG   C Y N 287 
TRP CD1  C Y N 288 
TRP CD2  C Y N 289 
TRP NE1  N Y N 290 
TRP CE2  C Y N 291 
TRP CE3  C Y N 292 
TRP CZ2  C Y N 293 
TRP CZ3  C Y N 294 
TRP CH2  C Y N 295 
TRP OXT  O N N 296 
TRP H    H N N 297 
TRP H2   H N N 298 
TRP HA   H N N 299 
TRP HB2  H N N 300 
TRP HB3  H N N 301 
TRP HD1  H N N 302 
TRP HE1  H N N 303 
TRP HE3  H N N 304 
TRP HZ2  H N N 305 
TRP HZ3  H N N 306 
TRP HH2  H N N 307 
TRP HXT  H N N 308 
TYR N    N N N 309 
TYR CA   C N S 310 
TYR C    C N N 311 
TYR O    O N N 312 
TYR CB   C N N 313 
TYR CG   C Y N 314 
TYR CD1  C Y N 315 
TYR CD2  C Y N 316 
TYR CE1  C Y N 317 
TYR CE2  C Y N 318 
TYR CZ   C Y N 319 
TYR OH   O N N 320 
TYR OXT  O N N 321 
TYR H    H N N 322 
TYR H2   H N N 323 
TYR HA   H N N 324 
TYR HB2  H N N 325 
TYR HB3  H N N 326 
TYR HD1  H N N 327 
TYR HD2  H N N 328 
TYR HE1  H N N 329 
TYR HE2  H N N 330 
TYR HH   H N N 331 
TYR HXT  H N N 332 
VAL N    N N N 333 
VAL CA   C N S 334 
VAL C    C N N 335 
VAL O    O N N 336 
VAL CB   C N N 337 
VAL CG1  C N N 338 
VAL CG2  C N N 339 
VAL OXT  O N N 340 
VAL H    H N N 341 
VAL H2   H N N 342 
VAL HA   H N N 343 
VAL HB   H N N 344 
VAL HG11 H N N 345 
VAL HG12 H N N 346 
VAL HG13 H N N 347 
VAL HG21 H N N 348 
VAL HG22 H N N 349 
VAL HG23 H N N 350 
VAL HXT  H N N 351 
# 
loop_
_chem_comp_bond.comp_id 
_chem_comp_bond.atom_id_1 
_chem_comp_bond.atom_id_2 
_chem_comp_bond.value_order 
_chem_comp_bond.pdbx_aromatic_flag 
_chem_comp_bond.pdbx_stereo_config 
_chem_comp_bond.pdbx_ordinal 
ACE C   O    doub N N 1   
ACE C   CH3  sing N N 2   
ACE C   H    sing N N 3   
ACE CH3 H1   sing N N 4   
ACE CH3 H2   sing N N 5   
ACE CH3 H3   sing N N 6   
ALA N   CA   sing N N 7   
ALA N   H    sing N N 8   
ALA N   H2   sing N N 9   
ALA CA  C    sing N N 10  
ALA CA  CB   sing N N 11  
ALA CA  HA   sing N N 12  
ALA C   O    doub N N 13  
ALA C   OXT  sing N N 14  
ALA CB  HB1  sing N N 15  
ALA CB  HB2  sing N N 16  
ALA CB  HB3  sing N N 17  
ALA OXT HXT  sing N N 18  
ARG N   CA   sing N N 19  
ARG N   H    sing N N 20  
ARG N   H2   sing N N 21  
ARG CA  C    sing N N 22  
ARG CA  CB   sing N N 23  
ARG CA  HA   sing N N 24  
ARG C   O    doub N N 25  
ARG C   OXT  sing N N 26  
ARG CB  CG   sing N N 27  
ARG CB  HB2  sing N N 28  
ARG CB  HB3  sing N N 29  
ARG CG  CD   sing N N 30  
ARG CG  HG2  sing N N 31  
ARG CG  HG3  sing N N 32  
ARG CD  NE   sing N N 33  
ARG CD  HD2  sing N N 34  
ARG CD  HD3  sing N N 35  
ARG NE  CZ   sing N N 36  
ARG NE  HE   sing N N 37  
ARG CZ  NH1  sing N N 38  
ARG CZ  NH2  doub N N 39  
ARG NH1 HH11 sing N N 40  
ARG NH1 HH12 sing N N 41  
ARG NH2 HH21 sing N N 42  
ARG NH2 HH22 sing N N 43  
ARG OXT HXT  sing N N 44  
ASN N   CA   sing N N 45  
ASN N   H    sing N N 46  
ASN N   H2   sing N N 47  
ASN CA  C    sing N N 48  
ASN CA  CB   sing N N 49  
ASN CA  HA   sing N N 50  
ASN C   O    doub N N 51  
ASN C   OXT  sing N N 52  
ASN CB  CG   sing N N 53  
ASN CB  HB2  sing N N 54  
ASN CB  HB3  sing N N 55  
ASN CG  OD1  doub N N 56  
ASN CG  ND2  sing N N 57  
ASN ND2 HD21 sing N N 58  
ASN ND2 HD22 sing N N 59  
ASN OXT HXT  sing N N 60  
ASP N   CA   sing N N 61  
ASP N   H    sing N N 62  
ASP N   H2   sing N N 63  
ASP CA  C    sing N N 64  
ASP CA  CB   sing N N 65  
ASP CA  HA   sing N N 66  
ASP C   O    doub N N 67  
ASP C   OXT  sing N N 68  
ASP CB  CG   sing N N 69  
ASP CB  HB2  sing N N 70  
ASP CB  HB3  sing N N 71  
ASP CG  OD1  doub N N 72  
ASP CG  OD2  sing N N 73  
ASP OD2 HD2  sing N N 74  
ASP OXT HXT  sing N N 75  
GLN N   CA   sing N N 76  
GLN N   H    sing N N 77  
GLN N   H2   sing N N 78  
GLN CA  C    sing N N 79  
GLN CA  CB   sing N N 80  
GLN CA  HA   sing N N 81  
GLN C   O    doub N N 82  
GLN C   OXT  sing N N 83  
GLN CB  CG   sing N N 84  
GLN CB  HB2  sing N N 85  
GLN CB  HB3  sing N N 86  
GLN CG  CD   sing N N 87  
GLN CG  HG2  sing N N 88  
GLN CG  HG3  sing N N 89  
GLN CD  OE1  doub N N 90  
GLN CD  NE2  sing N N 91  
GLN NE2 HE21 sing N N 92  
GLN NE2 HE22 sing N N 93  
GLN OXT HXT  sing N N 94  
GLU N   CA   sing N N 95  
GLU N   H    sing N N 96  
GLU N   H2   sing N N 97  
GLU CA  C    sing N N 98  
GLU CA  CB   sing N N 99  
GLU CA  HA   sing N N 100 
GLU C   O    doub N N 101 
GLU C   OXT  sing N N 102 
GLU CB  CG   sing N N 103 
GLU CB  HB2  sing N N 104 
GLU CB  HB3  sing N N 105 
GLU CG  CD   sing N N 106 
GLU CG  HG2  sing N N 107 
GLU CG  HG3  sing N N 108 
GLU CD  OE1  doub N N 109 
GLU CD  OE2  sing N N 110 
GLU OE2 HE2  sing N N 111 
GLU OXT HXT  sing N N 112 
GLY N   CA   sing N N 113 
GLY N   H    sing N N 114 
GLY N   H2   sing N N 115 
GLY CA  C    sing N N 116 
GLY CA  HA2  sing N N 117 
GLY CA  HA3  sing N N 118 
GLY C   O    doub N N 119 
GLY C   OXT  sing N N 120 
GLY OXT HXT  sing N N 121 
HIS N   CA   sing N N 122 
HIS N   H    sing N N 123 
HIS N   H2   sing N N 124 
HIS CA  C    sing N N 125 
HIS CA  CB   sing N N 126 
HIS CA  HA   sing N N 127 
HIS C   O    doub N N 128 
HIS C   OXT  sing N N 129 
HIS CB  CG   sing N N 130 
HIS CB  HB2  sing N N 131 
HIS CB  HB3  sing N N 132 
HIS CG  ND1  sing Y N 133 
HIS CG  CD2  doub Y N 134 
HIS ND1 CE1  doub Y N 135 
HIS ND1 HD1  sing N N 136 
HIS CD2 NE2  sing Y N 137 
HIS CD2 HD2  sing N N 138 
HIS CE1 NE2  sing Y N 139 
HIS CE1 HE1  sing N N 140 
HIS NE2 HE2  sing N N 141 
HIS OXT HXT  sing N N 142 
HOH O   H1   sing N N 143 
HOH O   H2   sing N N 144 
ILE N   CA   sing N N 145 
ILE N   H    sing N N 146 
ILE N   H2   sing N N 147 
ILE CA  C    sing N N 148 
ILE CA  CB   sing N N 149 
ILE CA  HA   sing N N 150 
ILE C   O    doub N N 151 
ILE C   OXT  sing N N 152 
ILE CB  CG1  sing N N 153 
ILE CB  CG2  sing N N 154 
ILE CB  HB   sing N N 155 
ILE CG1 CD1  sing N N 156 
ILE CG1 HG12 sing N N 157 
ILE CG1 HG13 sing N N 158 
ILE CG2 HG21 sing N N 159 
ILE CG2 HG22 sing N N 160 
ILE CG2 HG23 sing N N 161 
ILE CD1 HD11 sing N N 162 
ILE CD1 HD12 sing N N 163 
ILE CD1 HD13 sing N N 164 
ILE OXT HXT  sing N N 165 
LEU N   CA   sing N N 166 
LEU N   H    sing N N 167 
LEU N   H2   sing N N 168 
LEU CA  C    sing N N 169 
LEU CA  CB   sing N N 170 
LEU CA  HA   sing N N 171 
LEU C   O    doub N N 172 
LEU C   OXT  sing N N 173 
LEU CB  CG   sing N N 174 
LEU CB  HB2  sing N N 175 
LEU CB  HB3  sing N N 176 
LEU CG  CD1  sing N N 177 
LEU CG  CD2  sing N N 178 
LEU CG  HG   sing N N 179 
LEU CD1 HD11 sing N N 180 
LEU CD1 HD12 sing N N 181 
LEU CD1 HD13 sing N N 182 
LEU CD2 HD21 sing N N 183 
LEU CD2 HD22 sing N N 184 
LEU CD2 HD23 sing N N 185 
LEU OXT HXT  sing N N 186 
LYS N   CA   sing N N 187 
LYS N   H    sing N N 188 
LYS N   H2   sing N N 189 
LYS CA  C    sing N N 190 
LYS CA  CB   sing N N 191 
LYS CA  HA   sing N N 192 
LYS C   O    doub N N 193 
LYS C   OXT  sing N N 194 
LYS CB  CG   sing N N 195 
LYS CB  HB2  sing N N 196 
LYS CB  HB3  sing N N 197 
LYS CG  CD   sing N N 198 
LYS CG  HG2  sing N N 199 
LYS CG  HG3  sing N N 200 
LYS CD  CE   sing N N 201 
LYS CD  HD2  sing N N 202 
LYS CD  HD3  sing N N 203 
LYS CE  NZ   sing N N 204 
LYS CE  HE2  sing N N 205 
LYS CE  HE3  sing N N 206 
LYS NZ  HZ1  sing N N 207 
LYS NZ  HZ2  sing N N 208 
LYS NZ  HZ3  sing N N 209 
LYS OXT HXT  sing N N 210 
MET N   CA   sing N N 211 
MET N   H    sing N N 212 
MET N   H2   sing N N 213 
MET CA  C    sing N N 214 
MET CA  CB   sing N N 215 
MET CA  HA   sing N N 216 
MET C   O    doub N N 217 
MET C   OXT  sing N N 218 
MET CB  CG   sing N N 219 
MET CB  HB2  sing N N 220 
MET CB  HB3  sing N N 221 
MET CG  SD   sing N N 222 
MET CG  HG2  sing N N 223 
MET CG  HG3  sing N N 224 
MET SD  CE   sing N N 225 
MET CE  HE1  sing N N 226 
MET CE  HE2  sing N N 227 
MET CE  HE3  sing N N 228 
MET OXT HXT  sing N N 229 
NH2 N   HN1  sing N N 230 
NH2 N   HN2  sing N N 231 
SER N   CA   sing N N 232 
SER N   H    sing N N 233 
SER N   H2   sing N N 234 
SER CA  C    sing N N 235 
SER CA  CB   sing N N 236 
SER CA  HA   sing N N 237 
SER C   O    doub N N 238 
SER C   OXT  sing N N 239 
SER CB  OG   sing N N 240 
SER CB  HB2  sing N N 241 
SER CB  HB3  sing N N 242 
SER OG  HG   sing N N 243 
SER OXT HXT  sing N N 244 
SO4 S   O1   doub N N 245 
SO4 S   O2   doub N N 246 
SO4 S   O3   sing N N 247 
SO4 S   O4   sing N N 248 
THR N   CA   sing N N 249 
THR N   H    sing N N 250 
THR N   H2   sing N N 251 
THR CA  C    sing N N 252 
THR CA  CB   sing N N 253 
THR CA  HA   sing N N 254 
THR C   O    doub N N 255 
THR C   OXT  sing N N 256 
THR CB  OG1  sing N N 257 
THR CB  CG2  sing N N 258 
THR CB  HB   sing N N 259 
THR OG1 HG1  sing N N 260 
THR CG2 HG21 sing N N 261 
THR CG2 HG22 sing N N 262 
THR CG2 HG23 sing N N 263 
THR OXT HXT  sing N N 264 
TRP N   CA   sing N N 265 
TRP N   H    sing N N 266 
TRP N   H2   sing N N 267 
TRP CA  C    sing N N 268 
TRP CA  CB   sing N N 269 
TRP CA  HA   sing N N 270 
TRP C   O    doub N N 271 
TRP C   OXT  sing N N 272 
TRP CB  CG   sing N N 273 
TRP CB  HB2  sing N N 274 
TRP CB  HB3  sing N N 275 
TRP CG  CD1  doub Y N 276 
TRP CG  CD2  sing Y N 277 
TRP CD1 NE1  sing Y N 278 
TRP CD1 HD1  sing N N 279 
TRP CD2 CE2  doub Y N 280 
TRP CD2 CE3  sing Y N 281 
TRP NE1 CE2  sing Y N 282 
TRP NE1 HE1  sing N N 283 
TRP CE2 CZ2  sing Y N 284 
TRP CE3 CZ3  doub Y N 285 
TRP CE3 HE3  sing N N 286 
TRP CZ2 CH2  doub Y N 287 
TRP CZ2 HZ2  sing N N 288 
TRP CZ3 CH2  sing Y N 289 
TRP CZ3 HZ3  sing N N 290 
TRP CH2 HH2  sing N N 291 
TRP OXT HXT  sing N N 292 
TYR N   CA   sing N N 293 
TYR N   H    sing N N 294 
TYR N   H2   sing N N 295 
TYR CA  C    sing N N 296 
TYR CA  CB   sing N N 297 
TYR CA  HA   sing N N 298 
TYR C   O    doub N N 299 
TYR C   OXT  sing N N 300 
TYR CB  CG   sing N N 301 
TYR CB  HB2  sing N N 302 
TYR CB  HB3  sing N N 303 
TYR CG  CD1  doub Y N 304 
TYR CG  CD2  sing Y N 305 
TYR CD1 CE1  sing Y N 306 
TYR CD1 HD1  sing N N 307 
TYR CD2 CE2  doub Y N 308 
TYR CD2 HD2  sing N N 309 
TYR CE1 CZ   doub Y N 310 
TYR CE1 HE1  sing N N 311 
TYR CE2 CZ   sing Y N 312 
TYR CE2 HE2  sing N N 313 
TYR CZ  OH   sing N N 314 
TYR OH  HH   sing N N 315 
TYR OXT HXT  sing N N 316 
VAL N   CA   sing N N 317 
VAL N   H    sing N N 318 
VAL N   H2   sing N N 319 
VAL CA  C    sing N N 320 
VAL CA  CB   sing N N 321 
VAL CA  HA   sing N N 322 
VAL C   O    doub N N 323 
VAL C   OXT  sing N N 324 
VAL CB  CG1  sing N N 325 
VAL CB  CG2  sing N N 326 
VAL CB  HB   sing N N 327 
VAL CG1 HG11 sing N N 328 
VAL CG1 HG12 sing N N 329 
VAL CG1 HG13 sing N N 330 
VAL CG2 HG21 sing N N 331 
VAL CG2 HG22 sing N N 332 
VAL CG2 HG23 sing N N 333 
VAL OXT HXT  sing N N 334 
# 
_pdbx_initial_refinement_model.id               1 
_pdbx_initial_refinement_model.entity_id_list   ? 
_pdbx_initial_refinement_model.type             'experimental model' 
_pdbx_initial_refinement_model.source_name      PDB 
_pdbx_initial_refinement_model.accession_code   1ENV 
_pdbx_initial_refinement_model.details          ? 
# 
_atom_sites.entry_id                    3VU6 
_atom_sites.fract_transf_matrix[1][1]   -0.02251539 
_atom_sites.fract_transf_matrix[1][2]   -0.01152802 
_atom_sites.fract_transf_matrix[1][3]   -0.00461061 
_atom_sites.fract_transf_matrix[2][1]   -0.00622564 
_atom_sites.fract_transf_matrix[2][2]   -0.02154353 
_atom_sites.fract_transf_matrix[2][3]   0.01257670 
_atom_sites.fract_transf_matrix[3][1]   -0.00233301 
_atom_sites.fract_transf_matrix[3][2]   0.00297815 
_atom_sites.fract_transf_matrix[3][3]   0.00394662 
_atom_sites.fract_transf_vector[1]      -0.420057 
_atom_sites.fract_transf_vector[2]      0.145288 
_atom_sites.fract_transf_vector[3]      -0.116222 
# 
loop_
_atom_type.symbol 
C 
H 
N 
O 
S 
# 
loop_
_atom_site.group_PDB 
_atom_site.id 
_atom_site.type_symbol 
_atom_site.label_atom_id 
_atom_site.label_alt_id 
_atom_site.label_comp_id 
_atom_site.label_asym_id 
_atom_site.label_entity_id 
_atom_site.label_seq_id 
_atom_site.pdbx_PDB_ins_code 
_atom_site.Cartn_x 
_atom_site.Cartn_y 
_atom_site.Cartn_z 
_atom_site.occupancy 
_atom_site.B_iso_or_equiv 
_atom_site.pdbx_formal_charge 
_atom_site.auth_seq_id 
_atom_site.auth_comp_id 
_atom_site.auth_asym_id 
_atom_site.auth_atom_id 
_atom_site.pdbx_PDB_model_num 
ATOM   1    N N    . ASN A 1 1  ? 3.851   -18.087 -17.016 1.00 47.72  ? 553 ASN A N    1 
ATOM   2    C CA   . ASN A 1 1  ? 2.681   -17.585 -17.738 1.00 50.28  ? 553 ASN A CA   1 
ATOM   3    C C    . ASN A 1 1  ? 1.462   -17.488 -16.831 1.00 55.67  ? 553 ASN A C    1 
ATOM   4    O O    . ASN A 1 1  ? 0.996   -16.395 -16.513 1.00 50.18  ? 553 ASN A O    1 
ATOM   5    C CB   . ASN A 1 1  ? 2.320   -18.477 -18.914 1.00 48.02  ? 553 ASN A CB   1 
ATOM   6    C CG   . ASN A 1 1  ? 1.286   -17.835 -19.846 1.00 55.27  ? 553 ASN A CG   1 
ATOM   7    O OD1  . ASN A 1 1  ? 1.208   -16.616 -19.941 1.00 61.56  ? 553 ASN A OD1  1 
ATOM   8    N ND2  . ASN A 1 1  ? 0.511   -18.662 -20.558 1.00 69.46  ? 553 ASN A ND2  1 
ATOM   9    H HA   . ASN A 1 1  ? 2.877   -16.689 -18.083 1.00 60.34  ? 553 ASN A HA   1 
ATOM   10   H HB2  . ASN A 1 1  ? 3.120   -18.656 -19.432 1.00 57.63  ? 553 ASN A HB2  1 
ATOM   11   H HB3  . ASN A 1 1  ? 1.948   -19.307 -18.579 1.00 57.63  ? 553 ASN A HB3  1 
ATOM   12   H HD21 . ASN A 1 1  ? 0.606   -19.514 -20.481 1.00 83.36  ? 553 ASN A HD21 1 
ATOM   13   H HD22 . ASN A 1 1  ? -0.081  -18.342 -21.093 1.00 83.36  ? 553 ASN A HD22 1 
ATOM   14   N N    . ASN A 1 2  ? 0.912   -18.627 -16.438 1.00 46.45  ? 554 ASN A N    1 
ATOM   15   C CA   . ASN A 1 2  ? -0.107  -18.616 -15.417 1.00 46.07  ? 554 ASN A CA   1 
ATOM   16   C C    . ASN A 1 2  ? 0.547   -18.100 -14.152 1.00 49.91  ? 554 ASN A C    1 
ATOM   17   O O    . ASN A 1 2  ? -0.082  -17.441 -13.326 1.00 49.02  ? 554 ASN A O    1 
ATOM   18   C CB   . ASN A 1 2  ? -0.675  -20.006 -15.197 1.00 46.67  ? 554 ASN A CB   1 
ATOM   19   C CG   . ASN A 1 2  ? -1.755  -20.340 -16.190 1.00 57.04  ? 554 ASN A CG   1 
ATOM   20   O OD1  . ASN A 1 2  ? -2.208  -19.480 -16.946 1.00 53.09  ? 554 ASN A OD1  1 
ATOM   21   N ND2  . ASN A 1 2  ? -2.184  -21.587 -16.191 1.00 63.97  ? 554 ASN A ND2  1 
ATOM   22   H H    . ASN A 1 2  ? 1.111   -19.406 -16.744 1.00 55.74  ? 554 ASN A H    1 
ATOM   23   H HA   . ASN A 1 2  ? -0.833  -18.010 -15.673 1.00 55.28  ? 554 ASN A HA   1 
ATOM   24   H HB2  . ASN A 1 2  ? 0.036   -20.659 -15.293 1.00 56.00  ? 554 ASN A HB2  1 
ATOM   25   H HB3  . ASN A 1 2  ? -1.058  -20.056 -14.307 1.00 56.00  ? 554 ASN A HB3  1 
ATOM   26   H HD21 . ASN A 1 2  ? -1.848  -22.158 -15.644 1.00 76.77  ? 554 ASN A HD21 1 
ATOM   27   H HD22 . ASN A 1 2  ? -2.801  -21.830 -16.740 1.00 76.77  ? 554 ASN A HD22 1 
ATOM   28   N N    . LEU A 1 3  ? 1.835   -18.389 -14.039 1.00 43.72  ? 555 LEU A N    1 
ATOM   29   C CA   . LEU A 1 3  ? 2.651   -17.928 -12.939 1.00 44.64  ? 555 LEU A CA   1 
ATOM   30   C C    . LEU A 1 3  ? 2.708   -16.402 -12.914 1.00 46.26  ? 555 LEU A C    1 
ATOM   31   O O    . LEU A 1 3  ? 2.626   -15.794 -11.852 1.00 37.60  ? 555 LEU A O    1 
ATOM   32   C CB   . LEU A 1 3  ? 4.062   -18.499 -13.085 1.00 39.53  ? 555 LEU A CB   1 
ATOM   33   C CG   . LEU A 1 3  ? 4.724   -18.894 -11.766 1.00 40.40  ? 555 LEU A CG   1 
ATOM   34   C CD1  . LEU A 1 3  ? 4.086   -20.135 -11.231 1.00 43.80  ? 555 LEU A CD1  1 
ATOM   35   C CD2  . LEU A 1 3  ? 6.185   -19.127 -11.971 1.00 67.23  ? 555 LEU A CD2  1 
ATOM   36   H H    . LEU A 1 3  ? 2.268   -18.866 -14.609 1.00 52.47  ? 555 LEU A H    1 
ATOM   37   H HA   . LEU A 1 3  ? 2.271   -18.242 -12.092 1.00 53.57  ? 555 LEU A HA   1 
ATOM   38   H HB2  . LEU A 1 3  ? 4.021   -19.292 -13.642 1.00 47.44  ? 555 LEU A HB2  1 
ATOM   39   H HB3  . LEU A 1 3  ? 4.624   -17.832 -13.509 1.00 47.44  ? 555 LEU A HB3  1 
ATOM   40   H HG   . LEU A 1 3  ? 4.610   -18.182 -11.117 1.00 48.47  ? 555 LEU A HG   1 
ATOM   41   H HD11 . LEU A 1 3  ? 4.511   -20.372 -10.403 1.00 52.56  ? 555 LEU A HD11 1 
ATOM   42   H HD12 . LEU A 1 3  ? 3.152   -19.968 -11.084 1.00 52.56  ? 555 LEU A HD12 1 
ATOM   43   H HD13 . LEU A 1 3  ? 4.196   -20.843 -11.870 1.00 52.56  ? 555 LEU A HD13 1 
ATOM   44   H HD21 . LEU A 1 3  ? 6.582   -19.374 -11.132 1.00 80.68  ? 555 LEU A HD21 1 
ATOM   45   H HD22 . LEU A 1 3  ? 6.303   -19.834 -12.609 1.00 80.68  ? 555 LEU A HD22 1 
ATOM   46   H HD23 . LEU A 1 3  ? 6.587   -18.319 -12.298 1.00 80.68  ? 555 LEU A HD23 1 
ATOM   47   N N    . LEU A 1 4  ? 2.851   -15.786 -14.085 1.00 36.40  ? 556 LEU A N    1 
ATOM   48   C CA   . LEU A 1 4  ? 2.893   -14.340 -14.169 1.00 44.48  ? 556 LEU A CA   1 
ATOM   49   C C    . LEU A 1 4  ? 1.532   -13.757 -13.822 1.00 42.56  ? 556 LEU A C    1 
ATOM   50   O O    . LEU A 1 4  ? 1.455   -12.697 -13.231 1.00 38.99  ? 556 LEU A O    1 
ATOM   51   C CB   . LEU A 1 4  ? 3.300   -13.895 -15.569 1.00 38.18  ? 556 LEU A CB   1 
ATOM   52   C CG   . LEU A 1 4  ? 3.484   -12.387 -15.745 1.00 47.66  ? 556 LEU A CG   1 
ATOM   53   C CD1  . LEU A 1 4  ? 4.534   -11.850 -14.771 1.00 40.24  ? 556 LEU A CD1  1 
ATOM   54   C CD2  . LEU A 1 4  ? 3.885   -12.074 -17.183 1.00 48.88  ? 556 LEU A CD2  1 
ATOM   55   H H    . LEU A 1 4  ? 2.924   -16.187 -14.842 1.00 43.68  ? 556 LEU A H    1 
ATOM   56   H HA   . LEU A 1 4  ? 3.552   -13.995 -13.530 1.00 53.38  ? 556 LEU A HA   1 
ATOM   57   H HB2  . LEU A 1 4  ? 4.142   -14.320 -15.795 1.00 45.82  ? 556 LEU A HB2  1 
ATOM   58   H HB3  . LEU A 1 4  ? 2.614   -14.180 -16.194 1.00 45.82  ? 556 LEU A HB3  1 
ATOM   59   H HG   . LEU A 1 4  ? 2.643   -11.939 -15.561 1.00 57.19  ? 556 LEU A HG   1 
ATOM   60   H HD11 . LEU A 1 4  ? 4.628   -10.904 -14.903 1.00 48.29  ? 556 LEU A HD11 1 
ATOM   61   H HD12 . LEU A 1 4  ? 4.245   -12.028 -13.872 1.00 48.29  ? 556 LEU A HD12 1 
ATOM   62   H HD13 . LEU A 1 4  ? 5.369   -12.290 -14.939 1.00 48.29  ? 556 LEU A HD13 1 
ATOM   63   H HD21 . LEU A 1 4  ? 3.996   -11.125 -17.276 1.00 58.66  ? 556 LEU A HD21 1 
ATOM   64   H HD22 . LEU A 1 4  ? 4.711   -12.523 -17.381 1.00 58.66  ? 556 LEU A HD22 1 
ATOM   65   H HD23 . LEU A 1 4  ? 3.194   -12.383 -17.774 1.00 58.66  ? 556 LEU A HD23 1 
ATOM   66   N N    . ARG A 1 5  ? 0.469   -14.473 -14.190 1.00 37.16  ? 557 ARG A N    1 
ATOM   67   C CA   . ARG A 1 5  ? -0.903  -14.036 -13.964 1.00 40.90  ? 557 ARG A CA   1 
ATOM   68   C C    . ARG A 1 5  ? -1.227  -14.074 -12.457 1.00 41.75  ? 557 ARG A C    1 
ATOM   69   O O    . ARG A 1 5  ? -1.897  -13.183 -11.934 1.00 35.42  ? 557 ARG A O    1 
ATOM   70   C CB   . ARG A 1 5  ? -1.882  -14.916 -14.769 1.00 39.28  ? 557 ARG A CB   1 
ATOM   71   C CG   . ARG A 1 5  ? -2.846  -14.158 -15.693 1.00 56.91  ? 557 ARG A CG   1 
ATOM   72   C CD   . ARG A 1 5  ? -2.677  -14.524 -17.179 1.00 65.58  ? 557 ARG A CD   1 
ATOM   73   N NE   . ARG A 1 5  ? -3.165  -15.866 -17.515 1.00 75.97  ? 557 ARG A NE   1 
ATOM   74   C CZ   . ARG A 1 5  ? -2.926  -16.500 -18.672 1.00 78.09  ? 557 ARG A CZ   1 
ATOM   75   N NH1  . ARG A 1 5  ? -2.205  -15.926 -19.633 1.00 78.20  ? 557 ARG A NH1  1 
ATOM   76   N NH2  . ARG A 1 5  ? -3.403  -17.727 -18.876 1.00 63.50  ? 557 ARG A NH2  1 
ATOM   77   H H    . ARG A 1 5  ? 0.523   -15.236 -14.584 1.00 44.59  ? 557 ARG A H    1 
ATOM   78   H HA   . ARG A 1 5  ? -1.001  -13.111 -14.272 1.00 49.08  ? 557 ARG A HA   1 
ATOM   79   H HB2  . ARG A 1 5  ? -1.364  -15.522 -15.322 1.00 47.13  ? 557 ARG A HB2  1 
ATOM   80   H HB3  . ARG A 1 5  ? -2.419  -15.427 -14.144 1.00 47.13  ? 557 ARG A HB3  1 
ATOM   81   H HG2  . ARG A 1 5  ? -3.757  -14.368 -15.436 1.00 68.29  ? 557 ARG A HG2  1 
ATOM   82   H HG3  . ARG A 1 5  ? -2.687  -13.206 -15.601 1.00 68.29  ? 557 ARG A HG3  1 
ATOM   83   H HD2  . ARG A 1 5  ? -3.171  -13.885 -17.716 1.00 78.70  ? 557 ARG A HD2  1 
ATOM   84   H HD3  . ARG A 1 5  ? -1.734  -14.485 -17.407 1.00 78.70  ? 557 ARG A HD3  1 
ATOM   85   H HE   . ARG A 1 5  ? -3.639  -16.276 -16.926 1.00 91.16  ? 557 ARG A HE   1 
ATOM   86   H HH11 . ARG A 1 5  ? -1.885  -15.137 -19.518 1.00 93.84  ? 557 ARG A HH11 1 
ATOM   87   H HH12 . ARG A 1 5  ? -2.060  -16.345 -20.371 1.00 93.84  ? 557 ARG A HH12 1 
ATOM   88   H HH21 . ARG A 1 5  ? -3.872  -18.113 -18.267 1.00 76.20  ? 557 ARG A HH21 1 
ATOM   89   H HH22 . ARG A 1 5  ? -3.251  -18.129 -19.621 1.00 76.20  ? 557 ARG A HH22 1 
ATOM   90   N N    . ALA A 1 6  ? -0.731  -15.105 -11.777 1.00 35.51  ? 558 ALA A N    1 
ATOM   91   C CA   . ALA A 1 6  ? -0.780  -15.189 -10.328 1.00 38.70  ? 558 ALA A CA   1 
ATOM   92   C C    . ALA A 1 6  ? -0.153  -13.944 -9.708  1.00 38.42  ? 558 ALA A C    1 
ATOM   93   O O    . ALA A 1 6  ? -0.797  -13.233 -8.948  1.00 34.72  ? 558 ALA A O    1 
ATOM   94   C CB   . ALA A 1 6  ? -0.052  -16.426 -9.848  1.00 31.67  ? 558 ALA A CB   1 
ATOM   95   H H    . ALA A 1 6  ? -0.351  -15.784 -12.146 1.00 42.61  ? 558 ALA A H    1 
ATOM   96   H HA   . ALA A 1 6  ? -1.713  -15.246 -10.036 1.00 46.44  ? 558 ALA A HA   1 
ATOM   97   H HB1  . ALA A 1 6  ? -0.096  -16.463 -8.890  1.00 38.01  ? 558 ALA A HB1  1 
ATOM   98   H HB2  . ALA A 1 6  ? -0.472  -17.203 -10.225 1.00 38.01  ? 558 ALA A HB2  1 
ATOM   99   H HB3  . ALA A 1 6  ? 0.864   -16.379 -10.131 1.00 38.01  ? 558 ALA A HB3  1 
ATOM   100  N N    . ILE A 1 7  ? 1.101   -13.679 -10.046 1.00 33.67  ? 559 ILE A N    1 
ATOM   101  C CA   . ILE A 1 7  ? 1.814   -12.543 -9.488  1.00 36.20  ? 559 ILE A CA   1 
ATOM   102  C C    . ILE A 1 7  ? 1.075   -11.208 -9.726  1.00 36.29  ? 559 ILE A C    1 
ATOM   103  O O    . ILE A 1 7  ? 1.045   -10.357 -8.854  1.00 43.82  ? 559 ILE A O    1 
ATOM   104  C CB   . ILE A 1 7  ? 3.265   -12.519 -10.030 1.00 34.30  ? 559 ILE A CB   1 
ATOM   105  C CG1  . ILE A 1 7  ? 4.053   -13.645 -9.385  1.00 39.67  ? 559 ILE A CG1  1 
ATOM   106  C CG2  . ILE A 1 7  ? 3.973   -11.220 -9.735  1.00 37.38  ? 559 ILE A CG2  1 
ATOM   107  C CD1  . ILE A 1 7  ? 5.231   -14.038 -10.202 1.00 44.10  ? 559 ILE A CD1  1 
ATOM   108  H H    . ILE A 1 7  ? 1.565   -14.145 -10.601 1.00 40.41  ? 559 ILE A H    1 
ATOM   109  H HA   . ILE A 1 7  ? 1.873   -12.668 -8.518  1.00 43.44  ? 559 ILE A HA   1 
ATOM   110  H HB   . ILE A 1 7  ? 3.246   -12.658 -10.990 1.00 41.16  ? 559 ILE A HB   1 
ATOM   111  H HG12 . ILE A 1 7  ? 4.372   -13.354 -8.516  1.00 47.60  ? 559 ILE A HG12 1 
ATOM   112  H HG13 . ILE A 1 7  ? 3.481   -14.421 -9.289  1.00 47.60  ? 559 ILE A HG13 1 
ATOM   113  H HG21 . ILE A 1 7  ? 4.863   -11.262 -10.093 1.00 44.85  ? 559 ILE A HG21 1 
ATOM   114  H HG22 . ILE A 1 7  ? 3.489   -10.500 -10.146 1.00 44.85  ? 559 ILE A HG22 1 
ATOM   115  H HG23 . ILE A 1 7  ? 4.007   -11.091 -8.784  1.00 44.85  ? 559 ILE A HG23 1 
ATOM   116  H HD11 . ILE A 1 7  ? 5.697   -14.750 -9.756  1.00 52.92  ? 559 ILE A HD11 1 
ATOM   117  H HD12 . ILE A 1 7  ? 4.929   -14.334 -11.063 1.00 52.92  ? 559 ILE A HD12 1 
ATOM   118  H HD13 . ILE A 1 7  ? 5.810   -13.279 -10.301 1.00 52.92  ? 559 ILE A HD13 1 
ATOM   119  N N    . GLU A 1 8  ? 0.460   -11.042 -10.887 1.00 36.00  ? 560 GLU A N    1 
ATOM   120  C CA   . GLU A 1 8  ? -0.314  -9.846  -11.181 1.00 37.69  ? 560 GLU A CA   1 
ATOM   121  C C    . GLU A 1 8  ? -1.541  -9.765  -10.287 1.00 33.15  ? 560 GLU A C    1 
ATOM   122  O O    . GLU A 1 8  ? -1.942  -8.703  -9.859  1.00 33.12  ? 560 GLU A O    1 
ATOM   123  C CB   . GLU A 1 8  ? -0.789  -9.858  -12.634 1.00 37.51  ? 560 GLU A CB   1 
ATOM   124  C CG   . GLU A 1 8  ? 0.323   -9.660  -13.674 1.00 50.09  ? 560 GLU A CG   1 
ATOM   125  C CD   . GLU A 1 8  ? -0.217  -9.598  -15.098 1.00 52.44  ? 560 GLU A CD   1 
ATOM   126  O OE1  . GLU A 1 8  ? 0.179   -8.682  -15.849 1.00 68.08  ? 560 GLU A OE1  1 
ATOM   127  O OE2  . GLU A 1 8  ? -1.052  -10.456 -15.463 1.00 49.62  ? 560 GLU A OE2  1 
ATOM   128  H H    . GLU A 1 8  ? 0.475   -11.614 -11.528 1.00 43.19  ? 560 GLU A H    1 
ATOM   129  H HA   . GLU A 1 8  ? 0.237   -9.050  -11.034 1.00 45.22  ? 560 GLU A HA   1 
ATOM   130  H HB2  . GLU A 1 8  ? -1.210  -10.713 -12.816 1.00 45.02  ? 560 GLU A HB2  1 
ATOM   131  H HB3  . GLU A 1 8  ? -1.434  -9.143  -12.755 1.00 45.02  ? 560 GLU A HB3  1 
ATOM   132  H HG2  . GLU A 1 8  ? 0.784   -8.826  -13.490 1.00 60.11  ? 560 GLU A HG2  1 
ATOM   133  H HG3  . GLU A 1 8  ? 0.945   -10.403 -13.619 1.00 60.11  ? 560 GLU A HG3  1 
ATOM   134  N N    . ALA A 1 9  ? -2.185  -10.888 -10.057 1.00 29.33  ? 561 ALA A N    1 
ATOM   135  C CA   . ALA A 1 9  ? -3.374  -10.876 -9.246  1.00 28.77  ? 561 ALA A CA   1 
ATOM   136  C C    . ALA A 1 9  ? -2.959  -10.650 -7.784  1.00 39.56  ? 561 ALA A C    1 
ATOM   137  O O    . ALA A 1 9  ? -3.689  -10.031 -7.019  1.00 30.90  ? 561 ALA A O    1 
ATOM   138  C CB   . ALA A 1 9  ? -4.153  -12.193 -9.410  1.00 24.88  ? 561 ALA A CB   1 
ATOM   139  H H    . ALA A 1 9  ? -1.957  -11.663 -10.355 1.00 35.20  ? 561 ALA A H    1 
ATOM   140  H HA   . ALA A 1 9  ? -3.953  -10.135 -9.523  1.00 34.52  ? 561 ALA A HA   1 
ATOM   141  H HB1  . ALA A 1 9  ? -4.940  -12.162 -8.862  1.00 29.86  ? 561 ALA A HB1  1 
ATOM   142  H HB2  . ALA A 1 9  ? -4.400  -12.296 -10.332 1.00 29.86  ? 561 ALA A HB2  1 
ATOM   143  H HB3  . ALA A 1 9  ? -3.593  -12.923 -9.138  1.00 29.86  ? 561 ALA A HB3  1 
ATOM   144  N N    . GLN A 1 10 ? -1.783  -11.140 -7.403  1.00 33.50  ? 562 GLN A N    1 
ATOM   145  C CA   . GLN A 1 10 ? -1.276  -10.898 -6.064  1.00 34.24  ? 562 GLN A CA   1 
ATOM   146  C C    . GLN A 1 10 ? -0.959  -9.426  -5.895  1.00 38.05  ? 562 GLN A C    1 
ATOM   147  O O    . GLN A 1 10 ? -1.211  -8.850  -4.841  1.00 35.05  ? 562 GLN A O    1 
ATOM   148  C CB   . GLN A 1 10 ? -0.052  -11.767 -5.750  1.00 31.89  ? 562 GLN A CB   1 
ATOM   149  C CG   . GLN A 1 10 ? -0.461  -13.175 -5.309  1.00 42.71  ? 562 GLN A CG   1 
ATOM   150  C CD   . GLN A 1 10 ? 0.703   -14.010 -4.832  1.00 48.39  ? 562 GLN A CD   1 
ATOM   151  O OE1  . GLN A 1 10 ? 1.718   -14.126 -5.519  1.00 41.46  ? 562 GLN A OE1  1 
ATOM   152  N NE2  . GLN A 1 10 ? 0.570   -14.594 -3.649  1.00 50.18  ? 562 GLN A NE2  1 
ATOM   153  H H    . GLN A 1 10 ? -1.263  -11.613 -7.900  1.00 40.21  ? 562 GLN A H    1 
ATOM   154  H HA   . GLN A 1 10 ? -1.977  -11.127 -5.418  1.00 41.09  ? 562 GLN A HA   1 
ATOM   155  H HB2  . GLN A 1 10 ? 0.497   -11.845 -6.546  1.00 38.26  ? 562 GLN A HB2  1 
ATOM   156  H HB3  . GLN A 1 10 ? 0.455   -11.357 -5.031  1.00 38.26  ? 562 GLN A HB3  1 
ATOM   157  H HG2  . GLN A 1 10 ? -1.097  -13.105 -4.579  1.00 51.25  ? 562 GLN A HG2  1 
ATOM   158  H HG3  . GLN A 1 10 ? -0.870  -13.634 -6.060  1.00 51.25  ? 562 GLN A HG3  1 
ATOM   159  H HE21 . GLN A 1 10 ? -0.153  -14.486 -3.196  1.00 60.21  ? 562 GLN A HE21 1 
ATOM   160  H HE22 . GLN A 1 10 ? 1.207   -15.079 -3.336  1.00 60.21  ? 562 GLN A HE22 1 
ATOM   161  N N    . GLN A 1 11 ? -0.414  -8.816  -6.939  1.00 33.57  ? 563 GLN A N    1 
ATOM   162  C CA   . GLN A 1 11 ? -0.154  -7.399  -6.908  1.00 32.15  ? 563 GLN A CA   1 
ATOM   163  C C    . GLN A 1 11 ? -1.450  -6.602  -6.744  1.00 36.03  ? 563 GLN A C    1 
ATOM   164  O O    . GLN A 1 11 ? -1.471  -5.633  -5.988  1.00 35.52  ? 563 GLN A O    1 
ATOM   165  C CB   . GLN A 1 11 ? 0.581   -6.956  -8.162  1.00 32.57  ? 563 GLN A CB   1 
ATOM   166  C CG   . GLN A 1 11 ? 0.914   -5.469  -8.147  1.00 33.91  ? 563 GLN A CG   1 
ATOM   167  C CD   . GLN A 1 11 ? 1.818   -5.079  -6.985  1.00 38.65  ? 563 GLN A CD   1 
ATOM   168  O OE1  . GLN A 1 11 ? 2.463   -5.929  -6.368  1.00 39.28  ? 563 GLN A OE1  1 
ATOM   169  N NE2  . GLN A 1 11 ? 1.877   -3.786  -6.692  1.00 38.22  ? 563 GLN A NE2  1 
ATOM   170  H H    . GLN A 1 11 ? -0.188  -9.204  -7.672  1.00 40.28  ? 563 GLN A H    1 
ATOM   171  H HA   . GLN A 1 11 ? 0.419   -7.201  -6.139  1.00 38.58  ? 563 GLN A HA   1 
ATOM   172  H HB2  . GLN A 1 11 ? 1.413   -7.449  -8.233  1.00 39.08  ? 563 GLN A HB2  1 
ATOM   173  H HB3  . GLN A 1 11 ? 0.023   -7.131  -8.936  1.00 39.08  ? 563 GLN A HB3  1 
ATOM   174  H HG2  . GLN A 1 11 ? 1.370   -5.239  -8.972  1.00 40.69  ? 563 GLN A HG2  1 
ATOM   175  H HG3  . GLN A 1 11 ? 0.091   -4.962  -8.070  1.00 40.69  ? 563 GLN A HG3  1 
ATOM   176  H HE21 . GLN A 1 11 ? 1.419   -3.221  -7.151  1.00 45.87  ? 563 GLN A HE21 1 
ATOM   177  H HE22 . GLN A 1 11 ? 2.372   -3.514  -6.045  1.00 45.87  ? 563 GLN A HE22 1 
ATOM   178  N N    . HIS A 1 12 ? -2.530  -7.001  -7.414  1.00 31.36  ? 564 HIS A N    1 
ATOM   179  C CA   . HIS A 1 12 ? -3.809  -6.315  -7.212  1.00 39.48  ? 564 HIS A CA   1 
ATOM   180  C C    . HIS A 1 12 ? -4.268  -6.494  -5.775  1.00 37.42  ? 564 HIS A C    1 
ATOM   181  O O    . HIS A 1 12 ? -4.767  -5.561  -5.172  1.00 32.70  ? 564 HIS A O    1 
ATOM   182  C CB   . HIS A 1 12 ? -4.903  -6.801  -8.165  1.00 34.53  ? 564 HIS A CB   1 
ATOM   183  C CG   . HIS A 1 12 ? -4.673  -6.403  -9.589  1.00 53.50  ? 564 HIS A CG   1 
ATOM   184  N ND1  . HIS A 1 12 ? -4.637  -5.088  -10.002 1.00 56.19  ? 564 HIS A ND1  1 
ATOM   185  C CD2  . HIS A 1 12 ? -4.451  -7.149  -10.703 1.00 53.65  ? 564 HIS A CD2  1 
ATOM   186  C CE1  . HIS A 1 12 ? -4.404  -5.039  -11.297 1.00 59.46  ? 564 HIS A CE1  1 
ATOM   187  N NE2  . HIS A 1 12 ? -4.289  -6.275  -11.751 1.00 53.99  ? 564 HIS A NE2  1 
ATOM   188  H H    . HIS A 1 12 ? -2.551  -7.649  -7.979  1.00 37.64  ? 564 HIS A H    1 
ATOM   189  H HA   . HIS A 1 12 ? -3.680  -5.355  -7.368  1.00 47.37  ? 564 HIS A HA   1 
ATOM   190  H HB2  . HIS A 1 12 ? -4.943  -7.770  -8.130  1.00 41.44  ? 564 HIS A HB2  1 
ATOM   191  H HB3  . HIS A 1 12 ? -5.753  -6.426  -7.886  1.00 41.44  ? 564 HIS A HB3  1 
ATOM   192  H HD1  . HIS A 1 12 ? -4.745  -4.405  -9.491  1.00 67.43  ? 564 HIS A HD1  1 
ATOM   193  H HD2  . HIS A 1 12 ? -4.415  -8.077  -10.747 1.00 64.38  ? 564 HIS A HD2  1 
ATOM   194  H HE1  . HIS A 1 12 ? -4.338  -4.264  -11.809 1.00 71.35  ? 564 HIS A HE1  1 
ATOM   195  H HE2  . HIS A 1 12 ? -4.139  -6.496  -12.569 1.00 64.78  ? 564 HIS A HE2  1 
ATOM   196  N N    . LEU A 1 13 ? -4.085  -7.691  -5.228  1.00 31.06  ? 565 LEU A N    1 
ATOM   197  C CA   . LEU A 1 13 ? -4.467  -7.964  -3.851  1.00 29.73  ? 565 LEU A CA   1 
ATOM   198  C C    . LEU A 1 13 ? -3.735  -7.005  -2.896  1.00 34.14  ? 565 LEU A C    1 
ATOM   199  O O    . LEU A 1 13 ? -4.355  -6.361  -2.052  1.00 38.31  ? 565 LEU A O    1 
ATOM   200  C CB   . LEU A 1 13 ? -4.140  -9.412  -3.502  1.00 36.87  ? 565 LEU A CB   1 
ATOM   201  C CG   . LEU A 1 13 ? -5.251  -10.271 -2.902  1.00 50.71  ? 565 LEU A CG   1 
ATOM   202  C CD1  . LEU A 1 13 ? -6.419  -10.313 -3.813  1.00 44.58  ? 565 LEU A CD1  1 
ATOM   203  C CD2  . LEU A 1 13 ? -4.763  -11.684 -2.677  1.00 46.54  ? 565 LEU A CD2  1 
ATOM   204  H H    . LEU A 1 13 ? -3.739  -8.363  -5.636  1.00 37.28  ? 565 LEU A H    1 
ATOM   205  H HA   . LEU A 1 13 ? -5.431  -7.830  -3.747  1.00 35.68  ? 565 LEU A HA   1 
ATOM   206  H HB2  . LEU A 1 13 ? -3.847  -9.856  -4.313  1.00 44.25  ? 565 LEU A HB2  1 
ATOM   207  H HB3  . LEU A 1 13 ? -3.410  -9.408  -2.863  1.00 44.25  ? 565 LEU A HB3  1 
ATOM   208  H HG   . LEU A 1 13 ? -5.532  -9.898  -2.051  1.00 60.85  ? 565 LEU A HG   1 
ATOM   209  H HD11 . LEU A 1 13 ? -7.105  -10.856 -3.418  1.00 53.49  ? 565 LEU A HD11 1 
ATOM   210  H HD12 . LEU A 1 13 ? -6.744  -9.419  -3.944  1.00 53.49  ? 565 LEU A HD12 1 
ATOM   211  H HD13 . LEU A 1 13 ? -6.146  -10.689 -4.653  1.00 53.49  ? 565 LEU A HD13 1 
ATOM   212  H HD21 . LEU A 1 13 ? -5.476  -12.205 -2.301  1.00 55.85  ? 565 LEU A HD21 1 
ATOM   213  H HD22 . LEU A 1 13 ? -4.493  -12.058 -3.520  1.00 55.85  ? 565 LEU A HD22 1 
ATOM   214  H HD23 . LEU A 1 13 ? -4.017  -11.665 -2.074  1.00 55.85  ? 565 LEU A HD23 1 
ATOM   215  N N    . LEU A 1 14 ? -2.419  -6.901  -3.063  1.00 32.33  ? 566 LEU A N    1 
ATOM   216  C CA   . LEU A 1 14 ? -1.571  -6.042  -2.255  1.00 33.35  ? 566 LEU A CA   1 
ATOM   217  C C    . LEU A 1 14 ? -2.008  -4.591  -2.275  1.00 34.42  ? 566 LEU A C    1 
ATOM   218  O O    . LEU A 1 14 ? -2.033  -3.921  -1.228  1.00 34.89  ? 566 LEU A O    1 
ATOM   219  C CB   . LEU A 1 14 ? -0.125  -6.104  -2.753  1.00 29.22  ? 566 LEU A CB   1 
ATOM   220  C CG   . LEU A 1 14 ? 0.743   -7.217  -2.198  1.00 36.19  ? 566 LEU A CG   1 
ATOM   221  C CD1  . LEU A 1 14 ? 1.883   -7.521  -3.142  1.00 44.15  ? 566 LEU A CD1  1 
ATOM   222  C CD2  . LEU A 1 14 ? 1.274   -6.826  -0.840  1.00 29.93  ? 566 LEU A CD2  1 
ATOM   223  H H    . LEU A 1 14 ? -1.983  -7.337  -3.662  1.00 38.79  ? 566 LEU A H    1 
ATOM   224  H HA   . LEU A 1 14 ? -1.589  -6.356  -1.327  1.00 40.02  ? 566 LEU A HA   1 
ATOM   225  H HB2  . LEU A 1 14 ? -0.142  -6.207  -3.717  1.00 35.06  ? 566 LEU A HB2  1 
ATOM   226  H HB3  . LEU A 1 14 ? 0.307   -5.265  -2.529  1.00 35.06  ? 566 LEU A HB3  1 
ATOM   227  H HG   . LEU A 1 14 ? 0.209   -8.020  -2.096  1.00 43.43  ? 566 LEU A HG   1 
ATOM   228  H HD11 . LEU A 1 14 ? 2.417   -8.227  -2.770  1.00 52.98  ? 566 LEU A HD11 1 
ATOM   229  H HD12 . LEU A 1 14 ? 1.523   -7.794  -3.989  1.00 52.98  ? 566 LEU A HD12 1 
ATOM   230  H HD13 . LEU A 1 14 ? 2.416   -6.731  -3.254  1.00 52.98  ? 566 LEU A HD13 1 
ATOM   231  H HD21 . LEU A 1 14 ? 1.820   -7.538  -0.501  1.00 35.92  ? 566 LEU A HD21 1 
ATOM   232  H HD22 . LEU A 1 14 ? 1.796   -6.025  -0.927  1.00 35.92  ? 566 LEU A HD22 1 
ATOM   233  H HD23 . LEU A 1 14 ? 0.534   -6.671  -0.248  1.00 35.92  ? 566 LEU A HD23 1 
ATOM   234  N N    . GLN A 1 15 ? -2.325  -4.096  -3.465  1.00 32.88  ? 567 GLN A N    1 
ATOM   235  C CA   . GLN A 1 15 ? -2.712  -2.702  -3.616  1.00 33.50  ? 567 GLN A CA   1 
ATOM   236  C C    . GLN A 1 15 ? -4.011  -2.409  -2.876  1.00 29.71  ? 567 GLN A C    1 
ATOM   237  O O    . GLN A 1 15 ? -4.180  -1.320  -2.319  1.00 26.26  ? 567 GLN A O    1 
ATOM   238  C CB   . GLN A 1 15 ? -2.823  -2.328  -5.092  1.00 32.31  ? 567 GLN A CB   1 
ATOM   239  C CG   . GLN A 1 15 ? -1.460  -2.143  -5.763  1.00 39.57  ? 567 GLN A CG   1 
ATOM   240  C CD   . GLN A 1 15 ? -0.527  -1.111  -5.064  1.00 61.07  ? 567 GLN A CD   1 
ATOM   241  O OE1  . GLN A 1 15 ? 0.696   -1.317  -5.014  1.00 52.96  ? 567 GLN A OE1  1 
ATOM   242  N NE2  . GLN A 1 15 ? -1.095  0.007   -4.559  1.00 48.72  ? 567 GLN A NE2  1 
ATOM   243  H H    . GLN A 1 15 ? -2.324  -4.545  -4.197  1.00 39.46  ? 567 GLN A H    1 
ATOM   244  H HA   . GLN A 1 15 ? -2.013  -2.140  -3.220  1.00 40.20  ? 567 GLN A HA   1 
ATOM   245  H HB2  . GLN A 1 15 ? -3.295  -3.033  -5.562  1.00 38.78  ? 567 GLN A HB2  1 
ATOM   246  H HB3  . GLN A 1 15 ? -3.311  -1.492  -5.170  1.00 38.78  ? 567 GLN A HB3  1 
ATOM   247  H HG2  . GLN A 1 15 ? -1.001  -2.997  -5.770  1.00 47.49  ? 567 GLN A HG2  1 
ATOM   248  H HG3  . GLN A 1 15 ? -1.602  -1.841  -6.674  1.00 47.49  ? 567 GLN A HG3  1 
ATOM   249  H HE21 . GLN A 1 15 ? -1.943  0.128   -4.629  1.00 58.47  ? 567 GLN A HE21 1 
ATOM   250  H HE22 . GLN A 1 15 ? -0.608  0.597   -4.167  1.00 58.47  ? 567 GLN A HE22 1 
ATOM   251  N N    . LEU A 1 16 ? -4.907  -3.391  -2.861  1.00 26.14  ? 568 LEU A N    1 
ATOM   252  C CA   . LEU A 1 16 ? -6.094  -3.365  -2.011  1.00 26.67  ? 568 LEU A CA   1 
ATOM   253  C C    . LEU A 1 16 ? -5.795  -3.331  -0.490  1.00 33.74  ? 568 LEU A C    1 
ATOM   254  O O    . LEU A 1 16 ? -6.535  -2.695  0.275   1.00 28.12  ? 568 LEU A O    1 
ATOM   255  C CB   . LEU A 1 16 ? -6.983  -4.577  -2.319  1.00 25.29  ? 568 LEU A CB   1 
ATOM   256  C CG   . LEU A 1 16 ? -7.710  -4.534  -3.667  1.00 28.95  ? 568 LEU A CG   1 
ATOM   257  C CD1  . LEU A 1 16 ? -8.339  -5.880  -3.931  1.00 32.55  ? 568 LEU A CD1  1 
ATOM   258  C CD2  . LEU A 1 16 ? -8.794  -3.444  -3.650  1.00 27.61  ? 568 LEU A CD2  1 
ATOM   259  H H    . LEU A 1 16 ? -4.849  -4.100  -3.347  1.00 31.37  ? 568 LEU A H    1 
ATOM   260  H HA   . LEU A 1 16 ? -6.609  -2.561  -2.226  1.00 32.00  ? 568 LEU A HA   1 
ATOM   261  H HB2  . LEU A 1 16 ? -6.429  -5.374  -2.311  1.00 30.35  ? 568 LEU A HB2  1 
ATOM   262  H HB3  . LEU A 1 16 ? -7.658  -4.646  -1.625  1.00 30.35  ? 568 LEU A HB3  1 
ATOM   263  H HG   . LEU A 1 16 ? -7.078  -4.338  -4.377  1.00 34.74  ? 568 LEU A HG   1 
ATOM   264  H HD11 . LEU A 1 16 ? -8.794  -5.851  -4.776  1.00 39.06  ? 568 LEU A HD11 1 
ATOM   265  H HD12 . LEU A 1 16 ? -7.650  -6.547  -3.952  1.00 39.06  ? 568 LEU A HD12 1 
ATOM   266  H HD13 . LEU A 1 16 ? -8.964  -6.076  -3.228  1.00 39.06  ? 568 LEU A HD13 1 
ATOM   267  H HD21 . LEU A 1 16 ? -9.238  -3.432  -4.501  1.00 33.13  ? 568 LEU A HD21 1 
ATOM   268  H HD22 . LEU A 1 16 ? -9.425  -3.642  -2.954  1.00 33.13  ? 568 LEU A HD22 1 
ATOM   269  H HD23 . LEU A 1 16 ? -8.380  -2.594  -3.484  1.00 33.13  ? 568 LEU A HD23 1 
ATOM   270  N N    . THR A 1 17 ? -4.738  -4.013  -0.043  1.00 25.50  ? 569 THR A N    1 
ATOM   271  C CA   . THR A 1 17 ? -4.428  -4.005  1.385   1.00 28.38  ? 569 THR A CA   1 
ATOM   272  C C    . THR A 1 17 ? -3.801  -2.662  1.750   1.00 28.30  ? 569 THR A C    1 
ATOM   273  O O    . THR A 1 17 ? -4.103  -2.113  2.801   1.00 28.91  ? 569 THR A O    1 
ATOM   274  C CB   . THR A 1 17 ? -3.520  -5.203  1.831   1.00 29.31  ? 569 THR A CB   1 
ATOM   275  O OG1  . THR A 1 17 ? -2.253  -5.154  1.158   1.00 25.84  ? 569 THR A OG1  1 
ATOM   276  C CG2  . THR A 1 17 ? -4.229  -6.535  1.548   1.00 20.71  ? 569 THR A CG2  1 
ATOM   277  H H    . THR A 1 17 ? -4.201  -4.474  -0.531  1.00 30.60  ? 569 THR A H    1 
ATOM   278  H HA   . THR A 1 17 ? -5.269  -4.078  1.882   1.00 34.06  ? 569 THR A HA   1 
ATOM   279  H HB   . THR A 1 17 ? -3.370  -5.142  2.787   1.00 35.17  ? 569 THR A HB   1 
ATOM   280  H HG1  . THR A 1 17 ? -2.364  -5.198  0.347   1.00 31.01  ? 569 THR A HG1  1 
ATOM   281  H HG21 . THR A 1 17 ? -3.672  -7.268  1.822   1.00 24.86  ? 569 THR A HG21 1 
ATOM   282  H HG22 . THR A 1 17 ? -5.057  -6.576  2.031   1.00 24.86  ? 569 THR A HG22 1 
ATOM   283  H HG23 . THR A 1 17 ? -4.411  -6.617  0.609   1.00 24.86  ? 569 THR A HG23 1 
ATOM   284  N N    . VAL A 1 18 ? -2.942  -2.139  0.870   1.00 23.76  ? 570 VAL A N    1 
ATOM   285  C CA   . VAL A 1 18 ? -2.419  -0.781  1.003   1.00 22.84  ? 570 VAL A CA   1 
ATOM   286  C C    . VAL A 1 18 ? -3.560  0.271   1.118   1.00 26.16  ? 570 VAL A C    1 
ATOM   287  O O    . VAL A 1 18 ? -3.538  1.126   1.994   1.00 24.97  ? 570 VAL A O    1 
ATOM   288  C CB   . VAL A 1 18 ? -1.419  -0.416  -0.164  1.00 23.00  ? 570 VAL A CB   1 
ATOM   289  C CG1  . VAL A 1 18 ? -1.089  1.088   -0.160  1.00 23.79  ? 570 VAL A CG1  1 
ATOM   290  C CG2  . VAL A 1 18 ? -0.125  -1.232  -0.066  1.00 24.19  ? 570 VAL A CG2  1 
ATOM   291  H H    . VAL A 1 18 ? -2.644  -2.558  0.181   1.00 28.51  ? 570 VAL A H    1 
ATOM   292  H HA   . VAL A 1 18 ? -1.907  -0.737  1.838   1.00 27.41  ? 570 VAL A HA   1 
ATOM   293  H HB   . VAL A 1 18 ? -1.843  -0.628  -1.021  1.00 27.61  ? 570 VAL A HB   1 
ATOM   294  H HG11 . VAL A 1 18 ? -0.481  1.276   -0.879  1.00 28.55  ? 570 VAL A HG11 1 
ATOM   295  H HG12 . VAL A 1 18 ? -1.901  1.587   -0.279  1.00 28.55  ? 570 VAL A HG12 1 
ATOM   296  H HG13 . VAL A 1 18 ? -0.683  1.317   0.680   1.00 28.55  ? 570 VAL A HG13 1 
ATOM   297  H HG21 . VAL A 1 18 ? 0.455   -0.984  -0.789  1.00 29.03  ? 570 VAL A HG21 1 
ATOM   298  H HG22 . VAL A 1 18 ? 0.299   -1.045  0.775   1.00 29.03  ? 570 VAL A HG22 1 
ATOM   299  H HG23 . VAL A 1 18 ? -0.341  -2.166  -0.124  1.00 29.03  ? 570 VAL A HG23 1 
ATOM   300  N N    . TRP A 1 19 ? -4.556  0.190   0.241   1.00 26.18  ? 571 TRP A N    1 
ATOM   301  C CA   . TRP A 1 19 ? -5.703  1.058   0.325   1.00 24.64  ? 571 TRP A CA   1 
ATOM   302  C C    . TRP A 1 19 ? -6.344  0.976   1.733   1.00 26.87  ? 571 TRP A C    1 
ATOM   303  O O    . TRP A 1 19 ? -6.560  2.006   2.372   1.00 28.99  ? 571 TRP A O    1 
ATOM   304  C CB   . TRP A 1 19 ? -6.718  0.706   -0.768  1.00 26.05  ? 571 TRP A CB   1 
ATOM   305  C CG   . TRP A 1 19 ? -7.964  1.549   -0.697  1.00 27.72  ? 571 TRP A CG   1 
ATOM   306  C CD1  . TRP A 1 19 ? -8.188  2.752   -1.314  1.00 24.34  ? 571 TRP A CD1  1 
ATOM   307  C CD2  . TRP A 1 19 ? -9.138  1.257   0.055   1.00 18.57  ? 571 TRP A CD2  1 
ATOM   308  N NE1  . TRP A 1 19 ? -9.435  3.234   -0.971  1.00 31.37  ? 571 TRP A NE1  1 
ATOM   309  C CE2  . TRP A 1 19 ? -10.039 2.335   -0.138  1.00 25.95  ? 571 TRP A CE2  1 
ATOM   310  C CE3  . TRP A 1 19 ? -9.514  0.202   0.879   1.00 21.11  ? 571 TRP A CE3  1 
ATOM   311  C CZ2  . TRP A 1 19 ? -11.301 2.371   0.462   1.00 29.79  ? 571 TRP A CZ2  1 
ATOM   312  C CZ3  . TRP A 1 19 ? -10.781 0.249   1.494   1.00 28.09  ? 571 TRP A CZ3  1 
ATOM   313  C CH2  . TRP A 1 19 ? -11.652 1.322   1.275   1.00 30.47  ? 571 TRP A CH2  1 
ATOM   314  H H    . TRP A 1 19 ? -4.583  -0.367  -0.413  1.00 31.41  ? 571 TRP A H    1 
ATOM   315  H HA   . TRP A 1 19 ? -5.412  1.983   0.180   1.00 29.57  ? 571 TRP A HA   1 
ATOM   316  H HB2  . TRP A 1 19 ? -6.310  0.847   -1.636  1.00 31.26  ? 571 TRP A HB2  1 
ATOM   317  H HB3  . TRP A 1 19 ? -6.979  -0.223  -0.672  1.00 31.26  ? 571 TRP A HB3  1 
ATOM   318  H HD1  . TRP A 1 19 ? -7.580  3.188   -1.866  1.00 29.20  ? 571 TRP A HD1  1 
ATOM   319  H HE1  . TRP A 1 19 ? -9.783  3.969   -1.251  1.00 37.65  ? 571 TRP A HE1  1 
ATOM   320  H HE3  . TRP A 1 19 ? -8.935  -0.508  1.036   1.00 25.33  ? 571 TRP A HE3  1 
ATOM   321  H HZ2  . TRP A 1 19 ? -11.882 3.083   0.318   1.00 35.75  ? 571 TRP A HZ2  1 
ATOM   322  H HZ3  . TRP A 1 19 ? -11.048 -0.451  2.043   1.00 33.71  ? 571 TRP A HZ3  1 
ATOM   323  H HH2  . TRP A 1 19 ? -12.487 1.321   1.683   1.00 36.56  ? 571 TRP A HH2  1 
ATOM   324  N N    . GLY A 1 20 ? -6.627  -0.235  2.219   1.00 27.41  ? 572 GLY A N    1 
ATOM   325  C CA   . GLY A 1 20 ? -7.284  -0.413  3.505   1.00 20.09  ? 572 GLY A CA   1 
ATOM   326  C C    . GLY A 1 20 ? -6.453  0.135   4.663   1.00 25.41  ? 572 GLY A C    1 
ATOM   327  O O    . GLY A 1 20 ? -6.965  0.806   5.558   1.00 23.61  ? 572 GLY A O    1 
ATOM   328  H H    . GLY A 1 20 ? -6.445  -0.973  1.816   1.00 32.89  ? 572 GLY A H    1 
ATOM   329  H HA2  . GLY A 1 20 ? -8.140  0.044   3.496   1.00 24.11  ? 572 GLY A HA2  1 
ATOM   330  H HA3  . GLY A 1 20 ? -7.441  -1.357  3.659   1.00 24.11  ? 572 GLY A HA3  1 
ATOM   331  N N    . ILE A 1 21 ? -5.157  -0.138  4.627   1.00 23.09  ? 573 ILE A N    1 
ATOM   332  C CA   . ILE A 1 21 ? -4.241  0.307   5.653   1.00 24.29  ? 573 ILE A CA   1 
ATOM   333  C C    . ILE A 1 21 ? -4.178  1.850   5.745   1.00 28.22  ? 573 ILE A C    1 
ATOM   334  O O    . ILE A 1 21 ? -4.197  2.387   6.845   1.00 24.71  ? 573 ILE A O    1 
ATOM   335  C CB   . ILE A 1 21 ? -2.813  -0.337  5.466   1.00 25.16  ? 573 ILE A CB   1 
ATOM   336  C CG1  . ILE A 1 21 ? -2.873  -1.843  5.770   1.00 20.61  ? 573 ILE A CG1  1 
ATOM   337  C CG2  . ILE A 1 21 ? -1.778  0.340   6.383   1.00 22.87  ? 573 ILE A CG2  1 
ATOM   338  C CD1  . ILE A 1 21 ? -1.624  -2.663  5.350   1.00 23.61  ? 573 ILE A CD1  1 
ATOM   339  H H    . ILE A 1 21 ? -4.780  -0.591  4.002   1.00 27.71  ? 573 ILE A H    1 
ATOM   340  H HA   . ILE A 1 21 ? -4.582  -0.012  6.515   1.00 29.15  ? 573 ILE A HA   1 
ATOM   341  H HB   . ILE A 1 21 ? -2.536  -0.217  4.543   1.00 30.20  ? 573 ILE A HB   1 
ATOM   342  H HG12 . ILE A 1 21 ? -2.988  -1.958  6.726   1.00 24.73  ? 573 ILE A HG12 1 
ATOM   343  H HG13 . ILE A 1 21 ? -3.636  -2.219  5.305   1.00 24.73  ? 573 ILE A HG13 1 
ATOM   344  H HG21 . ILE A 1 21 ? -0.922  -0.073  6.245   1.00 27.44  ? 573 ILE A HG21 1 
ATOM   345  H HG22 . ILE A 1 21 ? -1.730  1.273   6.164   1.00 27.44  ? 573 ILE A HG22 1 
ATOM   346  H HG23 . ILE A 1 21 ? -2.052  0.231   7.296   1.00 27.44  ? 573 ILE A HG23 1 
ATOM   347  H HD11 . ILE A 1 21 ? -1.763  -3.584  5.582   1.00 28.33  ? 573 ILE A HD11 1 
ATOM   348  H HD12 . ILE A 1 21 ? -1.500  -2.578  4.402   1.00 28.33  ? 573 ILE A HD12 1 
ATOM   349  H HD13 . ILE A 1 21 ? -0.856  -2.320  5.813   1.00 28.33  ? 573 ILE A HD13 1 
ATOM   350  N N    . LYS A 1 22 ? -4.135  2.549   4.608   1.00 27.18  ? 574 LYS A N    1 
ATOM   351  C CA   . LYS A 1 22 ? -4.197  4.022   4.607   1.00 31.46  ? 574 LYS A CA   1 
ATOM   352  C C    . LYS A 1 22 ? -5.533  4.559   5.110   1.00 26.84  ? 574 LYS A C    1 
ATOM   353  O O    . LYS A 1 22 ? -5.563  5.586   5.778   1.00 25.02  ? 574 LYS A O    1 
ATOM   354  C CB   . LYS A 1 22 ? -3.937  4.584   3.210   1.00 28.41  ? 574 LYS A CB   1 
ATOM   355  C CG   . LYS A 1 22 ? -2.465  4.558   2.819   1.00 35.26  ? 574 LYS A CG   1 
ATOM   356  C CD   . LYS A 1 22 ? -2.259  4.256   1.332   1.00 29.44  ? 574 LYS A CD   1 
ATOM   357  C CE   . LYS A 1 22 ? -1.872  5.488   0.505   1.00 50.49  ? 574 LYS A CE   1 
ATOM   358  N NZ   . LYS A 1 22 ? -0.755  5.170   -0.470  1.00 53.27  ? 574 LYS A NZ   1 
ATOM   359  H H    . LYS A 1 22 ? -4.071  2.200   3.825   1.00 32.62  ? 574 LYS A H    1 
ATOM   360  H HA   . LYS A 1 22 ? -3.496  4.364   5.201   1.00 37.75  ? 574 LYS A HA   1 
ATOM   361  H HB2  . LYS A 1 22 ? -4.428  4.055   2.561   1.00 34.09  ? 574 LYS A HB2  1 
ATOM   362  H HB3  . LYS A 1 22 ? -4.239  5.506   3.182   1.00 34.09  ? 574 LYS A HB3  1 
ATOM   363  H HG2  . LYS A 1 22 ? -2.071  5.425   3.006   1.00 42.31  ? 574 LYS A HG2  1 
ATOM   364  H HG3  . LYS A 1 22 ? -2.012  3.869   3.330   1.00 42.31  ? 574 LYS A HG3  1 
ATOM   365  H HD2  . LYS A 1 22 ? -1.549  3.601   1.240   1.00 35.32  ? 574 LYS A HD2  1 
ATOM   366  H HD3  . LYS A 1 22 ? -3.084  3.901   0.966   1.00 35.32  ? 574 LYS A HD3  1 
ATOM   367  H HE2  . LYS A 1 22 ? -2.643  5.788   -0.002  1.00 60.59  ? 574 LYS A HE2  1 
ATOM   368  H HE3  . LYS A 1 22 ? -1.566  6.190   1.101   1.00 60.59  ? 574 LYS A HE3  1 
ATOM   369  H HZ1  . LYS A 1 22 ? -0.545  5.896   -0.939  1.00 63.92  ? 574 LYS A HZ1  1 
ATOM   370  H HZ2  . LYS A 1 22 ? -0.033  4.894   -0.027  1.00 63.92  ? 574 LYS A HZ2  1 
ATOM   371  H HZ3  . LYS A 1 22 ? -1.013  4.528   -1.030  1.00 63.92  ? 574 LYS A HZ3  1 
ATOM   372  N N    . GLN A 1 23 ? -6.636  3.896   4.776   1.00 20.43  ? 575 GLN A N    1 
ATOM   373  C CA   . GLN A 1 23 ? -7.926  4.277   5.324   1.00 27.81  ? 575 GLN A CA   1 
ATOM   374  C C    . GLN A 1 23 ? -7.909  4.164   6.848   1.00 28.85  ? 575 GLN A C    1 
ATOM   375  O O    . GLN A 1 23 ? -8.448  5.019   7.566   1.00 22.73  ? 575 GLN A O    1 
ATOM   376  C CB   . GLN A 1 23 ? -9.047  3.380   4.794   1.00 25.90  ? 575 GLN A CB   1 
ATOM   377  C CG   . GLN A 1 23 ? -9.344  3.562   3.318   1.00 33.61  ? 575 GLN A CG   1 
ATOM   378  C CD   . GLN A 1 23 ? -10.100 4.851   3.012   1.00 42.25  ? 575 GLN A CD   1 
ATOM   379  O OE1  . GLN A 1 23 ? -11.011 5.242   3.753   1.00 37.15  ? 575 GLN A OE1  1 
ATOM   380  N NE2  . GLN A 1 23 ? -9.733  5.514   1.904   1.00 31.52  ? 575 GLN A NE2  1 
ATOM   381  H H    . GLN A 1 23 ? -6.661  3.227   4.236   1.00 24.51  ? 575 GLN A H    1 
ATOM   382  H HA   . GLN A 1 23 ? -8.127  5.205   5.082   1.00 33.38  ? 575 GLN A HA   1 
ATOM   383  H HB2  . GLN A 1 23 ? -8.796  2.454   4.932   1.00 31.08  ? 575 GLN A HB2  1 
ATOM   384  H HB3  . GLN A 1 23 ? -9.861  3.576   5.284   1.00 31.08  ? 575 GLN A HB3  1 
ATOM   385  H HG2  . GLN A 1 23 ? -8.507  3.583   2.829   1.00 40.34  ? 575 GLN A HG2  1 
ATOM   386  H HG3  . GLN A 1 23 ? -9.886  2.817   3.013   1.00 40.34  ? 575 GLN A HG3  1 
ATOM   387  H HE21 . GLN A 1 23 ? -9.100  5.206   1.409   1.00 37.83  ? 575 GLN A HE21 1 
ATOM   388  H HE22 . GLN A 1 23 ? -10.130 6.246   1.689   1.00 37.83  ? 575 GLN A HE22 1 
ATOM   389  N N    . LEU A 1 24 ? -7.301  3.094   7.343   1.00 25.30  ? 576 LEU A N    1 
ATOM   390  C CA   . LEU A 1 24 ? -7.392  2.810   8.762   1.00 27.48  ? 576 LEU A CA   1 
ATOM   391  C C    . LEU A 1 24 ? -6.488  3.776   9.493   1.00 23.82  ? 576 LEU A C    1 
ATOM   392  O O    . LEU A 1 24 ? -6.872  4.292   10.538  1.00 22.68  ? 576 LEU A O    1 
ATOM   393  C CB   . LEU A 1 24 ? -7.063  1.334   9.082   1.00 18.59  ? 576 LEU A CB   1 
ATOM   394  C CG   . LEU A 1 24 ? -8.055  0.301   8.495   1.00 19.60  ? 576 LEU A CG   1 
ATOM   395  C CD1  . LEU A 1 24 ? -7.610  -1.099  8.764   1.00 24.76  ? 576 LEU A CD1  1 
ATOM   396  C CD2  . LEU A 1 24 ? -9.520  0.519   8.951   1.00 22.26  ? 576 LEU A CD2  1 
ATOM   397  H H    . LEU A 1 24 ? -6.841  2.529   6.887   1.00 30.36  ? 576 LEU A H    1 
ATOM   398  H HA   . LEU A 1 24 ? -8.310  2.979   9.059   1.00 32.97  ? 576 LEU A HA   1 
ATOM   399  H HB2  . LEU A 1 24 ? -6.184  1.130   8.726   1.00 22.31  ? 576 LEU A HB2  1 
ATOM   400  H HB3  . LEU A 1 24 ? -7.059  1.221   10.045  1.00 22.31  ? 576 LEU A HB3  1 
ATOM   401  H HG   . LEU A 1 24 ? -8.049  0.410   7.531   1.00 23.52  ? 576 LEU A HG   1 
ATOM   402  H HD11 . LEU A 1 24 ? -8.249  -1.707  8.385   1.00 29.71  ? 576 LEU A HD11 1 
ATOM   403  H HD12 . LEU A 1 24 ? -6.749  -1.235  8.362   1.00 29.71  ? 576 LEU A HD12 1 
ATOM   404  H HD13 . LEU A 1 24 ? -7.553  -1.232  9.713   1.00 29.71  ? 576 LEU A HD13 1 
ATOM   405  H HD21 . LEU A 1 24 ? -10.075 -0.153  8.550   1.00 26.71  ? 576 LEU A HD21 1 
ATOM   406  H HD22 . LEU A 1 24 ? -9.563  0.453   9.907   1.00 26.71  ? 576 LEU A HD22 1 
ATOM   407  H HD23 . LEU A 1 24 ? -9.807  1.392   8.669   1.00 26.71  ? 576 LEU A HD23 1 
ATOM   408  N N    . GLN A 1 25 ? -5.319  4.071   8.929   1.00 25.72  ? 577 GLN A N    1 
ATOM   409  C CA   . GLN A 1 25 ? -4.407  4.976   9.614   1.00 28.76  ? 577 GLN A CA   1 
ATOM   410  C C    . GLN A 1 25 ? -5.017  6.397   9.710   1.00 25.12  ? 577 GLN A C    1 
ATOM   411  O O    . GLN A 1 25 ? -4.947  7.032   10.759  1.00 26.92  ? 577 GLN A O    1 
ATOM   412  C CB   . GLN A 1 25 ? -2.975  4.915   9.016   1.00 26.18  ? 577 GLN A CB   1 
ATOM   413  C CG   . GLN A 1 25 ? -2.467  6.129   8.266   1.00 40.84  ? 577 GLN A CG   1 
ATOM   414  C CD   . GLN A 1 25 ? -2.164  7.350   9.134   1.00 40.43  ? 577 GLN A CD   1 
ATOM   415  O OE1  . GLN A 1 25 ? -2.382  8.478   8.698   1.00 63.26  ? 577 GLN A OE1  1 
ATOM   416  N NE2  . GLN A 1 25 ? -1.659  7.138   10.347  1.00 30.14  ? 577 GLN A NE2  1 
ATOM   417  H H    . GLN A 1 25 ? -5.037  3.769   8.174   1.00 30.86  ? 577 GLN A H    1 
ATOM   418  H HA   . GLN A 1 25 ? -4.325  4.657   10.537  1.00 34.52  ? 577 GLN A HA   1 
ATOM   419  H HB2  . GLN A 1 25 ? -2.354  4.753   9.743   1.00 31.42  ? 577 GLN A HB2  1 
ATOM   420  H HB3  . GLN A 1 25 ? -2.941  4.168   8.399   1.00 31.42  ? 577 GLN A HB3  1 
ATOM   421  H HG2  . GLN A 1 25 ? -1.648  5.887   7.807   1.00 49.00  ? 577 GLN A HG2  1 
ATOM   422  H HG3  . GLN A 1 25 ? -3.138  6.391   7.616   1.00 49.00  ? 577 GLN A HG3  1 
ATOM   423  H HE21 . GLN A 1 25 ? -1.513  6.334   10.619  1.00 36.17  ? 577 GLN A HE21 1 
ATOM   424  H HE22 . GLN A 1 25 ? -1.477  7.803   10.860  1.00 36.17  ? 577 GLN A HE22 1 
ATOM   425  N N    . ALA A 1 26 ? -5.679  6.875   8.662   1.00 23.03  ? 578 ALA A N    1 
ATOM   426  C CA   . ALA A 1 26 ? -6.262  8.208   8.723   1.00 22.88  ? 578 ALA A CA   1 
ATOM   427  C C    . ALA A 1 26 ? -7.369  8.231   9.759   1.00 22.71  ? 578 ALA A C    1 
ATOM   428  O O    . ALA A 1 26 ? -7.583  9.239   10.460  1.00 21.30  ? 578 ALA A O    1 
ATOM   429  C CB   . ALA A 1 26 ? -6.804  8.661   7.339   1.00 16.31  ? 578 ALA A CB   1 
ATOM   430  H H    . ALA A 1 26 ? -5.803  6.457   7.921   1.00 27.64  ? 578 ALA A H    1 
ATOM   431  H HA   . ALA A 1 26 ? -5.573  8.846   9.003   1.00 27.46  ? 578 ALA A HA   1 
ATOM   432  H HB1  . ALA A 1 26 ? -7.178  9.542   7.424   1.00 19.57  ? 578 ALA A HB1  1 
ATOM   433  H HB2  . ALA A 1 26 ? -6.079  8.672   6.709   1.00 19.57  ? 578 ALA A HB2  1 
ATOM   434  H HB3  . ALA A 1 26 ? -7.480  8.044   7.052   1.00 19.57  ? 578 ALA A HB3  1 
ATOM   435  N N    . ARG A 1 27 ? -8.089  7.123   9.853   1.00 19.76  ? 579 ARG A N    1 
ATOM   436  C CA   . ARG A 1 27 ? -9.235  7.064   10.735  1.00 19.57  ? 579 ARG A CA   1 
ATOM   437  C C    . ARG A 1 27 ? -8.795  6.954   12.179  1.00 21.66  ? 579 ARG A C    1 
ATOM   438  O O    . ARG A 1 27 ? -9.376  7.564   13.048  1.00 16.01  ? 579 ARG A O    1 
ATOM   439  C CB   . ARG A 1 27 ? -10.103 5.887   10.366  1.00 20.59  ? 579 ARG A CB   1 
ATOM   440  C CG   . ARG A 1 27 ? -11.016 6.183   9.210   1.00 22.35  ? 579 ARG A CG   1 
ATOM   441  C CD   . ARG A 1 27 ? -12.300 5.487   9.469   1.00 31.40  ? 579 ARG A CD   1 
ATOM   442  N NE   . ARG A 1 27 ? -12.386 4.321   8.669   1.00 33.29  ? 579 ARG A NE   1 
ATOM   443  C CZ   . ARG A 1 27 ? -13.072 3.230   8.959   1.00 29.95  ? 579 ARG A CZ   1 
ATOM   444  N NH1  . ARG A 1 27 ? -13.749 3.082   10.082  1.00 20.36  ? 579 ARG A NH1  1 
ATOM   445  N NH2  . ARG A 1 27 ? -13.070 2.265   8.068   1.00 30.98  ? 579 ARG A NH2  1 
ATOM   446  H H    . ARG A 1 27 ? -7.935  6.398   9.418   1.00 23.71  ? 579 ARG A H    1 
ATOM   447  H HA   . ARG A 1 27 ? -9.766  7.882   10.635  1.00 23.49  ? 579 ARG A HA   1 
ATOM   448  H HB2  . ARG A 1 27 ? -9.536  5.141   10.118  1.00 24.71  ? 579 ARG A HB2  1 
ATOM   449  H HB3  . ARG A 1 27 ? -10.652 5.647   11.129  1.00 24.71  ? 579 ARG A HB3  1 
ATOM   450  H HG2  . ARG A 1 27 ? -11.179 7.137   9.150   1.00 26.81  ? 579 ARG A HG2  1 
ATOM   451  H HG3  . ARG A 1 27 ? -10.632 5.842   8.386   1.00 26.81  ? 579 ARG A HG3  1 
ATOM   452  H HD2  . ARG A 1 27 ? -12.346 5.227   10.402  1.00 37.68  ? 579 ARG A HD2  1 
ATOM   453  H HD3  . ARG A 1 27 ? -13.039 6.074   9.241   1.00 37.68  ? 579 ARG A HD3  1 
ATOM   454  H HE   . ARG A 1 27 ? -11.952 4.324   7.926   1.00 39.95  ? 579 ARG A HE   1 
ATOM   455  H HH11 . ARG A 1 27 ? -13.764 3.717   10.663  1.00 24.43  ? 579 ARG A HH11 1 
ATOM   456  H HH12 . ARG A 1 27 ? -14.178 2.353   10.232  1.00 24.43  ? 579 ARG A HH12 1 
ATOM   457  H HH21 . ARG A 1 27 ? -12.622 2.355   7.339   1.00 37.17  ? 579 ARG A HH21 1 
ATOM   458  H HH22 . ARG A 1 27 ? -13.490 1.531   8.228   1.00 37.17  ? 579 ARG A HH22 1 
ATOM   459  N N    . ILE A 1 28 ? -7.758  6.162   12.438  1.00 23.68  ? 580 ILE A N    1 
ATOM   460  C CA   . ILE A 1 28 ? -7.288  6.052   13.805  1.00 25.44  ? 580 ILE A CA   1 
ATOM   461  C C    . ILE A 1 28 ? -6.675  7.397   14.233  1.00 19.37  ? 580 ILE A C    1 
ATOM   462  O O    . ILE A 1 28 ? -6.839  7.833   15.379  1.00 20.47  ? 580 ILE A O    1 
ATOM   463  C CB   . ILE A 1 28 ? -6.318  4.816   13.987  1.00 30.94  ? 580 ILE A CB   1 
ATOM   464  C CG1  . ILE A 1 28 ? -6.600  4.115   15.306  1.00 42.49  ? 580 ILE A CG1  1 
ATOM   465  C CG2  . ILE A 1 28 ? -4.893  5.214   13.966  1.00 28.02  ? 580 ILE A CG2  1 
ATOM   466  C CD1  . ILE A 1 28 ? -6.162  4.876   16.461  1.00 35.64  ? 580 ILE A CD1  1 
ATOM   467  H H    . ILE A 1 28 ? -7.327  5.695   11.860  1.00 28.42  ? 580 ILE A H    1 
ATOM   468  H HA   . ILE A 1 28 ? -8.064  5.894   14.382  1.00 30.53  ? 580 ILE A HA   1 
ATOM   469  H HB   . ILE A 1 28 ? -6.475  4.191   13.263  1.00 37.13  ? 580 ILE A HB   1 
ATOM   470  H HG12 . ILE A 1 28 ? -7.555  3.970   15.387  1.00 50.98  ? 580 ILE A HG12 1 
ATOM   471  H HG13 . ILE A 1 28 ? -6.135  3.263   15.314  1.00 50.98  ? 580 ILE A HG13 1 
ATOM   472  H HG21 . ILE A 1 28 ? -4.348  4.432   14.079  1.00 33.63  ? 580 ILE A HG21 1 
ATOM   473  H HG22 . ILE A 1 28 ? -4.697  5.630   13.124  1.00 33.63  ? 580 ILE A HG22 1 
ATOM   474  H HG23 . ILE A 1 28 ? -4.731  5.833   14.683  1.00 33.63  ? 580 ILE A HG23 1 
ATOM   475  H HD11 . ILE A 1 28 ? -6.367  4.380   17.257  1.00 42.77  ? 580 ILE A HD11 1 
ATOM   476  H HD12 . ILE A 1 28 ? -5.214  5.019   16.399  1.00 42.77  ? 580 ILE A HD12 1 
ATOM   477  H HD13 . ILE A 1 28 ? -6.621  5.719   16.472  1.00 42.77  ? 580 ILE A HD13 1 
ATOM   478  N N    . LEU A 1 29 ? -6.005  8.068   13.295  1.00 16.10  ? 581 LEU A N    1 
ATOM   479  C CA   . LEU A 1 29 ? -5.389  9.351   13.577  1.00 19.48  ? 581 LEU A CA   1 
ATOM   480  C C    . LEU A 1 29 ? -6.463  10.385  13.944  1.00 19.68  ? 581 LEU A C    1 
ATOM   481  O O    . LEU A 1 29 ? -6.291  11.129  14.881  1.00 21.30  ? 581 LEU A O    1 
ATOM   482  C CB   . LEU A 1 29 ? -4.524  9.817   12.390  1.00 20.91  ? 581 LEU A CB   1 
ATOM   483  C CG   . LEU A 1 29 ? -3.774  11.163  12.526  1.00 27.05  ? 581 LEU A CG   1 
ATOM   484  C CD1  . LEU A 1 29 ? -2.751  11.163  13.698  1.00 18.48  ? 581 LEU A CD1  1 
ATOM   485  C CD2  . LEU A 1 29 ? -3.061  11.523  11.200  1.00 24.50  ? 581 LEU A CD2  1 
ATOM   486  H H    . LEU A 1 29 ? -5.896  7.796   12.486  1.00 19.32  ? 581 LEU A H    1 
ATOM   487  H HA   . LEU A 1 29 ? -4.798  9.250   14.353  1.00 23.37  ? 581 LEU A HA   1 
ATOM   488  H HB2  . LEU A 1 29 ? -3.855  9.136   12.222  1.00 25.09  ? 581 LEU A HB2  1 
ATOM   489  H HB3  . LEU A 1 29 ? -5.100  9.892   11.613  1.00 25.09  ? 581 LEU A HB3  1 
ATOM   490  H HG   . LEU A 1 29 ? -4.423  11.860  12.706  1.00 32.46  ? 581 LEU A HG   1 
ATOM   491  H HD11 . LEU A 1 29 ? -2.318  12.019  13.734  1.00 22.18  ? 581 LEU A HD11 1 
ATOM   492  H HD12 . LEU A 1 29 ? -3.219  10.998  14.520  1.00 22.18  ? 581 LEU A HD12 1 
ATOM   493  H HD13 . LEU A 1 29 ? -2.102  10.472  13.546  1.00 22.18  ? 581 LEU A HD13 1 
ATOM   494  H HD21 . LEU A 1 29 ? -2.603  12.359  11.309  1.00 29.40  ? 581 LEU A HD21 1 
ATOM   495  H HD22 . LEU A 1 29 ? -2.432  10.830  10.986  1.00 29.40  ? 581 LEU A HD22 1 
ATOM   496  H HD23 . LEU A 1 29 ? -3.717  11.596  10.503  1.00 29.40  ? 581 LEU A HD23 1 
ATOM   497  N N    . ALA A 1 30 ? -7.573  10.401  13.218  1.00 17.21  ? 582 ALA A N    1 
ATOM   498  C CA   . ALA A 1 30 ? -8.664  11.325  13.478  1.00 17.67  ? 582 ALA A CA   1 
ATOM   499  C C    . ALA A 1 30 ? -9.299  11.085  14.869  1.00 25.71  ? 582 ALA A C    1 
ATOM   500  O O    . ALA A 1 30 ? -9.708  12.036  15.563  1.00 19.73  ? 582 ALA A O    1 
ATOM   501  C CB   . ALA A 1 30 ? -9.742  11.227  12.355  1.00 13.13  ? 582 ALA A CB   1 
ATOM   502  H H    . ALA A 1 30 ? -7.720  9.874   12.555  1.00 20.65  ? 582 ALA A H    1 
ATOM   503  H HA   . ALA A 1 30 ? -8.309  12.238  13.468  1.00 21.20  ? 582 ALA A HA   1 
ATOM   504  H HB1  . ALA A 1 30 ? -10.451 11.845  12.548  1.00 15.75  ? 582 ALA A HB1  1 
ATOM   505  H HB2  . ALA A 1 30 ? -9.336  11.446  11.513  1.00 15.75  ? 582 ALA A HB2  1 
ATOM   506  H HB3  . ALA A 1 30 ? -10.086 10.332  12.330  1.00 15.75  ? 582 ALA A HB3  1 
ATOM   507  N N    . VAL A 1 31 ? -9.374  9.824   15.278  1.00 16.43  ? 583 VAL A N    1 
ATOM   508  C CA   . VAL A 1 31 ? -9.849  9.486   16.620  1.00 18.20  ? 583 VAL A CA   1 
ATOM   509  C C    . VAL A 1 31 ? -8.871  9.934   17.735  1.00 16.56  ? 583 VAL A C    1 
ATOM   510  O O    . VAL A 1 31 ? -9.303  10.479  18.745  1.00 21.37  ? 583 VAL A O    1 
ATOM   511  C CB   . VAL A 1 31 ? -10.109 7.967   16.743  1.00 19.65  ? 583 VAL A CB   1 
ATOM   512  C CG1  . VAL A 1 31 ? -10.103 7.545   18.223  1.00 21.19  ? 583 VAL A CG1  1 
ATOM   513  C CG2  . VAL A 1 31 ? -11.427 7.607   16.079  1.00 20.80  ? 583 VAL A CG2  1 
ATOM   514  H H    . VAL A 1 31 ? -9.155  9.144   14.799  1.00 19.72  ? 583 VAL A H    1 
ATOM   515  H HA   . VAL A 1 31 ? -10.701 9.946   16.773  1.00 21.84  ? 583 VAL A HA   1 
ATOM   516  H HB   . VAL A 1 31 ? -9.394  7.480   16.284  1.00 23.58  ? 583 VAL A HB   1 
ATOM   517  H HG11 . VAL A 1 31 ? -10.266 6.601   18.279  1.00 25.43  ? 583 VAL A HG11 1 
ATOM   518  H HG12 . VAL A 1 31 ? -9.246  7.753   18.602  1.00 25.43  ? 583 VAL A HG12 1 
ATOM   519  H HG13 . VAL A 1 31 ? -10.792 8.025   18.688  1.00 25.43  ? 583 VAL A HG13 1 
ATOM   520  H HG21 . VAL A 1 31 ? -11.571 6.661   16.166  1.00 24.96  ? 583 VAL A HG21 1 
ATOM   521  H HG22 . VAL A 1 31 ? -12.135 8.087   16.513  1.00 24.96  ? 583 VAL A HG22 1 
ATOM   522  H HG23 . VAL A 1 31 ? -11.385 7.848   15.152  1.00 24.96  ? 583 VAL A HG23 1 
ATOM   523  N N    . GLU A 1 32 ? -7.573  9.696   17.557  1.00 16.81  ? 584 GLU A N    1 
ATOM   524  C CA   . GLU A 1 32 ? -6.565  10.104  18.534  1.00 19.60  ? 584 GLU A CA   1 
ATOM   525  C C    . GLU A 1 32 ? -6.634  11.620  18.745  1.00 20.71  ? 584 GLU A C    1 
ATOM   526  O O    . GLU A 1 32 ? -6.597  12.098  19.875  1.00 21.65  ? 584 GLU A O    1 
ATOM   527  C CB   . GLU A 1 32 ? -5.151  9.711   18.051  1.00 18.80  ? 584 GLU A CB   1 
ATOM   528  C CG   . GLU A 1 32 ? -4.861  8.184   18.080  1.00 22.25  ? 584 GLU A CG   1 
ATOM   529  C CD   . GLU A 1 32 ? -3.657  7.753   17.218  1.00 26.95  ? 584 GLU A CD   1 
ATOM   530  O OE1  . GLU A 1 32 ? -3.035  6.716   17.546  1.00 18.83  ? 584 GLU A OE1  1 
ATOM   531  O OE2  . GLU A 1 32 ? -3.319  8.442   16.230  1.00 23.64  ? 584 GLU A OE2  1 
ATOM   532  H H    . GLU A 1 32 ? -7.247  9.295   16.869  1.00 20.17  ? 584 GLU A H    1 
ATOM   533  H HA   . GLU A 1 32 ? -6.737  9.661   19.391  1.00 23.52  ? 584 GLU A HA   1 
ATOM   534  H HB2  . GLU A 1 32 ? -5.040  10.014  17.137  1.00 22.56  ? 584 GLU A HB2  1 
ATOM   535  H HB3  . GLU A 1 32 ? -4.496  10.145  18.620  1.00 22.56  ? 584 GLU A HB3  1 
ATOM   536  H HG2  . GLU A 1 32 ? -4.679  7.920   18.995  1.00 26.69  ? 584 GLU A HG2  1 
ATOM   537  H HG3  . GLU A 1 32 ? -5.643  7.713   17.753  1.00 26.69  ? 584 GLU A HG3  1 
ATOM   538  N N    . ARG A 1 33 ? -6.768  12.355  17.641  1.00 16.88  ? 585 ARG A N    1 
ATOM   539  C CA   . ARG A 1 33 ? -6.846  13.811  17.648  1.00 23.26  ? 585 ARG A CA   1 
ATOM   540  C C    . ARG A 1 33 ? -8.109  14.297  18.327  1.00 21.69  ? 585 ARG A C    1 
ATOM   541  O O    . ARG A 1 33 ? -8.086  15.241  19.114  1.00 24.89  ? 585 ARG A O    1 
ATOM   542  C CB   . ARG A 1 33 ? -6.818  14.314  16.212  1.00 20.66  ? 585 ARG A CB   1 
ATOM   543  C CG   . ARG A 1 33 ? -5.410  14.429  15.683  1.00 23.98  ? 585 ARG A CG   1 
ATOM   544  C CD   . ARG A 1 33 ? -5.354  14.685  14.199  1.00 20.73  ? 585 ARG A CD   1 
ATOM   545  N NE   . ARG A 1 33 ? -3.965  14.882  13.789  1.00 20.90  ? 585 ARG A NE   1 
ATOM   546  C CZ   . ARG A 1 33 ? -3.538  14.871  12.530  1.00 18.89  ? 585 ARG A CZ   1 
ATOM   547  N NH1  . ARG A 1 33 ? -4.398  14.702  11.514  1.00 18.39  ? 585 ARG A NH1  1 
ATOM   548  N NH2  . ARG A 1 33 ? -2.249  15.035  12.285  1.00 19.46  ? 585 ARG A NH2  1 
ATOM   549  H H    . ARG A 1 33 ? -6.818  12.017  16.852  1.00 20.26  ? 585 ARG A H    1 
ATOM   550  H HA   . ARG A 1 33 ? -6.073  14.179  18.124  1.00 27.91  ? 585 ARG A HA   1 
ATOM   551  H HB2  . ARG A 1 33 ? -7.305  13.694  15.647  1.00 24.79  ? 585 ARG A HB2  1 
ATOM   552  H HB3  . ARG A 1 33 ? -7.228  15.193  16.175  1.00 24.79  ? 585 ARG A HB3  1 
ATOM   553  H HG2  . ARG A 1 33 ? -4.965  15.166  16.130  1.00 28.77  ? 585 ARG A HG2  1 
ATOM   554  H HG3  . ARG A 1 33 ? -4.939  13.601  15.861  1.00 28.77  ? 585 ARG A HG3  1 
ATOM   555  H HD2  . ARG A 1 33 ? -5.712  13.920  13.723  1.00 24.88  ? 585 ARG A HD2  1 
ATOM   556  H HD3  . ARG A 1 33 ? -5.857  15.487  13.986  1.00 24.88  ? 585 ARG A HD3  1 
ATOM   557  H HE   . ARG A 1 33 ? -3.382  15.016  14.407  1.00 25.08  ? 585 ARG A HE   1 
ATOM   558  H HH11 . ARG A 1 33 ? -5.236  14.589  11.674  1.00 22.07  ? 585 ARG A HH11 1 
ATOM   559  H HH12 . ARG A 1 33 ? -4.111  14.701  10.704  1.00 22.07  ? 585 ARG A HH12 1 
ATOM   560  H HH21 . ARG A 1 33 ? -1.699  15.151  12.936  1.00 23.35  ? 585 ARG A HH21 1 
ATOM   561  H HH22 . ARG A 1 33 ? -1.964  15.043  11.474  1.00 23.35  ? 585 ARG A HH22 1 
ATOM   562  N N    . TYR A 1 34 ? -9.222  13.646  18.017  1.00 20.18  ? 586 TYR A N    1 
ATOM   563  C CA   . TYR A 1 34 ? -10.462 13.938  18.683  1.00 22.72  ? 586 TYR A CA   1 
ATOM   564  C C    . TYR A 1 34 ? -10.311 13.786  20.217  1.00 25.90  ? 586 TYR A C    1 
ATOM   565  O O    . TYR A 1 34 ? -10.674 14.665  20.968  1.00 24.50  ? 586 TYR A O    1 
ATOM   566  C CB   . TYR A 1 34 ? -11.543 13.010  18.166  1.00 21.90  ? 586 TYR A CB   1 
ATOM   567  C CG   . TYR A 1 34 ? -12.850 13.208  18.871  1.00 26.55  ? 586 TYR A CG   1 
ATOM   568  C CD1  . TYR A 1 34 ? -13.737 14.209  18.481  1.00 28.89  ? 586 TYR A CD1  1 
ATOM   569  C CD2  . TYR A 1 34 ? -13.204 12.386  19.928  1.00 20.91  ? 586 TYR A CD2  1 
ATOM   570  C CE1  . TYR A 1 34 ? -14.960 14.382  19.144  1.00 28.04  ? 586 TYR A CE1  1 
ATOM   571  C CE2  . TYR A 1 34 ? -14.396 12.530  20.577  1.00 27.48  ? 586 TYR A CE2  1 
ATOM   572  C CZ   . TYR A 1 34 ? -15.278 13.514  20.194  1.00 38.03  ? 586 TYR A CZ   1 
ATOM   573  O OH   . TYR A 1 34 ? -16.458 13.598  20.891  1.00 41.18  ? 586 TYR A OH   1 
ATOM   574  H H    . TYR A 1 34 ? -9.277  13.029  17.421  1.00 24.22  ? 586 TYR A H    1 
ATOM   575  H HA   . TYR A 1 34 ? -10.727 14.862  18.488  1.00 27.27  ? 586 TYR A HA   1 
ATOM   576  H HB2  . TYR A 1 34 ? -11.681 13.178  17.222  1.00 26.27  ? 586 TYR A HB2  1 
ATOM   577  H HB3  . TYR A 1 34 ? -11.262 12.091  18.303  1.00 26.27  ? 586 TYR A HB3  1 
ATOM   578  H HD1  . TYR A 1 34 ? -13.513 14.772  17.774  1.00 34.67  ? 586 TYR A HD1  1 
ATOM   579  H HD2  . TYR A 1 34 ? -12.622 11.709  20.191  1.00 25.10  ? 586 TYR A HD2  1 
ATOM   580  H HE1  . TYR A 1 34 ? -15.556 15.045  18.879  1.00 33.65  ? 586 TYR A HE1  1 
ATOM   581  H HE2  . TYR A 1 34 ? -14.613 11.961  21.280  1.00 32.98  ? 586 TYR A HE2  1 
ATOM   582  H HH   . TYR A 1 34 ? -16.304 13.736  21.685  1.00 49.42  ? 586 TYR A HH   1 
ATOM   583  N N    . LEU A 1 35 ? -9.721  12.692  20.671  1.00 23.13  ? 587 LEU A N    1 
ATOM   584  C CA   . LEU A 1 35 ? -9.600  12.450  22.103  1.00 28.52  ? 587 LEU A CA   1 
ATOM   585  C C    . LEU A 1 35 ? -8.675  13.480  22.753  1.00 27.90  ? 587 LEU A C    1 
ATOM   586  O O    . LEU A 1 35 ? -8.938  13.972  23.854  1.00 28.64  ? 587 LEU A O    1 
ATOM   587  C CB   . LEU A 1 35 ? -9.107  11.023  22.350  1.00 22.55  ? 587 LEU A CB   1 
ATOM   588  C CG   . LEU A 1 35 ? -10.085 9.924   21.900  1.00 22.11  ? 587 LEU A CG   1 
ATOM   589  C CD1  . LEU A 1 35 ? -9.432  8.562   22.064  1.00 24.42  ? 587 LEU A CD1  1 
ATOM   590  C CD2  . LEU A 1 35 ? -11.368 10.016  22.725  1.00 27.41  ? 587 LEU A CD2  1 
ATOM   591  H H    . LEU A 1 35 ? -9.384  12.075  20.177  1.00 27.76  ? 587 LEU A H    1 
ATOM   592  H HA   . LEU A 1 35 ? -10.484 12.538  22.515  1.00 34.23  ? 587 LEU A HA   1 
ATOM   593  H HB2  . LEU A 1 35 ? -8.276  10.894  21.865  1.00 27.06  ? 587 LEU A HB2  1 
ATOM   594  H HB3  . LEU A 1 35 ? -8.951  10.909  23.300  1.00 27.06  ? 587 LEU A HB3  1 
ATOM   595  H HG   . LEU A 1 35 ? -10.310 10.051  20.966  1.00 26.54  ? 587 LEU A HG   1 
ATOM   596  H HD11 . LEU A 1 35 ? -10.050 7.883   21.781  1.00 29.30  ? 587 LEU A HD11 1 
ATOM   597  H HD12 . LEU A 1 35 ? -8.640  8.529   21.523  1.00 29.30  ? 587 LEU A HD12 1 
ATOM   598  H HD13 . LEU A 1 35 ? -9.204  8.434   22.987  1.00 29.30  ? 587 LEU A HD13 1 
ATOM   599  H HD21 . LEU A 1 35 ? -11.973 9.327   22.440  1.00 32.90  ? 587 LEU A HD21 1 
ATOM   600  H HD22 . LEU A 1 35 ? -11.151 9.898   23.653  1.00 32.90  ? 587 LEU A HD22 1 
ATOM   601  H HD23 . LEU A 1 35 ? -11.765 10.879  22.590  1.00 32.90  ? 587 LEU A HD23 1 
ATOM   602  N N    . LYS A 1 36 ? -7.622  13.835  22.034  1.00 24.08  ? 588 LYS A N    1 
ATOM   603  C CA   . LYS A 1 36 ? -6.665  14.828  22.481  1.00 28.29  ? 588 LYS A CA   1 
ATOM   604  C C    . LYS A 1 36 ? -7.340  16.188  22.582  1.00 34.04  ? 588 LYS A C    1 
ATOM   605  O O    . LYS A 1 36 ? -7.147  16.922  23.564  1.00 30.64  ? 588 LYS A O    1 
ATOM   606  C CB   . LYS A 1 36 ? -5.462  14.873  21.516  1.00 29.88  ? 588 LYS A CB   1 
ATOM   607  C CG   . LYS A 1 36 ? -4.570  16.102  21.688  1.00 44.35  ? 588 LYS A CG   1 
ATOM   608  C CD   . LYS A 1 36 ? -3.189  15.870  21.094  1.00 52.75  ? 588 LYS A CD   1 
ATOM   609  C CE   . LYS A 1 36 ? -2.522  17.171  20.622  1.00 63.97  ? 588 LYS A CE   1 
ATOM   610  N NZ   . LYS A 1 36 ? -1.138  16.909  20.094  1.00 53.96  ? 588 LYS A NZ   1 
ATOM   611  H H    . LYS A 1 36 ? -7.439  13.504  21.262  1.00 28.89  ? 588 LYS A H    1 
ATOM   612  H HA   . LYS A 1 36 ? -6.336  14.583  23.371  1.00 33.95  ? 588 LYS A HA   1 
ATOM   613  H HB2  . LYS A 1 36 ? -4.915  14.087  21.665  1.00 35.86  ? 588 LYS A HB2  1 
ATOM   614  H HB3  . LYS A 1 36 ? -5.795  14.874  20.605  1.00 35.86  ? 588 LYS A HB3  1 
ATOM   615  H HG2  . LYS A 1 36 ? -4.974  16.858  21.233  1.00 53.22  ? 588 LYS A HG2  1 
ATOM   616  H HG3  . LYS A 1 36 ? -4.468  16.294  22.633  1.00 53.22  ? 588 LYS A HG3  1 
ATOM   617  H HD2  . LYS A 1 36 ? -2.619  15.467  21.768  1.00 63.31  ? 588 LYS A HD2  1 
ATOM   618  H HD3  . LYS A 1 36 ? -3.269  15.278  20.330  1.00 63.31  ? 588 LYS A HD3  1 
ATOM   619  H HE2  . LYS A 1 36 ? -3.051  17.564  19.910  1.00 76.77  ? 588 LYS A HE2  1 
ATOM   620  H HE3  . LYS A 1 36 ? -2.453  17.786  21.369  1.00 76.77  ? 588 LYS A HE3  1 
ATOM   621  H HZ1  . LYS A 1 36 ? -0.765  17.672  19.825  1.00 64.75  ? 588 LYS A HZ1  1 
ATOM   622  H HZ2  . LYS A 1 36 ? -0.632  16.550  20.732  1.00 64.75  ? 588 LYS A HZ2  1 
ATOM   623  H HZ3  . LYS A 1 36 ? -1.177  16.348  19.405  1.00 64.75  ? 588 LYS A HZ3  1 
ATOM   624  N N    . ASP A 1 37 ? -8.169  16.504  21.590  1.00 27.98  ? 589 ASP A N    1 
ATOM   625  C CA   . ASP A 1 37 ? -8.874  17.795  21.572  1.00 27.67  ? 589 ASP A CA   1 
ATOM   626  C C    . ASP A 1 37 ? -9.935  17.913  22.678  1.00 29.23  ? 589 ASP A C    1 
ATOM   627  O O    . ASP A 1 37 ? -10.247 18.997  23.130  1.00 34.64  ? 589 ASP A O    1 
ATOM   628  C CB   . ASP A 1 37 ? -9.566  18.017  20.214  1.00 24.52  ? 589 ASP A CB   1 
ATOM   629  C CG   . ASP A 1 37 ? -8.581  18.204  19.067  1.00 24.85  ? 589 ASP A CG   1 
ATOM   630  O OD1  . ASP A 1 37 ? -7.356  18.297  19.319  1.00 26.90  ? 589 ASP A OD1  1 
ATOM   631  O OD2  . ASP A 1 37 ? -9.050  18.267  17.916  1.00 23.62  ? 589 ASP A OD2  1 
ATOM   632  H H    . ASP A 1 37 ? -8.344  15.996  20.919  1.00 33.57  ? 589 ASP A H    1 
ATOM   633  H HA   . ASP A 1 37 ? -8.222  18.515  21.701  1.00 33.20  ? 589 ASP A HA   1 
ATOM   634  H HB2  . ASP A 1 37 ? -10.119 17.246  20.012  1.00 29.42  ? 589 ASP A HB2  1 
ATOM   635  H HB3  . ASP A 1 37 ? -10.116 18.815  20.268  1.00 29.42  ? 589 ASP A HB3  1 
ATOM   636  N N    . GLN A 1 38 ? -10.516 16.784  23.053  1.00 28.66  ? 590 GLN A N    1 
ATOM   637  C CA   . GLN A 1 38 ? -11.553 16.726  24.061  1.00 32.01  ? 590 GLN A CA   1 
ATOM   638  C C    . GLN A 1 38 ? -10.968 17.008  25.470  1.00 40.75  ? 590 GLN A C    1 
ATOM   639  O O    . GLN A 1 38 ? -11.616 17.636  26.310  1.00 42.16  ? 590 GLN A O    1 
ATOM   640  C CB   . GLN A 1 38 ? -12.207 15.342  24.019  1.00 35.69  ? 590 GLN A CB   1 
ATOM   641  C CG   . GLN A 1 38 ? -13.571 15.268  23.383  1.00 35.50  ? 590 GLN A CG   1 
ATOM   642  C CD   . GLN A 1 38 ? -14.467 14.263  24.134  1.00 67.76  ? 590 GLN A CD   1 
ATOM   643  O OE1  . GLN A 1 38 ? -14.005 13.187  24.566  1.00 60.64  ? 590 GLN A OE1  1 
ATOM   644  N NE2  . GLN A 1 38 ? -15.740 14.628  24.323  1.00 72.50  ? 590 GLN A NE2  1 
ATOM   645  H H    . GLN A 1 38 ? -10.316 16.015  22.727  1.00 34.39  ? 590 GLN A H    1 
ATOM   646  H HA   . GLN A 1 38 ? -12.238 17.400  23.866  1.00 38.41  ? 590 GLN A HA   1 
ATOM   647  H HB2  . GLN A 1 38 ? -11.625 14.746  23.521  1.00 42.83  ? 590 GLN A HB2  1 
ATOM   648  H HB3  . GLN A 1 38 ? -12.295 15.020  24.929  1.00 42.83  ? 590 GLN A HB3  1 
ATOM   649  H HG2  . GLN A 1 38 ? -13.992 16.140  23.421  1.00 42.60  ? 590 GLN A HG2  1 
ATOM   650  H HG3  . GLN A 1 38 ? -13.483 14.973  22.464  1.00 42.60  ? 590 GLN A HG3  1 
ATOM   651  H HE21 . GLN A 1 38 ? -16.017 15.388  24.032  1.00 87.00  ? 590 GLN A HE21 1 
ATOM   652  H HE22 . GLN A 1 38 ? -16.281 14.102  24.736  1.00 87.00  ? 590 GLN A HE22 1 
HETATM 653  N N    . NH2 A 1 39 ? -9.729  16.581  25.702  1.00 31.38  ? 591 NH2 A N    1 
HETATM 654  C C    . ACE B 2 1  ? 11.796  3.780   11.598  1.00 88.26  ? 625 ACE B C    1 
HETATM 655  O O    . ACE B 2 1  ? 12.184  3.179   12.598  1.00 97.20  ? 625 ACE B O    1 
HETATM 656  C CH3  . ACE B 2 1  ? 12.763  4.128   10.469  1.00 76.25  ? 625 ACE B CH3  1 
ATOM   657  N N    . MET B 2 2  ? 10.524  4.116   11.414  1.00 71.12  ? 626 MET B N    1 
ATOM   658  C CA   . MET B 2 2  ? 10.043  4.602   10.134  1.00 59.95  ? 626 MET B CA   1 
ATOM   659  C C    . MET B 2 2  ? 8.770   5.398   10.350  1.00 47.16  ? 626 MET B C    1 
ATOM   660  O O    . MET B 2 2  ? 8.010   5.095   11.254  1.00 47.76  ? 626 MET B O    1 
ATOM   661  C CB   . MET B 2 2  ? 9.773   3.406   9.215   1.00 50.95  ? 626 MET B CB   1 
ATOM   662  C CG   . MET B 2 2  ? 9.016   3.757   7.935   1.00 53.58  ? 626 MET B CG   1 
ATOM   663  S SD   . MET B 2 2  ? 8.695   2.312   6.915   1.00 49.18  ? 626 MET B SD   1 
ATOM   664  C CE   . MET B 2 2  ? 9.994   2.477   5.698   1.00 56.56  ? 626 MET B CE   1 
ATOM   665  H H    . MET B 2 2  ? 9.919   4.070   12.021  1.00 85.35  ? 626 MET B H    1 
ATOM   666  H HA   . MET B 2 2  ? 10.724  5.171   9.719   1.00 71.95  ? 626 MET B HA   1 
ATOM   667  H HB2  . MET B 2 2  ? 10.623  3.014   8.957   1.00 61.14  ? 626 MET B HB2  1 
ATOM   668  H HB3  . MET B 2 2  ? 9.245   2.754   9.700   1.00 61.14  ? 626 MET B HB3  1 
ATOM   669  H HG2  . MET B 2 2  ? 8.164   4.155   8.169   1.00 64.30  ? 626 MET B HG2  1 
ATOM   670  H HG3  . MET B 2 2  ? 9.545   4.381   7.413   1.00 64.30  ? 626 MET B HG3  1 
ATOM   671  H HE1  . MET B 2 2  ? 9.935   1.748   5.077   1.00 67.88  ? 626 MET B HE1  1 
ATOM   672  H HE2  . MET B 2 2  ? 9.886   3.312   5.237   1.00 67.88  ? 626 MET B HE2  1 
ATOM   673  H HE3  . MET B 2 2  ? 10.845  2.457   6.145   1.00 67.88  ? 626 MET B HE3  1 
ATOM   674  N N    . THR B 2 3  ? 8.536   6.413   9.521   1.00 51.46  ? 627 THR B N    1 
ATOM   675  C CA   . THR B 2 3  ? 7.307   7.202   9.605   1.00 44.84  ? 627 THR B CA   1 
ATOM   676  C C    . THR B 2 3  ? 6.288   6.766   8.534   1.00 45.30  ? 627 THR B C    1 
ATOM   677  O O    . THR B 2 3  ? 6.587   5.942   7.673   1.00 45.24  ? 627 THR B O    1 
ATOM   678  C CB   . THR B 2 3  ? 7.591   8.722   9.450   1.00 58.39  ? 627 THR B CB   1 
ATOM   679  O OG1  . THR B 2 3  ? 7.678   9.070   8.064   1.00 62.32  ? 627 THR B OG1  1 
ATOM   680  C CG2  . THR B 2 3  ? 8.887   9.090   10.130  1.00 65.49  ? 627 THR B CG2  1 
ATOM   681  H H    . THR B 2 3  ? 9.074   6.666   8.900   1.00 61.76  ? 627 THR B H    1 
ATOM   682  H HA   . THR B 2 3  ? 6.898   7.060   10.484  1.00 53.80  ? 627 THR B HA   1 
ATOM   683  H HB   . THR B 2 3  ? 6.873   9.228   9.865   1.00 70.07  ? 627 THR B HB   1 
ATOM   684  H HG1  . THR B 2 3  ? 7.827   9.872   7.984   1.00 74.78  ? 627 THR B HG1  1 
ATOM   685  H HG21 . THR B 2 3  ? 9.055   10.030  10.029  1.00 78.59  ? 627 THR B HG21 1 
ATOM   686  H HG22 . THR B 2 3  ? 8.839   8.879   11.065  1.00 78.59  ? 627 THR B HG22 1 
ATOM   687  H HG23 . THR B 2 3  ? 9.613   8.600   9.737   1.00 78.59  ? 627 THR B HG23 1 
ATOM   688  N N    . TRP B 2 4  ? 5.090   7.335   8.584   1.00 44.01  ? 628 TRP B N    1 
ATOM   689  C CA   . TRP B 2 4  ? 4.082   7.044   7.577   1.00 47.43  ? 628 TRP B CA   1 
ATOM   690  C C    . TRP B 2 4  ? 4.383   7.763   6.263   1.00 51.07  ? 628 TRP B C    1 
ATOM   691  O O    . TRP B 2 4  ? 3.826   7.429   5.219   1.00 51.75  ? 628 TRP B O    1 
ATOM   692  C CB   . TRP B 2 4  ? 2.675   7.373   8.104   1.00 35.61  ? 628 TRP B CB   1 
ATOM   693  C CG   . TRP B 2 4  ? 2.219   6.300   9.026   1.00 33.44  ? 628 TRP B CG   1 
ATOM   694  C CD1  . TRP B 2 4  ? 2.373   6.267   10.381  1.00 37.73  ? 628 TRP B CD1  1 
ATOM   695  C CD2  . TRP B 2 4  ? 1.593   5.060   8.660   1.00 30.12  ? 628 TRP B CD2  1 
ATOM   696  N NE1  . TRP B 2 4  ? 1.859   5.090   10.892  1.00 32.08  ? 628 TRP B NE1  1 
ATOM   697  C CE2  . TRP B 2 4  ? 1.378   4.333   9.858   1.00 26.86  ? 628 TRP B CE2  1 
ATOM   698  C CE3  . TRP B 2 4  ? 1.192   4.492   7.442   1.00 30.28  ? 628 TRP B CE3  1 
ATOM   699  C CZ2  . TRP B 2 4  ? 0.785   3.078   9.866   1.00 24.95  ? 628 TRP B CZ2  1 
ATOM   700  C CZ3  . TRP B 2 4  ? 0.599   3.246   7.453   1.00 27.75  ? 628 TRP B CZ3  1 
ATOM   701  C CH2  . TRP B 2 4  ? 0.400   2.548   8.654   1.00 24.04  ? 628 TRP B CH2  1 
ATOM   702  H H    . TRP B 2 4  ? 4.837   7.890   9.189   1.00 52.81  ? 628 TRP B H    1 
ATOM   703  H HA   . TRP B 2 4  ? 4.105   6.082   7.391   1.00 56.92  ? 628 TRP B HA   1 
ATOM   704  H HB2  . TRP B 2 4  ? 2.698   8.211   8.591   1.00 42.73  ? 628 TRP B HB2  1 
ATOM   705  H HB3  . TRP B 2 4  ? 2.054   7.427   7.361   1.00 42.73  ? 628 TRP B HB3  1 
ATOM   706  H HD1  . TRP B 2 4  ? 2.756   6.945   10.888  1.00 45.28  ? 628 TRP B HD1  1 
ATOM   707  H HE1  . TRP B 2 4  ? 1.845   4.868   11.724  1.00 38.49  ? 628 TRP B HE1  1 
ATOM   708  H HE3  . TRP B 2 4  ? 1.327   4.945   6.641   1.00 36.34  ? 628 TRP B HE3  1 
ATOM   709  H HZ2  . TRP B 2 4  ? 0.644   2.616   10.660  1.00 29.94  ? 628 TRP B HZ2  1 
ATOM   710  H HZ3  . TRP B 2 4  ? 0.326   2.861   6.651   1.00 33.31  ? 628 TRP B HZ3  1 
ATOM   711  H HH2  . TRP B 2 4  ? -0.010  1.714   8.633   1.00 28.85  ? 628 TRP B HH2  1 
ATOM   712  N N    . GLU B 2 5  ? 5.272   8.745   6.313   1.00 53.69  ? 629 GLU B N    1 
ATOM   713  C CA   . GLU B 2 5  ? 5.664   9.447   5.103   1.00 54.51  ? 629 GLU B CA   1 
ATOM   714  C C    . GLU B 2 5  ? 6.711   8.631   4.371   1.00 40.78  ? 629 GLU B C    1 
ATOM   715  O O    . GLU B 2 5  ? 6.666   8.530   3.151   1.00 46.04  ? 629 GLU B O    1 
ATOM   716  C CB   . GLU B 2 5  ? 6.207   10.832  5.435   1.00 62.94  ? 629 GLU B CB   1 
ATOM   717  C CG   . GLU B 2 5  ? 6.223   11.777  4.246   1.00 69.31  ? 629 GLU B CG   1 
ATOM   718  C CD   . GLU B 2 5  ? 6.315   13.236  4.663   1.00 96.23  ? 629 GLU B CD   1 
ATOM   719  O OE1  . GLU B 2 5  ? 5.760   14.103  3.945   1.00 90.29  ? 629 GLU B OE1  1 
ATOM   720  O OE2  . GLU B 2 5  ? 6.941   13.517  5.710   1.00 100.85 ? 629 GLU B OE2  1 
ATOM   721  H H    . GLU B 2 5  ? 5.661   9.022   7.029   1.00 64.43  ? 629 GLU B H    1 
ATOM   722  H HA   . GLU B 2 5  ? 4.885   9.550   4.518   1.00 65.42  ? 629 GLU B HA   1 
ATOM   723  H HB2  . GLU B 2 5  ? 5.653   11.230  6.124   1.00 75.53  ? 629 GLU B HB2  1 
ATOM   724  H HB3  . GLU B 2 5  ? 7.119   10.743  5.756   1.00 75.53  ? 629 GLU B HB3  1 
ATOM   725  H HG2  . GLU B 2 5  ? 6.993   11.574  3.691   1.00 83.17  ? 629 GLU B HG2  1 
ATOM   726  H HG3  . GLU B 2 5  ? 5.406   11.660  3.738   1.00 83.17  ? 629 GLU B HG3  1 
ATOM   727  N N    . GLU B 2 6  ? 7.648   8.056   5.125   1.00 44.75  ? 630 GLU B N    1 
ATOM   728  C CA   . GLU B 2 6  ? 8.644   7.125   4.587   1.00 50.47  ? 630 GLU B CA   1 
ATOM   729  C C    . GLU B 2 6  ? 7.996   5.830   4.122   1.00 51.40  ? 630 GLU B C    1 
ATOM   730  O O    . GLU B 2 6  ? 8.457   5.220   3.154   1.00 51.88  ? 630 GLU B O    1 
ATOM   731  C CB   . GLU B 2 6  ? 9.686   6.752   5.644   1.00 46.85  ? 630 GLU B CB   1 
ATOM   732  C CG   . GLU B 2 6  ? 10.578  7.876   6.118   1.00 72.15  ? 630 GLU B CG   1 
ATOM   733  C CD   . GLU B 2 6  ? 11.239  7.572   7.461   1.00 71.33  ? 630 GLU B CD   1 
ATOM   734  O OE1  . GLU B 2 6  ? 11.540  6.388   7.754   1.00 66.61  ? 630 GLU B OE1  1 
ATOM   735  O OE2  . GLU B 2 6  ? 11.446  8.534   8.226   1.00 76.97  ? 630 GLU B OE2  1 
ATOM   736  H H    . GLU B 2 6  ? 7.729   8.191   5.970   1.00 53.70  ? 630 GLU B H    1 
ATOM   737  H HA   . GLU B 2 6  ? 9.102   7.538   3.826   1.00 60.56  ? 630 GLU B HA   1 
ATOM   738  H HB2  . GLU B 2 6  ? 9.221   6.403   6.421   1.00 56.22  ? 630 GLU B HB2  1 
ATOM   739  H HB3  . GLU B 2 6  ? 10.261  6.061   5.276   1.00 56.22  ? 630 GLU B HB3  1 
ATOM   740  H HG2  . GLU B 2 6  ? 11.279  8.021   5.464   1.00 86.58  ? 630 GLU B HG2  1 
ATOM   741  H HG3  . GLU B 2 6  ? 10.046  8.681   6.220   1.00 86.58  ? 630 GLU B HG3  1 
ATOM   742  N N    . TRP B 2 7  ? 6.971   5.380   4.847   1.00 46.03  ? 631 TRP B N    1 
ATOM   743  C CA   . TRP B 2 7  ? 6.208   4.203   4.445   1.00 44.23  ? 631 TRP B CA   1 
ATOM   744  C C    . TRP B 2 7  ? 5.537   4.454   3.095   1.00 41.26  ? 631 TRP B C    1 
ATOM   745  O O    . TRP B 2 7  ? 5.692   3.666   2.167   1.00 41.91  ? 631 TRP B O    1 
ATOM   746  C CB   . TRP B 2 7  ? 5.160   3.865   5.496   1.00 35.43  ? 631 TRP B CB   1 
ATOM   747  C CG   . TRP B 2 7  ? 4.371   2.588   5.272   1.00 25.08  ? 631 TRP B CG   1 
ATOM   748  C CD1  . TRP B 2 7  ? 4.713   1.325   5.680   1.00 20.98  ? 631 TRP B CD1  1 
ATOM   749  C CD2  . TRP B 2 7  ? 3.076   2.471   4.647   1.00 22.42  ? 631 TRP B CD2  1 
ATOM   750  N NE1  . TRP B 2 7  ? 3.711   0.427   5.344   1.00 25.54  ? 631 TRP B NE1  1 
ATOM   751  C CE2  . TRP B 2 7  ? 2.701   1.105   4.716   1.00 25.56  ? 631 TRP B CE2  1 
ATOM   752  C CE3  . TRP B 2 7  ? 2.194   3.390   4.058   1.00 33.49  ? 631 TRP B CE3  1 
ATOM   753  C CZ2  . TRP B 2 7  ? 1.483   0.635   4.185   1.00 19.61  ? 631 TRP B CZ2  1 
ATOM   754  C CZ3  . TRP B 2 7  ? 0.974   2.918   3.534   1.00 28.02  ? 631 TRP B CZ3  1 
ATOM   755  C CH2  . TRP B 2 7  ? 0.647   1.547   3.589   1.00 25.38  ? 631 TRP B CH2  1 
ATOM   756  H H    . TRP B 2 7  ? 6.698   5.742   5.577   1.00 55.23  ? 631 TRP B H    1 
ATOM   757  H HA   . TRP B 2 7  ? 6.814   3.438   4.352   1.00 53.07  ? 631 TRP B HA   1 
ATOM   758  H HB2  . TRP B 2 7  ? 5.606   3.781   6.353   1.00 42.52  ? 631 TRP B HB2  1 
ATOM   759  H HB3  . TRP B 2 7  ? 4.523   4.595   5.535   1.00 42.52  ? 631 TRP B HB3  1 
ATOM   760  H HD1  . TRP B 2 7  ? 5.498   1.104   6.126   1.00 25.18  ? 631 TRP B HD1  1 
ATOM   761  H HE1  . TRP B 2 7  ? 3.728   -0.420  5.495   1.00 30.65  ? 631 TRP B HE1  1 
ATOM   762  H HE3  . TRP B 2 7  ? 2.411   4.293   4.013   1.00 40.19  ? 631 TRP B HE3  1 
ATOM   763  H HZ2  . TRP B 2 7  ? 1.259   -0.267  4.222   1.00 23.53  ? 631 TRP B HZ2  1 
ATOM   764  H HZ3  . TRP B 2 7  ? 0.387   3.514   3.128   1.00 33.62  ? 631 TRP B HZ3  1 
ATOM   765  H HH2  . TRP B 2 7  ? -0.165  1.259   3.238   1.00 30.46  ? 631 TRP B HH2  1 
ATOM   766  N N    . ASP B 2 8  ? 4.813   5.559   2.980   1.00 34.78  ? 632 ASP B N    1 
ATOM   767  C CA   . ASP B 2 8  ? 4.090   5.867   1.750   1.00 38.41  ? 632 ASP B CA   1 
ATOM   768  C C    . ASP B 2 8  ? 5.037   5.820   0.551   1.00 46.60  ? 632 ASP B C    1 
ATOM   769  O O    . ASP B 2 8  ? 4.650   5.417   -0.547  1.00 35.79  ? 632 ASP B O    1 
ATOM   770  C CB   . ASP B 2 8  ? 3.463   7.266   1.817   1.00 40.63  ? 632 ASP B CB   1 
ATOM   771  C CG   . ASP B 2 8  ? 2.053   7.265   2.367   1.00 57.08  ? 632 ASP B CG   1 
ATOM   772  O OD1  . ASP B 2 8  ? 1.266   6.358   2.022   1.00 73.92  ? 632 ASP B OD1  1 
ATOM   773  O OD2  . ASP B 2 8  ? 1.719   8.198   3.127   1.00 64.89  ? 632 ASP B OD2  1 
ATOM   774  H H    . ASP B 2 8  ? 4.720   6.148   3.600   1.00 41.73  ? 632 ASP B H    1 
ATOM   775  H HA   . ASP B 2 8  ? 3.377   5.210   1.612   1.00 46.09  ? 632 ASP B HA   1 
ATOM   776  H HB2  . ASP B 2 8  ? 4.007   7.827   2.392   1.00 48.76  ? 632 ASP B HB2  1 
ATOM   777  H HB3  . ASP B 2 8  ? 3.434   7.640   0.922   1.00 48.76  ? 632 ASP B HB3  1 
ATOM   778  N N    . LYS B 2 9  ? 6.275   6.247   0.768   1.00 39.74  ? 633 LYS B N    1 
ATOM   779  C CA   . LYS B 2 9  ? 7.192   6.410   -0.321  1.00 44.66  ? 633 LYS B CA   1 
ATOM   780  C C    . LYS B 2 9  ? 7.784   5.042   -0.687  1.00 47.01  ? 633 LYS B C    1 
ATOM   781  O O    . LYS B 2 9  ? 7.853   4.702   -1.861  1.00 43.70  ? 633 LYS B O    1 
ATOM   782  C CB   . LYS B 2 9  ? 8.263   7.472   0.009   1.00 47.34  ? 633 LYS B CB   1 
ATOM   783  C CG   . LYS B 2 9  ? 9.116   7.873   -1.208  1.00 77.23  ? 633 LYS B CG   1 
ATOM   784  C CD   . LYS B 2 9  ? 8.266   7.930   -2.490  1.00 87.04  ? 633 LYS B CD   1 
ATOM   785  C CE   . LYS B 2 9  ? 9.002   8.535   -3.668  1.00 81.21  ? 633 LYS B CE   1 
ATOM   786  N NZ   . LYS B 2 9  ? 8.062   8.780   -4.793  1.00 84.42  ? 633 LYS B NZ   1 
ATOM   787  H H    . LYS B 2 9  ? 6.598   6.446   1.540   1.00 47.68  ? 633 LYS B H    1 
ATOM   788  H HA   . LYS B 2 9  ? 6.692   6.731   -1.101  1.00 53.59  ? 633 LYS B HA   1 
ATOM   789  H HB2  . LYS B 2 9  ? 7.824   8.270   0.341   1.00 56.81  ? 633 LYS B HB2  1 
ATOM   790  H HB3  . LYS B 2 9  ? 8.859   7.116   0.687   1.00 56.81  ? 633 LYS B HB3  1 
ATOM   791  H HG2  . LYS B 2 9  ? 9.498   8.752   -1.056  1.00 92.67  ? 633 LYS B HG2  1 
ATOM   792  H HG3  . LYS B 2 9  ? 9.820   7.218   -1.337  1.00 92.67  ? 633 LYS B HG3  1 
ATOM   793  H HD2  . LYS B 2 9  ? 8.004   7.028   -2.733  1.00 104.45 ? 633 LYS B HD2  1 
ATOM   794  H HD3  . LYS B 2 9  ? 7.478   8.469   -2.321  1.00 104.45 ? 633 LYS B HD3  1 
ATOM   795  H HE2  . LYS B 2 9  ? 9.394   9.381   -3.404  1.00 97.45  ? 633 LYS B HE2  1 
ATOM   796  H HE3  . LYS B 2 9  ? 9.690   7.921   -3.970  1.00 97.45  ? 633 LYS B HE3  1 
ATOM   797  H HZ1  . LYS B 2 9  ? 8.499   9.136   -5.482  1.00 101.31 ? 633 LYS B HZ1  1 
ATOM   798  H HZ2  . LYS B 2 9  ? 7.689   8.015   -5.050  1.00 101.31 ? 633 LYS B HZ2  1 
ATOM   799  H HZ3  . LYS B 2 9  ? 7.422   9.342   -4.536  1.00 101.31 ? 633 LYS B HZ3  1 
ATOM   800  N N    . LYS B 2 10 ? 8.176   4.259   0.318   1.00 43.20  ? 634 LYS B N    1 
ATOM   801  C CA   . LYS B 2 10 ? 8.685   2.917   0.091   1.00 38.89  ? 634 LYS B CA   1 
ATOM   802  C C    . LYS B 2 10 ? 7.640   2.064   -0.655  1.00 40.59  ? 634 LYS B C    1 
ATOM   803  O O    . LYS B 2 10 ? 7.972   1.343   -1.600  1.00 43.33  ? 634 LYS B O    1 
ATOM   804  C CB   . LYS B 2 10 ? 9.099   2.250   1.408   1.00 43.62  ? 634 LYS B CB   1 
ATOM   805  C CG   . LYS B 2 10 ? 10.483  2.653   1.939   1.00 40.05  ? 634 LYS B CG   1 
ATOM   806  C CD   . LYS B 2 10 ? 11.585  2.480   0.863   1.00 52.12  ? 634 LYS B CD   1 
ATOM   807  C CE   . LYS B 2 10 ? 12.926  2.032   1.460   1.00 61.99  ? 634 LYS B CE   1 
ATOM   808  N NZ   . LYS B 2 10 ? 13.945  1.727   0.409   1.00 60.39  ? 634 LYS B NZ   1 
ATOM   809  H H    . LYS B 2 10 ? 8.155   4.489   1.147   1.00 51.84  ? 634 LYS B H    1 
ATOM   810  H HA   . LYS B 2 10 ? 9.482   2.976   -0.477  1.00 46.67  ? 634 LYS B HA   1 
ATOM   811  H HB2  . LYS B 2 10 ? 8.447   2.481   2.088   1.00 52.34  ? 634 LYS B HB2  1 
ATOM   812  H HB3  . LYS B 2 10 ? 9.105   1.289   1.278   1.00 52.34  ? 634 LYS B HB3  1 
ATOM   813  H HG2  . LYS B 2 10 ? 10.464  3.586   2.205   1.00 48.05  ? 634 LYS B HG2  1 
ATOM   814  H HG3  . LYS B 2 10 ? 10.709  2.093   2.698   1.00 48.05  ? 634 LYS B HG3  1 
ATOM   815  H HD2  . LYS B 2 10 ? 11.301  1.807   0.224   1.00 62.54  ? 634 LYS B HD2  1 
ATOM   816  H HD3  . LYS B 2 10 ? 11.724  3.328   0.413   1.00 62.54  ? 634 LYS B HD3  1 
ATOM   817  H HE2  . LYS B 2 10 ? 13.276  2.742   2.022   1.00 74.39  ? 634 LYS B HE2  1 
ATOM   818  H HE3  . LYS B 2 10 ? 12.787  1.229   1.986   1.00 74.39  ? 634 LYS B HE3  1 
ATOM   819  H HZ1  . LYS B 2 10 ? 14.708  1.472   0.789   1.00 72.47  ? 634 LYS B HZ1  1 
ATOM   820  H HZ2  . LYS B 2 10 ? 13.652  1.073   -0.119  1.00 72.47  ? 634 LYS B HZ2  1 
ATOM   821  H HZ3  . LYS B 2 10 ? 14.098  2.451   -0.086  1.00 72.47  ? 634 LYS B HZ3  1 
ATOM   822  N N    . ILE B 2 11 ? 6.385   2.166   -0.241  1.00 36.80  ? 635 ILE B N    1 
ATOM   823  C CA   . ILE B 2 11 ? 5.291   1.511   -0.944  1.00 38.64  ? 635 ILE B CA   1 
ATOM   824  C C    . ILE B 2 11 ? 5.274   1.852   -2.429  1.00 44.01  ? 635 ILE B C    1 
ATOM   825  O O    . ILE B 2 11 ? 5.066   0.976   -3.278  1.00 43.51  ? 635 ILE B O    1 
ATOM   826  C CB   . ILE B 2 11 ? 3.926   1.934   -0.366  1.00 36.46  ? 635 ILE B CB   1 
ATOM   827  C CG1  . ILE B 2 11 ? 3.736   1.368   1.050   1.00 31.72  ? 635 ILE B CG1  1 
ATOM   828  C CG2  . ILE B 2 11 ? 2.796   1.518   -1.288  1.00 27.63  ? 635 ILE B CG2  1 
ATOM   829  C CD1  . ILE B 2 11 ? 3.618   -0.129  1.110   1.00 32.30  ? 635 ILE B CD1  1 
ATOM   830  H H    . ILE B 2 11 ? 6.137   2.614   0.450   1.00 44.17  ? 635 ILE B H    1 
ATOM   831  H HA   . ILE B 2 11 ? 5.380   0.539   -0.849  1.00 46.36  ? 635 ILE B HA   1 
ATOM   832  H HB   . ILE B 2 11 ? 3.918   2.902   -0.302  1.00 43.76  ? 635 ILE B HB   1 
ATOM   833  H HG12 . ILE B 2 11 ? 4.499   1.626   1.591   1.00 38.07  ? 635 ILE B HG12 1 
ATOM   834  H HG13 . ILE B 2 11 ? 2.925   1.743   1.427   1.00 38.07  ? 635 ILE B HG13 1 
ATOM   835  H HG21 . ILE B 2 11 ? 1.961   1.794   -0.903  1.00 33.16  ? 635 ILE B HG21 1 
ATOM   836  H HG22 . ILE B 2 11 ? 2.919   1.940   -2.141  1.00 33.16  ? 635 ILE B HG22 1 
ATOM   837  H HG23 . ILE B 2 11 ? 2.810   0.564   -1.390  1.00 33.16  ? 635 ILE B HG23 1 
ATOM   838  H HD11 . ILE B 2 11 ? 3.503   -0.397  2.025   1.00 38.76  ? 635 ILE B HD11 1 
ATOM   839  H HD12 . ILE B 2 11 ? 2.859   -0.404  0.590   1.00 38.76  ? 635 ILE B HD12 1 
ATOM   840  H HD13 . ILE B 2 11 ? 4.419   -0.520  0.753   1.00 38.76  ? 635 ILE B HD13 1 
ATOM   841  N N    . GLU B 2 12 ? 5.450   3.126   -2.749  1.00 40.90  ? 636 GLU B N    1 
ATOM   842  C CA   . GLU B 2 12 ? 5.335   3.568   -4.131  1.00 47.46  ? 636 GLU B CA   1 
ATOM   843  C C    . GLU B 2 12 ? 6.538   3.123   -4.967  1.00 41.73  ? 636 GLU B C    1 
ATOM   844  O O    . GLU B 2 12 ? 6.395   2.705   -6.103  1.00 40.63  ? 636 GLU B O    1 
ATOM   845  C CB   . GLU B 2 12 ? 5.205   5.073   -4.183  1.00 51.59  ? 636 GLU B CB   1 
ATOM   846  C CG   . GLU B 2 12 ? 4.444   5.552   -5.385  1.00 71.11  ? 636 GLU B CG   1 
ATOM   847  C CD   . GLU B 2 12 ? 4.184   7.033   -5.306  1.00 109.29 ? 636 GLU B CD   1 
ATOM   848  O OE1  . GLU B 2 12 ? 4.934   7.724   -4.571  1.00 102.00 ? 636 GLU B OE1  1 
ATOM   849  O OE2  . GLU B 2 12 ? 3.226   7.500   -5.960  1.00 118.69 ? 636 GLU B OE2  1 
ATOM   850  H H    . GLU B 2 12 ? 5.637   3.751   -2.189  1.00 49.09  ? 636 GLU B H    1 
ATOM   851  H HA   . GLU B 2 12 ? 4.528   3.176   -4.526  1.00 56.95  ? 636 GLU B HA   1 
ATOM   852  H HB2  . GLU B 2 12 ? 4.735   5.376   -3.390  1.00 61.90  ? 636 GLU B HB2  1 
ATOM   853  H HB3  . GLU B 2 12 ? 6.092   5.465   -4.214  1.00 61.90  ? 636 GLU B HB3  1 
ATOM   854  H HG2  . GLU B 2 12 ? 4.963   5.375   -6.186  1.00 85.33  ? 636 GLU B HG2  1 
ATOM   855  H HG3  . GLU B 2 12 ? 3.590   5.093   -5.428  1.00 85.33  ? 636 GLU B HG3  1 
ATOM   856  N N    . GLU B 2 13 ? 7.714   3.233   -4.371  1.00 35.90  ? 637 GLU B N    1 
ATOM   857  C CA   . GLU B 2 13 ? 8.956   2.756   -4.931  1.00 41.74  ? 637 GLU B CA   1 
ATOM   858  C C    . GLU B 2 13 ? 8.872   1.279   -5.355  1.00 44.74  ? 637 GLU B C    1 
ATOM   859  O O    . GLU B 2 13 ? 9.302   0.904   -6.450  1.00 49.69  ? 637 GLU B O    1 
ATOM   860  C CB   . GLU B 2 13 ? 10.056  2.935   -3.874  1.00 41.60  ? 637 GLU B CB   1 
ATOM   861  C CG   . GLU B 2 13 ? 11.459  2.589   -4.339  1.00 55.90  ? 637 GLU B CG   1 
ATOM   862  C CD   . GLU B 2 13 ? 12.436  2.426   -3.183  1.00 68.73  ? 637 GLU B CD   1 
ATOM   863  O OE1  . GLU B 2 13 ? 12.454  3.316   -2.298  1.00 63.46  ? 637 GLU B OE1  1 
ATOM   864  O OE2  . GLU B 2 13 ? 13.179  1.404   -3.164  1.00 65.55  ? 637 GLU B OE2  1 
ATOM   865  H H    . GLU B 2 13 ? 7.816   3.600   -3.600  1.00 43.08  ? 637 GLU B H    1 
ATOM   866  H HA   . GLU B 2 13 ? 9.189   3.293   -5.716  1.00 50.08  ? 637 GLU B HA   1 
ATOM   867  H HB2  . GLU B 2 13 ? 10.063  3.862   -3.590  1.00 49.92  ? 637 GLU B HB2  1 
ATOM   868  H HB3  . GLU B 2 13 ? 9.852   2.364   -3.117  1.00 49.92  ? 637 GLU B HB3  1 
ATOM   869  H HG2  . GLU B 2 13 ? 11.433  1.754   -4.831  1.00 67.08  ? 637 GLU B HG2  1 
ATOM   870  H HG3  . GLU B 2 13 ? 11.787  3.301   -4.911  1.00 67.08  ? 637 GLU B HG3  1 
ATOM   871  N N    . TYR B 2 14 ? 8.330   0.443   -4.483  1.00 36.46  ? 638 TYR B N    1 
ATOM   872  C CA   . TYR B 2 14 ? 8.275   -0.979  -4.737  1.00 41.07  ? 638 TYR B CA   1 
ATOM   873  C C    . TYR B 2 14 ? 7.089   -1.318  -5.621  1.00 40.95  ? 638 TYR B C    1 
ATOM   874  O O    . TYR B 2 14 ? 7.122   -2.296  -6.344  1.00 41.04  ? 638 TYR B O    1 
ATOM   875  C CB   . TYR B 2 14 ? 8.209   -1.772  -3.447  1.00 37.70  ? 638 TYR B CB   1 
ATOM   876  C CG   . TYR B 2 14 ? 9.515   -1.907  -2.714  1.00 35.93  ? 638 TYR B CG   1 
ATOM   877  C CD1  . TYR B 2 14 ? 10.507  -2.702  -3.207  1.00 37.71  ? 638 TYR B CD1  1 
ATOM   878  C CD2  . TYR B 2 14 ? 9.720   -1.292  -1.491  1.00 48.48  ? 638 TYR B CD2  1 
ATOM   879  C CE1  . TYR B 2 14 ? 11.697  -2.857  -2.552  1.00 43.76  ? 638 TYR B CE1  1 
ATOM   880  C CE2  . TYR B 2 14 ? 10.915  -1.441  -0.815  1.00 49.38  ? 638 TYR B CE2  1 
ATOM   881  C CZ   . TYR B 2 14 ? 11.902  -2.230  -1.358  1.00 53.90  ? 638 TYR B CZ   1 
ATOM   882  O OH   . TYR B 2 14 ? 13.106  -2.404  -0.716  1.00 56.17  ? 638 TYR B OH   1 
ATOM   883  H H    . TYR B 2 14 ? 7.984   0.681   -3.731  1.00 43.76  ? 638 TYR B H    1 
ATOM   884  H HA   . TYR B 2 14 ? 9.090   -1.246  -5.212  1.00 49.29  ? 638 TYR B HA   1 
ATOM   885  H HB2  . TYR B 2 14 ? 7.582   -1.336  -2.849  1.00 45.24  ? 638 TYR B HB2  1 
ATOM   886  H HB3  . TYR B 2 14 ? 7.893   -2.667  -3.652  1.00 45.24  ? 638 TYR B HB3  1 
ATOM   887  H HD1  . TYR B 2 14 ? 10.382  -3.130  -4.024  1.00 45.26  ? 638 TYR B HD1  1 
ATOM   888  H HD2  . TYR B 2 14 ? 9.053   -0.755  -1.130  1.00 58.18  ? 638 TYR B HD2  1 
ATOM   889  H HE1  . TYR B 2 14 ? 12.364  -3.392  -2.918  1.00 52.52  ? 638 TYR B HE1  1 
ATOM   890  H HE2  . TYR B 2 14 ? 11.052  -1.012  -0.001  1.00 59.26  ? 638 TYR B HE2  1 
ATOM   891  H HH   . TYR B 2 14 ? 12.984  -2.741  0.022   1.00 67.40  ? 638 TYR B HH   1 
ATOM   892  N N    . THR B 2 15 ? 6.040   -0.514  -5.579  1.00 38.74  ? 639 THR B N    1 
ATOM   893  C CA   . THR B 2 15 ? 4.938   -0.741  -6.492  1.00 40.10  ? 639 THR B CA   1 
ATOM   894  C C    . THR B 2 15 ? 5.435   -0.489  -7.929  1.00 47.04  ? 639 THR B C    1 
ATOM   895  O O    . THR B 2 15 ? 5.068   -1.208  -8.855  1.00 46.87  ? 639 THR B O    1 
ATOM   896  C CB   . THR B 2 15 ? 3.723   0.148   -6.150  1.00 36.31  ? 639 THR B CB   1 
ATOM   897  O OG1  . THR B 2 15 ? 3.232   -0.198  -4.854  1.00 46.12  ? 639 THR B OG1  1 
ATOM   898  C CG2  . THR B 2 15 ? 2.587   -0.029  -7.154  1.00 38.24  ? 639 THR B CG2  1 
ATOM   899  H H    . THR B 2 15 ? 5.944   0.154   -5.045  1.00 46.49  ? 639 THR B H    1 
ATOM   900  H HA   . THR B 2 15 ? 4.657   -1.677  -6.427  1.00 48.13  ? 639 THR B HA   1 
ATOM   901  H HB   . THR B 2 15 ? 3.994   1.079   -6.154  1.00 43.58  ? 639 THR B HB   1 
ATOM   902  H HG1  . THR B 2 15 ? 3.819   -0.083  -4.292  1.00 55.34  ? 639 THR B HG1  1 
ATOM   903  H HG21 . THR B 2 15 ? 1.848   0.537   -6.915  1.00 45.89  ? 639 THR B HG21 1 
ATOM   904  H HG22 . THR B 2 15 ? 2.888   0.208   -8.034  1.00 45.89  ? 639 THR B HG22 1 
ATOM   905  H HG23 . THR B 2 15 ? 2.293   -0.942  -7.159  1.00 45.89  ? 639 THR B HG23 1 
ATOM   906  N N    . LYS B 2 16 ? 6.281   0.522   -8.101  1.00 46.24  ? 640 LYS B N    1 
ATOM   907  C CA   . LYS B 2 16 ? 6.800   0.898   -9.419  1.00 47.93  ? 640 LYS B CA   1 
ATOM   908  C C    . LYS B 2 16 ? 7.742   -0.188  -9.953  1.00 44.30  ? 640 LYS B C    1 
ATOM   909  O O    . LYS B 2 16 ? 7.616   -0.619  -11.086 1.00 43.81  ? 640 LYS B O    1 
ATOM   910  C CB   . LYS B 2 16 ? 7.536   2.244   -9.325  1.00 65.89  ? 640 LYS B CB   1 
ATOM   911  C CG   . LYS B 2 16 ? 8.078   2.796   -10.650 1.00 77.97  ? 640 LYS B CG   1 
ATOM   912  C CD   . LYS B 2 16 ? 8.615   4.231   -10.485 1.00 86.22  ? 640 LYS B CD   1 
ATOM   913  C CE   . LYS B 2 16 ? 9.049   4.842   -11.817 1.00 88.31  ? 640 LYS B CE   1 
ATOM   914  N NZ   . LYS B 2 16 ? 10.352  4.299   -12.289 1.00 71.85  ? 640 LYS B NZ   1 
ATOM   915  H H    . LYS B 2 16 ? 6.578   1.015   -7.461  1.00 55.49  ? 640 LYS B H    1 
ATOM   916  H HA   . LYS B 2 16 ? 6.053   0.997   -10.048 1.00 57.51  ? 640 LYS B HA   1 
ATOM   917  H HB2  . LYS B 2 16 ? 6.923   2.904   -8.965  1.00 79.07  ? 640 LYS B HB2  1 
ATOM   918  H HB3  . LYS B 2 16 ? 8.289   2.140   -8.724  1.00 79.07  ? 640 LYS B HB3  1 
ATOM   919  H HG2  . LYS B 2 16 ? 8.804   2.233   -10.958 1.00 93.56  ? 640 LYS B HG2  1 
ATOM   920  H HG3  . LYS B 2 16 ? 7.364   2.812   -11.306 1.00 93.56  ? 640 LYS B HG3  1 
ATOM   921  H HD2  . LYS B 2 16 ? 7.917   4.791   -10.109 1.00 103.46 ? 640 LYS B HD2  1 
ATOM   922  H HD3  . LYS B 2 16 ? 9.384   4.216   -9.894  1.00 103.46 ? 640 LYS B HD3  1 
ATOM   923  H HE2  . LYS B 2 16 ? 8.379   4.646   -12.490 1.00 105.97 ? 640 LYS B HE2  1 
ATOM   924  H HE3  . LYS B 2 16 ? 9.143   5.802   -11.711 1.00 105.97 ? 640 LYS B HE3  1 
ATOM   925  H HZ1  . LYS B 2 16 ? 10.575  4.675   -13.065 1.00 86.22  ? 640 LYS B HZ1  1 
ATOM   926  H HZ2  . LYS B 2 16 ? 10.988  4.472   -11.690 1.00 86.22  ? 640 LYS B HZ2  1 
ATOM   927  H HZ3  . LYS B 2 16 ? 10.291  3.419   -12.402 1.00 86.22  ? 640 LYS B HZ3  1 
ATOM   928  N N    . LYS B 2 17 ? 8.675   -0.617  -9.110  1.00 44.13  ? 641 LYS B N    1 
ATOM   929  C CA   . LYS B 2 17 ? 9.582   -1.699  -9.439  1.00 45.04  ? 641 LYS B CA   1 
ATOM   930  C C    . LYS B 2 17 ? 8.803   -2.931  -9.892  1.00 50.82  ? 641 LYS B C    1 
ATOM   931  O O    . LYS B 2 17 ? 9.073   -3.472  -10.963 1.00 50.02  ? 641 LYS B O    1 
ATOM   932  C CB   . LYS B 2 17 ? 10.447  -2.058  -8.232  1.00 46.34  ? 641 LYS B CB   1 
ATOM   933  C CG   . LYS B 2 17 ? 11.609  -1.110  -7.984  1.00 60.85  ? 641 LYS B CG   1 
ATOM   934  C CD   . LYS B 2 17 ? 12.439  -1.520  -6.749  1.00 71.66  ? 641 LYS B CD   1 
ATOM   935  C CE   . LYS B 2 17 ? 12.931  -2.982  -6.833  1.00 76.75  ? 641 LYS B CE   1 
ATOM   936  N NZ   . LYS B 2 17 ? 14.007  -3.305  -5.831  1.00 60.75  ? 641 LYS B NZ   1 
ATOM   937  H H    . LYS B 2 17 ? 8.801   -0.289  -8.326  1.00 52.95  ? 641 LYS B H    1 
ATOM   938  H HA   . LYS B 2 17 ? 10.172  -1.419  -10.170 1.00 54.05  ? 641 LYS B HA   1 
ATOM   939  H HB2  . LYS B 2 17 ? 9.890   -2.055  -7.439  1.00 55.61  ? 641 LYS B HB2  1 
ATOM   940  H HB3  . LYS B 2 17 ? 10.816  -2.945  -8.369  1.00 55.61  ? 641 LYS B HB3  1 
ATOM   941  H HG2  . LYS B 2 17 ? 12.195  -1.115  -8.757  1.00 73.02  ? 641 LYS B HG2  1 
ATOM   942  H HG3  . LYS B 2 17 ? 11.264  -0.216  -7.832  1.00 73.02  ? 641 LYS B HG3  1 
ATOM   943  H HD2  . LYS B 2 17 ? 13.217  -0.944  -6.684  1.00 85.99  ? 641 LYS B HD2  1 
ATOM   944  H HD3  . LYS B 2 17 ? 11.890  -1.432  -5.954  1.00 85.99  ? 641 LYS B HD3  1 
ATOM   945  H HE2  . LYS B 2 17 ? 12.182  -3.576  -6.667  1.00 92.10  ? 641 LYS B HE2  1 
ATOM   946  H HE3  . LYS B 2 17 ? 13.290  -3.142  -7.718  1.00 92.10  ? 641 LYS B HE3  1 
ATOM   947  H HZ1  . LYS B 2 17 ? 14.257  -4.155  -5.917  1.00 72.90  ? 641 LYS B HZ1  1 
ATOM   948  H HZ2  . LYS B 2 17 ? 14.713  -2.781  -5.964  1.00 72.90  ? 641 LYS B HZ2  1 
ATOM   949  H HZ3  . LYS B 2 17 ? 13.702  -3.176  -5.005  1.00 72.90  ? 641 LYS B HZ3  1 
ATOM   950  N N    . ILE B 2 18 ? 7.827   -3.359  -9.090  1.00 41.62  ? 642 ILE B N    1 
ATOM   951  C CA   . ILE B 2 18 ? 7.032   -4.533  -9.422  1.00 44.36  ? 642 ILE B CA   1 
ATOM   952  C C    . ILE B 2 18 ? 6.355   -4.362  -10.770 1.00 41.66  ? 642 ILE B C    1 
ATOM   953  O O    . ILE B 2 18 ? 6.290   -5.299  -11.544 1.00 39.67  ? 642 ILE B O    1 
ATOM   954  C CB   . ILE B 2 18 ? 5.955   -4.835  -8.351  1.00 38.86  ? 642 ILE B CB   1 
ATOM   955  C CG1  . ILE B 2 18 ? 6.621   -5.253  -7.050  1.00 42.55  ? 642 ILE B CG1  1 
ATOM   956  C CG2  . ILE B 2 18 ? 5.016   -5.978  -8.797  1.00 40.37  ? 642 ILE B CG2  1 
ATOM   957  C CD1  . ILE B 2 18 ? 5.722   -5.144  -5.862  1.00 44.44  ? 642 ILE B CD1  1 
ATOM   958  H H    . ILE B 2 18 ? 7.608   -2.984  -8.349  1.00 49.94  ? 642 ILE B H    1 
ATOM   959  H HA   . ILE B 2 18 ? 7.625   -5.311  -9.479  1.00 53.23  ? 642 ILE B HA   1 
ATOM   960  H HB   . ILE B 2 18 ? 5.429   -4.034  -8.195  1.00 46.63  ? 642 ILE B HB   1 
ATOM   961  H HG12 . ILE B 2 18 ? 6.902   -6.178  -7.126  1.00 51.06  ? 642 ILE B HG12 1 
ATOM   962  H HG13 . ILE B 2 18 ? 7.391   -4.685  -6.894  1.00 51.06  ? 642 ILE B HG13 1 
ATOM   963  H HG21 . ILE B 2 18 ? 4.365   -6.135  -8.110  1.00 48.45  ? 642 ILE B HG21 1 
ATOM   964  H HG22 . ILE B 2 18 ? 4.577   -5.721  -9.613  1.00 48.45  ? 642 ILE B HG22 1 
ATOM   965  H HG23 . ILE B 2 18 ? 5.537   -6.771  -8.943  1.00 48.45  ? 642 ILE B HG23 1 
ATOM   966  H HD11 . ILE B 2 18 ? 6.203   -5.421  -5.079  1.00 53.33  ? 642 ILE B HD11 1 
ATOM   967  H HD12 . ILE B 2 18 ? 5.442   -4.230  -5.766  1.00 53.33  ? 642 ILE B HD12 1 
ATOM   968  H HD13 . ILE B 2 18 ? 4.958   -5.708  -5.995  1.00 53.33  ? 642 ILE B HD13 1 
ATOM   969  N N    . GLU B 2 19 ? 5.839   -3.177  -11.061 1.00 40.75  ? 643 GLU B N    1 
ATOM   970  C CA   . GLU B 2 19 ? 5.091   -3.013  -12.292 1.00 50.95  ? 643 GLU B CA   1 
ATOM   971  C C    . GLU B 2 19 ? 6.004   -3.108  -13.524 1.00 47.13  ? 643 GLU B C    1 
ATOM   972  O O    . GLU B 2 19 ? 5.553   -3.493  -14.595 1.00 47.91  ? 643 GLU B O    1 
ATOM   973  C CB   . GLU B 2 19 ? 4.277   -1.713  -12.262 1.00 39.70  ? 643 GLU B CB   1 
ATOM   974  C CG   . GLU B 2 19 ? 3.021   -1.846  -11.405 1.00 65.17  ? 643 GLU B CG   1 
ATOM   975  C CD   . GLU B 2 19 ? 2.276   -0.535  -11.206 1.00 76.09  ? 643 GLU B CD   1 
ATOM   976  O OE1  . GLU B 2 19 ? 2.835   0.539   -11.538 1.00 59.27  ? 643 GLU B OE1  1 
ATOM   977  O OE2  . GLU B 2 19 ? 1.130   -0.587  -10.703 1.00 74.47  ? 643 GLU B OE2  1 
ATOM   978  H H    . GLU B 2 19 ? 5.906   -2.471  -10.575 1.00 48.90  ? 643 GLU B H    1 
ATOM   979  H HA   . GLU B 2 19 ? 4.449   -3.750  -12.356 1.00 61.14  ? 643 GLU B HA   1 
ATOM   980  H HB2  . GLU B 2 19 ? 4.823   -1.004  -11.888 1.00 47.64  ? 643 GLU B HB2  1 
ATOM   981  H HB3  . GLU B 2 19 ? 4.005   -1.486  -13.164 1.00 47.64  ? 643 GLU B HB3  1 
ATOM   982  H HG2  . GLU B 2 19 ? 2.414   -2.469  -11.835 1.00 78.21  ? 643 GLU B HG2  1 
ATOM   983  H HG3  . GLU B 2 19 ? 3.272   -2.182  -10.531 1.00 78.21  ? 643 GLU B HG3  1 
ATOM   984  N N    . GLU B 2 20 ? 7.282   -2.781  -13.357 1.00 38.54  ? 644 GLU B N    1 
ATOM   985  C CA   . GLU B 2 20 ? 8.246   -2.854  -14.450 1.00 50.98  ? 644 GLU B CA   1 
ATOM   986  C C    . GLU B 2 20 ? 8.761   -4.270  -14.610 1.00 51.25  ? 644 GLU B C    1 
ATOM   987  O O    . GLU B 2 20 ? 9.043   -4.709  -15.718 1.00 52.43  ? 644 GLU B O    1 
ATOM   988  C CB   . GLU B 2 20 ? 9.407   -1.889  -14.223 1.00 45.67  ? 644 GLU B CB   1 
ATOM   989  C CG   . GLU B 2 20 ? 8.948   -0.445  -14.282 1.00 72.76  ? 644 GLU B CG   1 
ATOM   990  C CD   . GLU B 2 20 ? 9.906   0.516   -13.597 1.00 92.54  ? 644 GLU B CD   1 
ATOM   991  O OE1  . GLU B 2 20 ? 10.944  0.053   -13.064 1.00 89.18  ? 644 GLU B OE1  1 
ATOM   992  O OE2  . GLU B 2 20 ? 9.613   1.736   -13.589 1.00 85.32  ? 644 GLU B OE2  1 
ATOM   993  H H    . GLU B 2 20 ? 7.619   -2.511  -12.612 1.00 46.25  ? 644 GLU B H    1 
ATOM   994  H HA   . GLU B 2 20 ? 7.800   -2.598  -15.285 1.00 61.18  ? 644 GLU B HA   1 
ATOM   995  H HB2  . GLU B 2 20 ? 9.791   -2.050  -13.347 1.00 54.80  ? 644 GLU B HB2  1 
ATOM   996  H HB3  . GLU B 2 20 ? 10.076  -2.023  -14.912 1.00 54.80  ? 644 GLU B HB3  1 
ATOM   997  H HG2  . GLU B 2 20 ? 8.869   -0.177  -15.211 1.00 87.31  ? 644 GLU B HG2  1 
ATOM   998  H HG3  . GLU B 2 20 ? 8.086   -0.372  -13.843 1.00 87.31  ? 644 GLU B HG3  1 
ATOM   999  N N    . LEU B 2 21 ? 8.865   -4.988  -13.500 1.00 48.32  ? 645 LEU B N    1 
ATOM   1000 C CA   . LEU B 2 21 ? 9.233   -6.386  -13.544 1.00 39.51  ? 645 LEU B CA   1 
ATOM   1001 C C    . LEU B 2 21 ? 8.106   -7.194  -14.170 1.00 36.74  ? 645 LEU B C    1 
ATOM   1002 O O    . LEU B 2 21 ? 8.364   -8.183  -14.843 1.00 52.98  ? 645 LEU B O    1 
ATOM   1003 C CB   . LEU B 2 21 ? 9.567   -6.915  -12.149 1.00 41.01  ? 645 LEU B CB   1 
ATOM   1004 C CG   . LEU B 2 21 ? 11.018  -6.828  -11.655 1.00 46.37  ? 645 LEU B CG   1 
ATOM   1005 C CD1  . LEU B 2 21 ? 11.963  -6.373  -12.735 1.00 37.79  ? 645 LEU B CD1  1 
ATOM   1006 C CD2  . LEU B 2 21 ? 11.139  -5.936  -10.456 1.00 40.16  ? 645 LEU B CD2  1 
ATOM   1007 H H    . LEU B 2 21 ? 8.725   -4.684  -12.708 1.00 57.99  ? 645 LEU B H    1 
ATOM   1008 H HA   . LEU B 2 21 ? 10.029  -6.490  -14.106 1.00 47.41  ? 645 LEU B HA   1 
ATOM   1009 H HB2  . LEU B 2 21 ? 9.025   -6.427  -11.511 1.00 49.21  ? 645 LEU B HB2  1 
ATOM   1010 H HB3  . LEU B 2 21 ? 9.319   -7.852  -12.122 1.00 49.21  ? 645 LEU B HB3  1 
ATOM   1011 H HG   . LEU B 2 21 ? 11.299  -7.716  -11.383 1.00 55.64  ? 645 LEU B HG   1 
ATOM   1012 H HD11 . LEU B 2 21 ? 12.852  -6.335  -12.376 1.00 45.35  ? 645 LEU B HD11 1 
ATOM   1013 H HD12 . LEU B 2 21 ? 11.929  -6.998  -13.462 1.00 45.35  ? 645 LEU B HD12 1 
ATOM   1014 H HD13 . LEU B 2 21 ? 11.694  -5.502  -13.038 1.00 45.35  ? 645 LEU B HD13 1 
ATOM   1015 H HD21 . LEU B 2 21 ? 12.058  -5.908  -10.179 1.00 48.20  ? 645 LEU B HD21 1 
ATOM   1016 H HD22 . LEU B 2 21 ? 10.841  -5.054  -10.692 1.00 48.20  ? 645 LEU B HD22 1 
ATOM   1017 H HD23 . LEU B 2 21 ? 10.594  -6.288  -9.748  1.00 48.20  ? 645 LEU B HD23 1 
ATOM   1018 N N    . ILE B 2 22 ? 6.861   -6.767  -13.991 1.00 44.15  ? 646 ILE B N    1 
ATOM   1019 C CA   . ILE B 2 22 ? 5.740   -7.478  -14.606 1.00 42.78  ? 646 ILE B CA   1 
ATOM   1020 C C    . ILE B 2 22 ? 5.708   -7.288  -16.137 1.00 50.07  ? 646 ILE B C    1 
ATOM   1021 O O    . ILE B 2 22 ? 5.333   -8.203  -16.878 1.00 48.97  ? 646 ILE B O    1 
ATOM   1022 C CB   . ILE B 2 22 ? 4.380   -7.061  -14.009 1.00 45.27  ? 646 ILE B CB   1 
ATOM   1023 C CG1  . ILE B 2 22 ? 4.010   -7.910  -12.790 1.00 50.22  ? 646 ILE B CG1  1 
ATOM   1024 C CG2  . ILE B 2 22 ? 3.270   -7.262  -15.034 1.00 41.94  ? 646 ILE B CG2  1 
ATOM   1025 C CD1  . ILE B 2 22 ? 5.129   -8.150  -11.821 1.00 59.22  ? 646 ILE B CD1  1 
ATOM   1026 H H    . ILE B 2 22 ? 6.639   -6.079  -13.525 1.00 52.98  ? 646 ILE B H    1 
ATOM   1027 H HA   . ILE B 2 22 ? 5.853   -8.436  -14.433 1.00 51.34  ? 646 ILE B HA   1 
ATOM   1028 H HB   . ILE B 2 22 ? 4.414   -6.127  -13.752 1.00 54.32  ? 646 ILE B HB   1 
ATOM   1029 H HG12 . ILE B 2 22 ? 3.296   -7.463  -12.308 1.00 60.26  ? 646 ILE B HG12 1 
ATOM   1030 H HG13 . ILE B 2 22 ? 3.700   -8.776  -13.099 1.00 60.26  ? 646 ILE B HG13 1 
ATOM   1031 H HG21 . ILE B 2 22 ? 2.433   -6.997  -14.643 1.00 50.33  ? 646 ILE B HG21 1 
ATOM   1032 H HG22 . ILE B 2 22 ? 3.457   -6.724  -15.806 1.00 50.33  ? 646 ILE B HG22 1 
ATOM   1033 H HG23 . ILE B 2 22 ? 3.237   -8.189  -15.281 1.00 50.33  ? 646 ILE B HG23 1 
ATOM   1034 H HD11 . ILE B 2 22 ? 4.804   -8.688  -11.095 1.00 71.07  ? 646 ILE B HD11 1 
ATOM   1035 H HD12 . ILE B 2 22 ? 5.841   -8.608  -12.274 1.00 71.07  ? 646 ILE B HD12 1 
ATOM   1036 H HD13 . ILE B 2 22 ? 5.440   -7.306  -11.489 1.00 71.07  ? 646 ILE B HD13 1 
ATOM   1037 N N    . LYS B 2 23 ? 6.085   -6.103  -16.613 1.00 48.80  ? 647 LYS B N    1 
ATOM   1038 C CA   . LYS B 2 23 ? 6.130   -5.859  -18.057 1.00 55.34  ? 647 LYS B CA   1 
ATOM   1039 C C    . LYS B 2 23 ? 7.337   -6.582  -18.674 1.00 57.25  ? 647 LYS B C    1 
ATOM   1040 O O    . LYS B 2 23 ? 7.199   -7.269  -19.696 1.00 64.99  ? 647 LYS B O    1 
ATOM   1041 C CB   . LYS B 2 23 ? 6.155   -4.352  -18.392 1.00 54.55  ? 647 LYS B CB   1 
ATOM   1042 C CG   . LYS B 2 23 ? 4.994   -3.540  -17.787 1.00 76.54  ? 647 LYS B CG   1 
ATOM   1043 C CD   . LYS B 2 23 ? 3.600   -4.142  -18.052 1.00 95.32  ? 647 LYS B CD   1 
ATOM   1044 C CE   . LYS B 2 23 ? 2.590   -3.825  -16.912 1.00 73.97  ? 647 LYS B CE   1 
ATOM   1045 N NZ   . LYS B 2 23 ? 1.273   -4.491  -17.188 1.00 91.38  ? 647 LYS B NZ   1 
ATOM   1046 H H    . LYS B 2 23 ? 6.317   -5.431  -16.130 1.00 58.56  ? 647 LYS B H    1 
ATOM   1047 H HA   . LYS B 2 23 ? 5.322   -6.237  -18.462 1.00 66.41  ? 647 LYS B HA   1 
ATOM   1048 H HB2  . LYS B 2 23 ? 6.983   -3.975  -18.056 1.00 65.46  ? 647 LYS B HB2  1 
ATOM   1049 H HB3  . LYS B 2 23 ? 6.116   -4.248  -19.355 1.00 65.46  ? 647 LYS B HB3  1 
ATOM   1050 H HG2  . LYS B 2 23 ? 5.116   -3.490  -16.826 1.00 91.85  ? 647 LYS B HG2  1 
ATOM   1051 H HG3  . LYS B 2 23 ? 5.007   -2.647  -18.167 1.00 91.85  ? 647 LYS B HG3  1 
ATOM   1052 H HD2  . LYS B 2 23 ? 3.248   -3.773  -18.878 1.00 114.39 ? 647 LYS B HD2  1 
ATOM   1053 H HD3  . LYS B 2 23 ? 3.680   -5.106  -18.125 1.00 114.39 ? 647 LYS B HD3  1 
ATOM   1054 H HE2  . LYS B 2 23 ? 2.936   -4.162  -16.070 1.00 88.76  ? 647 LYS B HE2  1 
ATOM   1055 H HE3  . LYS B 2 23 ? 2.446   -2.867  -16.863 1.00 88.76  ? 647 LYS B HE3  1 
ATOM   1056 H HZ1  . LYS B 2 23 ? 0.698   -4.309  -16.534 1.00 109.66 ? 647 LYS B HZ1  1 
ATOM   1057 H HZ2  . LYS B 2 23 ? 0.940   -4.198  -17.959 1.00 109.66 ? 647 LYS B HZ2  1 
ATOM   1058 H HZ3  . LYS B 2 23 ? 1.384   -5.374  -17.238 1.00 109.66 ? 647 LYS B HZ3  1 
ATOM   1059 N N    . LYS B 2 24 ? 8.503   -6.449  -18.039 1.00 50.41  ? 648 LYS B N    1 
ATOM   1060 C CA   . LYS B 2 24 ? 9.710   -7.116  -18.510 1.00 49.57  ? 648 LYS B CA   1 
ATOM   1061 C C    . LYS B 2 24 ? 9.443   -8.605  -18.714 1.00 57.18  ? 648 LYS B C    1 
ATOM   1062 O O    . LYS B 2 24 ? 9.576   -9.104  -19.822 1.00 60.95  ? 648 LYS B O    1 
ATOM   1063 C CB   . LYS B 2 24 ? 10.888  -6.885  -17.562 1.00 49.26  ? 648 LYS B CB   1 
ATOM   1064 C CG   . LYS B 2 24 ? 11.652  -5.611  -17.860 1.00 53.28  ? 648 LYS B CG   1 
ATOM   1065 C CD   . LYS B 2 24 ? 12.942  -5.525  -17.073 1.00 66.22  ? 648 LYS B CD   1 
ATOM   1066 C CE   . LYS B 2 24 ? 13.595  -4.150  -17.232 1.00 73.06  ? 648 LYS B CE   1 
ATOM   1067 N NZ   . LYS B 2 24 ? 14.640  -3.907  -16.186 1.00 90.04  ? 648 LYS B NZ   1 
ATOM   1068 H H    . LYS B 2 24 ? 8.619   -5.976  -17.329 1.00 60.49  ? 648 LYS B H    1 
ATOM   1069 H HA   . LYS B 2 24 ? 9.954   -6.738  -19.381 1.00 59.48  ? 648 LYS B HA   1 
ATOM   1070 H HB2  . LYS B 2 24 ? 10.554  -6.828  -16.653 1.00 59.12  ? 648 LYS B HB2  1 
ATOM   1071 H HB3  . LYS B 2 24 ? 11.505  -7.630  -17.641 1.00 59.12  ? 648 LYS B HB3  1 
ATOM   1072 H HG2  . LYS B 2 24 ? 11.872  -5.584  -18.804 1.00 63.93  ? 648 LYS B HG2  1 
ATOM   1073 H HG3  . LYS B 2 24 ? 11.102  -4.848  -17.624 1.00 63.93  ? 648 LYS B HG3  1 
ATOM   1074 H HD2  . LYS B 2 24 ? 12.754  -5.666  -16.131 1.00 79.47  ? 648 LYS B HD2  1 
ATOM   1075 H HD3  . LYS B 2 24 ? 13.562  -6.197  -17.398 1.00 79.47  ? 648 LYS B HD3  1 
ATOM   1076 H HE2  . LYS B 2 24 ? 14.020  -4.097  -18.102 1.00 87.67  ? 648 LYS B HE2  1 
ATOM   1077 H HE3  . LYS B 2 24 ? 12.917  -3.461  -17.149 1.00 87.67  ? 648 LYS B HE3  1 
ATOM   1078 H HZ1  . LYS B 2 24 ? 15.005  -3.103  -16.300 1.00 108.05 ? 648 LYS B HZ1  1 
ATOM   1079 H HZ2  . LYS B 2 24 ? 14.274  -3.946  -15.375 1.00 108.05 ? 648 LYS B HZ2  1 
ATOM   1080 H HZ3  . LYS B 2 24 ? 15.279  -4.524  -16.244 1.00 108.05 ? 648 LYS B HZ3  1 
ATOM   1081 N N    . SER B 2 25 ? 9.053   -9.307  -17.655 1.00 62.37  ? 649 SER B N    1 
ATOM   1082 C CA   . SER B 2 25 ? 8.492   -10.640 -17.810 1.00 58.83  ? 649 SER B CA   1 
ATOM   1083 C C    . SER B 2 25 ? 7.358   -10.529 -18.821 1.00 51.15  ? 649 SER B C    1 
ATOM   1084 O O    . SER B 2 25 ? 6.808   -11.530 -19.248 1.00 55.06  ? 649 SER B O    1 
ATOM   1085 C CB   . SER B 2 25 ? 7.945   -11.161 -16.479 1.00 52.84  ? 649 SER B CB   1 
ATOM   1086 O OG   . SER B 2 25 ? 8.920   -11.083 -15.452 1.00 52.01  ? 649 SER B OG   1 
ATOM   1087 H H    . SER B 2 25 ? 9.104   -9.033  -16.841 1.00 74.85  ? 649 SER B H    1 
ATOM   1088 H HA   . SER B 2 25 ? 9.171   -11.260 -18.149 1.00 70.60  ? 649 SER B HA   1 
ATOM   1089 H HB2  . SER B 2 25 ? 7.177   -10.625 -16.224 1.00 63.41  ? 649 SER B HB2  1 
ATOM   1090 H HB3  . SER B 2 25 ? 7.678   -12.087 -16.590 1.00 63.41  ? 649 SER B HB3  1 
ATOM   1091 H HG   . SER B 2 25 ? 9.616   -10.769 -15.750 1.00 62.41  ? 649 SER B HG   1 
HETATM 1092 S S    . SO4 C 3 .  ? -1.327  16.773  16.239  0.47 61.31  ? 601 SO4 A S    1 
HETATM 1093 O O1   . SO4 C 3 .  ? -0.888  16.187  14.962  0.47 49.39  ? 601 SO4 A O1   1 
HETATM 1094 O O2   . SO4 C 3 .  ? -0.179  16.877  17.148  0.47 56.82  ? 601 SO4 A O2   1 
HETATM 1095 O O3   . SO4 C 3 .  ? -1.921  18.103  16.054  0.47 34.93  ? 601 SO4 A O3   1 
HETATM 1096 O O4   . SO4 C 3 .  ? -2.333  15.895  16.831  0.47 52.30  ? 601 SO4 A O4   1 
HETATM 1097 O O    . HOH D 4 .  ? -0.731  -7.079  2.463   0.33 20.50  ? 701 HOH A O    1 
HETATM 1098 O O    . HOH D 4 .  ? -3.226  5.465   19.693  1.00 18.31  ? 702 HOH A O    1 
HETATM 1099 O O    . HOH D 4 .  ? -17.547 11.700  22.282  1.00 29.28  ? 703 HOH A O    1 
HETATM 1100 O O    . HOH D 4 .  ? -10.208 14.732  14.669  1.00 28.23  ? 704 HOH A O    1 
HETATM 1101 O O    . HOH D 4 .  ? -12.276 3.752   5.541   1.00 24.97  ? 705 HOH A O    1 
HETATM 1102 O O    . HOH D 4 .  ? -10.478 20.522  17.242  1.00 25.79  ? 706 HOH A O    1 
HETATM 1103 O O    . HOH D 4 .  ? -7.196  11.673  9.615   1.00 20.97  ? 707 HOH A O    1 
HETATM 1104 O O    . HOH D 4 .  ? -6.925  13.795  11.339  1.00 21.35  ? 708 HOH A O    1 
HETATM 1105 O O    . HOH D 4 .  ? -7.131  4.641   1.279   1.00 33.06  ? 709 HOH A O    1 
HETATM 1106 O O    . HOH D 4 .  ? -9.221  12.409  8.239   1.00 33.54  ? 710 HOH A O    1 
HETATM 1107 O O    . HOH D 4 .  ? -9.725  14.842  11.689  1.00 28.75  ? 711 HOH A O    1 
HETATM 1108 O O    . HOH D 4 .  ? -3.541  7.765   5.727   1.00 42.16  ? 712 HOH A O    1 
HETATM 1109 O O    . HOH D 4 .  ? -10.491 9.964   8.288   1.00 32.91  ? 713 HOH A O    1 
HETATM 1110 O O    . HOH D 4 .  ? 0.261   9.277   11.673  1.00 44.43  ? 714 HOH A O    1 
HETATM 1111 O O    . HOH D 4 .  ? -5.240  -2.619  -9.004  1.00 44.83  ? 715 HOH A O    1 
HETATM 1112 O O    . HOH D 4 .  ? -12.893 12.697  11.078  1.00 42.00  ? 716 HOH A O    1 
HETATM 1113 O O    . HOH D 4 .  ? -13.213 12.729  13.798  1.00 40.53  ? 717 HOH A O    1 
HETATM 1114 O O    . HOH D 4 .  ? -5.633  19.929  20.744  1.00 46.23  ? 718 HOH A O    1 
HETATM 1115 O O    . HOH D 4 .  ? -12.660 9.738   10.292  1.00 27.33  ? 719 HOH A O    1 
HETATM 1116 O O    . HOH D 4 .  ? -4.167  -7.992  -13.954 1.00 53.19  ? 720 HOH A O    1 
HETATM 1117 O O    . HOH D 4 .  ? -1.053  -6.311  -11.387 1.00 43.87  ? 721 HOH A O    1 
HETATM 1118 O O    . HOH D 4 .  ? -5.292  -9.655  -12.363 1.00 45.65  ? 722 HOH A O    1 
HETATM 1119 O O    . HOH D 4 .  ? -5.416  5.542   -1.244  1.00 43.40  ? 723 HOH A O    1 
HETATM 1120 O O    . HOH D 4 .  ? -10.851 14.013  10.333  1.00 36.94  ? 724 HOH A O    1 
HETATM 1121 O O    . HOH D 4 .  ? -2.478  -3.221  -8.669  1.00 48.46  ? 725 HOH A O    1 
HETATM 1122 O O    . HOH D 4 .  ? -5.743  16.181  26.169  1.00 46.90  ? 726 HOH A O    1 
HETATM 1123 O O    . HOH D 4 .  ? -8.815  8.580   4.192   1.00 36.25  ? 727 HOH A O    1 
HETATM 1124 O O    . HOH D 4 .  ? -9.764  7.402   5.983   1.00 44.03  ? 728 HOH A O    1 
HETATM 1125 O O    . HOH D 4 .  ? -14.843 9.983   13.340  1.00 40.98  ? 729 HOH A O    1 
HETATM 1126 O O    . HOH D 4 .  ? -10.486 6.053   -2.239  1.00 46.18  ? 730 HOH A O    1 
HETATM 1127 O O    . HOH D 4 .  ? -4.115  -11.989 -13.276 1.00 41.73  ? 731 HOH A O    1 
HETATM 1128 O O    . HOH D 4 .  ? -0.843  7.038   5.325   1.00 52.33  ? 732 HOH A O    1 
HETATM 1129 O O    . HOH D 4 .  ? -3.744  3.457   -1.885  1.00 35.30  ? 733 HOH A O    1 
HETATM 1130 O O    . HOH D 4 .  ? -9.819  5.433   -4.056  1.00 52.38  ? 734 HOH A O    1 
HETATM 1131 O O    . HOH D 4 .  ? -14.436 10.415  25.646  0.33 49.61  ? 735 HOH A O    1 
HETATM 1132 O O    . HOH D 4 .  ? -2.444  10.455  8.014   1.00 32.67  ? 736 HOH A O    1 
HETATM 1133 O O    . HOH D 4 .  ? 0.292   -2.189  -8.381  1.00 51.11  ? 737 HOH A O    1 
HETATM 1134 O O    . HOH D 4 .  ? -3.656  0.658   -3.168  1.00 40.02  ? 738 HOH A O    1 
HETATM 1135 O O    . HOH D 4 .  ? -7.625  22.088  20.767  1.00 43.51  ? 739 HOH A O    1 
HETATM 1136 O O    . HOH D 4 .  ? -16.297 8.960   12.049  1.00 43.85  ? 740 HOH A O    1 
HETATM 1137 O O    . HOH D 4 .  ? -12.300 20.629  17.695  1.00 42.98  ? 741 HOH A O    1 
HETATM 1138 O O    . HOH D 4 .  ? -12.832 7.507   5.925   1.00 48.43  ? 742 HOH A O    1 
HETATM 1139 O O    . HOH D 4 .  ? -14.447 10.432  16.057  1.00 40.71  ? 743 HOH A O    1 
HETATM 1140 O O    . HOH D 4 .  ? 3.928   -13.027 -5.420  0.33 39.84  ? 744 HOH A O    1 
HETATM 1141 O O    . HOH E 4 .  ? 4.597   10.955  8.498   1.00 44.85  ? 701 HOH B O    1 
HETATM 1142 O O    . HOH E 4 .  ? 3.807   9.665   10.801  1.00 46.15  ? 702 HOH B O    1 
HETATM 1143 O O    . HOH E 4 .  ? 2.344   10.997  7.550   1.00 50.62  ? 703 HOH B O    1 
# 
